data_2PRY
# 
_entry.id   2PRY 
# 
_audit_conform.dict_name       mmcif_pdbx.dic 
_audit_conform.dict_version    5.377 
_audit_conform.dict_location   http://mmcif.pdb.org/dictionaries/ascii/mmcif_pdbx.dic 
# 
loop_
_database_2.database_id 
_database_2.database_code 
_database_2.pdbx_database_accession 
_database_2.pdbx_DOI 
PDB   2PRY         pdb_00002pry 10.2210/pdb2pry/pdb 
RCSB  RCSB042716   ?            ?                   
WWPDB D_1000042716 ?            ?                   
# 
loop_
_pdbx_database_related.db_name 
_pdbx_database_related.db_id 
_pdbx_database_related.details 
_pdbx_database_related.content_type 
PDB 2PS1 'The same protein complexed with ORO and PRPP' unspecified 
PDB 2PRZ 'The same protein complexed with OMP'          unspecified 
# 
_pdbx_database_status.entry_id                        2PRY 
_pdbx_database_status.deposit_site                    RCSB 
_pdbx_database_status.process_site                    RCSB 
_pdbx_database_status.recvd_initial_deposition_date   2007-05-04 
_pdbx_database_status.status_code                     REL 
_pdbx_database_status.status_code_sf                  REL 
_pdbx_database_status.status_code_mr                  ? 
_pdbx_database_status.SG_entry                        ? 
_pdbx_database_status.pdb_format_compatible           Y 
_pdbx_database_status.status_code_cs                  ? 
_pdbx_database_status.methods_development_category    ? 
_pdbx_database_status.status_code_nmr_data            ? 
# 
loop_
_audit_author.name 
_audit_author.pdbx_ordinal 
'Gonzalez-Segura, L.' 1 
'Hurley, T.D.'        2 
'McClard, R.W.'       3 
# 
_citation.id                        primary 
_citation.title                     'Ternary complex formation and induced asymmetry in orotate phosphoribosyltransferase.' 
_citation.journal_abbrev            Biochemistry 
_citation.journal_volume            46 
_citation.page_first                14075 
_citation.page_last                 14086 
_citation.year                      2007 
_citation.journal_id_ASTM           BICHAW 
_citation.country                   US 
_citation.journal_id_ISSN           0006-2960 
_citation.journal_id_CSD            0033 
_citation.book_publisher            ? 
_citation.pdbx_database_id_PubMed   18020427 
_citation.pdbx_database_id_DOI      10.1021/bi701023z 
# 
loop_
_citation_author.citation_id 
_citation_author.name 
_citation_author.ordinal 
_citation_author.identifier_ORCID 
primary 'Gonzalez-Segura, L.' 1 ? 
primary 'Witte, J.F.'         2 ? 
primary 'McClard, R.W.'       3 ? 
primary 'Hurley, T.D.'        4 ? 
# 
_cell.length_a           59.791 
_cell.length_b           59.791 
_cell.length_c           135.595 
_cell.angle_alpha        90.000 
_cell.angle_beta         90.000 
_cell.angle_gamma        90.000 
_cell.entry_id           2PRY 
_cell.pdbx_unique_axis   ? 
_cell.Z_PDB              8 
_cell.length_a_esd       ? 
_cell.length_b_esd       ? 
_cell.length_c_esd       ? 
_cell.angle_alpha_esd    ? 
_cell.angle_beta_esd     ? 
_cell.angle_gamma_esd    ? 
# 
_symmetry.space_group_name_H-M             'P 43 21 2' 
_symmetry.entry_id                         2PRY 
_symmetry.Int_Tables_number                96 
_symmetry.pdbx_full_space_group_name_H-M   ? 
_symmetry.cell_setting                     ? 
_symmetry.space_group_name_Hall            ? 
# 
loop_
_entity.id 
_entity.type 
_entity.src_method 
_entity.pdbx_description 
_entity.formula_weight 
_entity.pdbx_number_of_molecules 
_entity.pdbx_ec 
_entity.pdbx_mutation 
_entity.pdbx_fragment 
_entity.details 
1 polymer     man 'Orotate phosphoribosyltransferase 1' 24689.439 1   2.4.2.10 ? ? ? 
2 non-polymer syn 'MAGNESIUM ION'                       24.305    1   ?        ? ? ? 
3 water       nat water                                 18.015    100 ?        ? ? ? 
# 
_entity_name_com.entity_id   1 
_entity_name_com.name        'OPRT 1, OPRTase 1' 
# 
_entity_poly.entity_id                      1 
_entity_poly.type                           'polypeptide(L)' 
_entity_poly.nstd_linkage                   no 
_entity_poly.nstd_monomer                   no 
_entity_poly.pdbx_seq_one_letter_code       
;MPIMLEDYQKNFLELAIECQALRFGSFKLKSGRESPYFFNLGLFNTGKLLSNLATAYAIAIIQSDLKFDVIFGPAYKGIP
LAAIVCVKLAEIGGSKFQNIQYAFNRKEAKDHGEGGIIVGSALENKRILIIDDVMTAGTAINEAFEIISNAKGQVVGSII
ALDRQEVVSTDDKEGLSATQTVSKKYGIPVLSIVSLIHIITYLEGRITAEEKSKIEQYLQTYGASA
;
_entity_poly.pdbx_seq_one_letter_code_can   
;MPIMLEDYQKNFLELAIECQALRFGSFKLKSGRESPYFFNLGLFNTGKLLSNLATAYAIAIIQSDLKFDVIFGPAYKGIP
LAAIVCVKLAEIGGSKFQNIQYAFNRKEAKDHGEGGIIVGSALENKRILIIDDVMTAGTAINEAFEIISNAKGQVVGSII
ALDRQEVVSTDDKEGLSATQTVSKKYGIPVLSIVSLIHIITYLEGRITAEEKSKIEQYLQTYGASA
;
_entity_poly.pdbx_strand_id                 A 
_entity_poly.pdbx_target_identifier         ? 
# 
loop_
_entity_poly_seq.entity_id 
_entity_poly_seq.num 
_entity_poly_seq.mon_id 
_entity_poly_seq.hetero 
1 1   MET n 
1 2   PRO n 
1 3   ILE n 
1 4   MET n 
1 5   LEU n 
1 6   GLU n 
1 7   ASP n 
1 8   TYR n 
1 9   GLN n 
1 10  LYS n 
1 11  ASN n 
1 12  PHE n 
1 13  LEU n 
1 14  GLU n 
1 15  LEU n 
1 16  ALA n 
1 17  ILE n 
1 18  GLU n 
1 19  CYS n 
1 20  GLN n 
1 21  ALA n 
1 22  LEU n 
1 23  ARG n 
1 24  PHE n 
1 25  GLY n 
1 26  SER n 
1 27  PHE n 
1 28  LYS n 
1 29  LEU n 
1 30  LYS n 
1 31  SER n 
1 32  GLY n 
1 33  ARG n 
1 34  GLU n 
1 35  SER n 
1 36  PRO n 
1 37  TYR n 
1 38  PHE n 
1 39  PHE n 
1 40  ASN n 
1 41  LEU n 
1 42  GLY n 
1 43  LEU n 
1 44  PHE n 
1 45  ASN n 
1 46  THR n 
1 47  GLY n 
1 48  LYS n 
1 49  LEU n 
1 50  LEU n 
1 51  SER n 
1 52  ASN n 
1 53  LEU n 
1 54  ALA n 
1 55  THR n 
1 56  ALA n 
1 57  TYR n 
1 58  ALA n 
1 59  ILE n 
1 60  ALA n 
1 61  ILE n 
1 62  ILE n 
1 63  GLN n 
1 64  SER n 
1 65  ASP n 
1 66  LEU n 
1 67  LYS n 
1 68  PHE n 
1 69  ASP n 
1 70  VAL n 
1 71  ILE n 
1 72  PHE n 
1 73  GLY n 
1 74  PRO n 
1 75  ALA n 
1 76  TYR n 
1 77  LYS n 
1 78  GLY n 
1 79  ILE n 
1 80  PRO n 
1 81  LEU n 
1 82  ALA n 
1 83  ALA n 
1 84  ILE n 
1 85  VAL n 
1 86  CYS n 
1 87  VAL n 
1 88  LYS n 
1 89  LEU n 
1 90  ALA n 
1 91  GLU n 
1 92  ILE n 
1 93  GLY n 
1 94  GLY n 
1 95  SER n 
1 96  LYS n 
1 97  PHE n 
1 98  GLN n 
1 99  ASN n 
1 100 ILE n 
1 101 GLN n 
1 102 TYR n 
1 103 ALA n 
1 104 PHE n 
1 105 ASN n 
1 106 ARG n 
1 107 LYS n 
1 108 GLU n 
1 109 ALA n 
1 110 LYS n 
1 111 ASP n 
1 112 HIS n 
1 113 GLY n 
1 114 GLU n 
1 115 GLY n 
1 116 GLY n 
1 117 ILE n 
1 118 ILE n 
1 119 VAL n 
1 120 GLY n 
1 121 SER n 
1 122 ALA n 
1 123 LEU n 
1 124 GLU n 
1 125 ASN n 
1 126 LYS n 
1 127 ARG n 
1 128 ILE n 
1 129 LEU n 
1 130 ILE n 
1 131 ILE n 
1 132 ASP n 
1 133 ASP n 
1 134 VAL n 
1 135 MET n 
1 136 THR n 
1 137 ALA n 
1 138 GLY n 
1 139 THR n 
1 140 ALA n 
1 141 ILE n 
1 142 ASN n 
1 143 GLU n 
1 144 ALA n 
1 145 PHE n 
1 146 GLU n 
1 147 ILE n 
1 148 ILE n 
1 149 SER n 
1 150 ASN n 
1 151 ALA n 
1 152 LYS n 
1 153 GLY n 
1 154 GLN n 
1 155 VAL n 
1 156 VAL n 
1 157 GLY n 
1 158 SER n 
1 159 ILE n 
1 160 ILE n 
1 161 ALA n 
1 162 LEU n 
1 163 ASP n 
1 164 ARG n 
1 165 GLN n 
1 166 GLU n 
1 167 VAL n 
1 168 VAL n 
1 169 SER n 
1 170 THR n 
1 171 ASP n 
1 172 ASP n 
1 173 LYS n 
1 174 GLU n 
1 175 GLY n 
1 176 LEU n 
1 177 SER n 
1 178 ALA n 
1 179 THR n 
1 180 GLN n 
1 181 THR n 
1 182 VAL n 
1 183 SER n 
1 184 LYS n 
1 185 LYS n 
1 186 TYR n 
1 187 GLY n 
1 188 ILE n 
1 189 PRO n 
1 190 VAL n 
1 191 LEU n 
1 192 SER n 
1 193 ILE n 
1 194 VAL n 
1 195 SER n 
1 196 LEU n 
1 197 ILE n 
1 198 HIS n 
1 199 ILE n 
1 200 ILE n 
1 201 THR n 
1 202 TYR n 
1 203 LEU n 
1 204 GLU n 
1 205 GLY n 
1 206 ARG n 
1 207 ILE n 
1 208 THR n 
1 209 ALA n 
1 210 GLU n 
1 211 GLU n 
1 212 LYS n 
1 213 SER n 
1 214 LYS n 
1 215 ILE n 
1 216 GLU n 
1 217 GLN n 
1 218 TYR n 
1 219 LEU n 
1 220 GLN n 
1 221 THR n 
1 222 TYR n 
1 223 GLY n 
1 224 ALA n 
1 225 SER n 
1 226 ALA n 
# 
_entity_src_gen.entity_id                          1 
_entity_src_gen.pdbx_src_id                        1 
_entity_src_gen.pdbx_alt_source_flag               sample 
_entity_src_gen.pdbx_seq_type                      ? 
_entity_src_gen.pdbx_beg_seq_num                   ? 
_entity_src_gen.pdbx_end_seq_num                   ? 
_entity_src_gen.gene_src_common_name               
;baker's yeast
;
_entity_src_gen.gene_src_genus                     Saccharomyces 
_entity_src_gen.pdbx_gene_src_gene                 'URA5, PYR5' 
_entity_src_gen.gene_src_species                   ? 
_entity_src_gen.gene_src_strain                    ? 
_entity_src_gen.gene_src_tissue                    ? 
_entity_src_gen.gene_src_tissue_fraction           ? 
_entity_src_gen.gene_src_details                   ? 
_entity_src_gen.pdbx_gene_src_fragment             ? 
_entity_src_gen.pdbx_gene_src_scientific_name      'Saccharomyces cerevisiae' 
_entity_src_gen.pdbx_gene_src_ncbi_taxonomy_id     4932 
_entity_src_gen.pdbx_gene_src_variant              ? 
_entity_src_gen.pdbx_gene_src_cell_line            ? 
_entity_src_gen.pdbx_gene_src_atcc                 ? 
_entity_src_gen.pdbx_gene_src_organ                ? 
_entity_src_gen.pdbx_gene_src_organelle            ? 
_entity_src_gen.pdbx_gene_src_cell                 ? 
_entity_src_gen.pdbx_gene_src_cellular_location    ? 
_entity_src_gen.host_org_common_name               ? 
_entity_src_gen.pdbx_host_org_scientific_name      'Escherichia coli' 
_entity_src_gen.pdbx_host_org_ncbi_taxonomy_id     562 
_entity_src_gen.host_org_genus                     Escherichia 
_entity_src_gen.pdbx_host_org_gene                 ? 
_entity_src_gen.pdbx_host_org_organ                ? 
_entity_src_gen.host_org_species                   ? 
_entity_src_gen.pdbx_host_org_tissue               ? 
_entity_src_gen.pdbx_host_org_tissue_fraction      ? 
_entity_src_gen.pdbx_host_org_strain               CS101-4UI 
_entity_src_gen.pdbx_host_org_variant              ? 
_entity_src_gen.pdbx_host_org_cell_line            ? 
_entity_src_gen.pdbx_host_org_atcc                 ? 
_entity_src_gen.pdbx_host_org_culture_collection   ? 
_entity_src_gen.pdbx_host_org_cell                 ? 
_entity_src_gen.pdbx_host_org_organelle            ? 
_entity_src_gen.pdbx_host_org_cellular_location    ? 
_entity_src_gen.pdbx_host_org_vector_type          pTRC99a 
_entity_src_gen.pdbx_host_org_vector               ? 
_entity_src_gen.host_org_details                   ? 
_entity_src_gen.expression_system_id               ? 
_entity_src_gen.plasmid_name                       pREJ2 
_entity_src_gen.plasmid_details                    ? 
_entity_src_gen.pdbx_description                   ? 
# 
_struct_ref.id                         1 
_struct_ref.db_name                    UNP 
_struct_ref.db_code                    PYRE_YEAST 
_struct_ref.pdbx_db_accession          P13298 
_struct_ref.entity_id                  1 
_struct_ref.pdbx_seq_one_letter_code   
;MPIMLEDYQKNFLELAIECQALRFGSFKLKSGRESPYFFNLGLFNTGKLLSNLATAYAIAIIQSDLKFDVIFGPAYKGIP
LAAIVCVKLAEIGGSKFQNIQYAFNRKEAKDHGEGGIIVGSALENKRILIIDDVMTAGTAINEAFEIISNAKGQVVGSII
ALDRQEVVSTDDKEGLSATQTVSKKYGIPVLSIVSLIHIITYLEGRITAEEKSKIEQYLQTYGASA
;
_struct_ref.pdbx_align_begin           1 
_struct_ref.pdbx_db_isoform            ? 
# 
_struct_ref_seq.align_id                      1 
_struct_ref_seq.ref_id                        1 
_struct_ref_seq.pdbx_PDB_id_code              2PRY 
_struct_ref_seq.pdbx_strand_id                A 
_struct_ref_seq.seq_align_beg                 1 
_struct_ref_seq.pdbx_seq_align_beg_ins_code   ? 
_struct_ref_seq.seq_align_end                 226 
_struct_ref_seq.pdbx_seq_align_end_ins_code   ? 
_struct_ref_seq.pdbx_db_accession             P13298 
_struct_ref_seq.db_align_beg                  1 
_struct_ref_seq.pdbx_db_align_beg_ins_code    ? 
_struct_ref_seq.db_align_end                  226 
_struct_ref_seq.pdbx_db_align_end_ins_code    ? 
_struct_ref_seq.pdbx_auth_seq_align_beg       0 
_struct_ref_seq.pdbx_auth_seq_align_end       225 
# 
loop_
_chem_comp.id 
_chem_comp.type 
_chem_comp.mon_nstd_flag 
_chem_comp.name 
_chem_comp.pdbx_synonyms 
_chem_comp.formula 
_chem_comp.formula_weight 
ALA 'L-peptide linking' y ALANINE         ? 'C3 H7 N O2'     89.093  
ARG 'L-peptide linking' y ARGININE        ? 'C6 H15 N4 O2 1' 175.209 
ASN 'L-peptide linking' y ASPARAGINE      ? 'C4 H8 N2 O3'    132.118 
ASP 'L-peptide linking' y 'ASPARTIC ACID' ? 'C4 H7 N O4'     133.103 
CYS 'L-peptide linking' y CYSTEINE        ? 'C3 H7 N O2 S'   121.158 
GLN 'L-peptide linking' y GLUTAMINE       ? 'C5 H10 N2 O3'   146.144 
GLU 'L-peptide linking' y 'GLUTAMIC ACID' ? 'C5 H9 N O4'     147.129 
GLY 'peptide linking'   y GLYCINE         ? 'C2 H5 N O2'     75.067  
HIS 'L-peptide linking' y HISTIDINE       ? 'C6 H10 N3 O2 1' 156.162 
HOH non-polymer         . WATER           ? 'H2 O'           18.015  
ILE 'L-peptide linking' y ISOLEUCINE      ? 'C6 H13 N O2'    131.173 
LEU 'L-peptide linking' y LEUCINE         ? 'C6 H13 N O2'    131.173 
LYS 'L-peptide linking' y LYSINE          ? 'C6 H15 N2 O2 1' 147.195 
MET 'L-peptide linking' y METHIONINE      ? 'C5 H11 N O2 S'  149.211 
MG  non-polymer         . 'MAGNESIUM ION' ? 'Mg 2'           24.305  
PHE 'L-peptide linking' y PHENYLALANINE   ? 'C9 H11 N O2'    165.189 
PRO 'L-peptide linking' y PROLINE         ? 'C5 H9 N O2'     115.130 
SER 'L-peptide linking' y SERINE          ? 'C3 H7 N O3'     105.093 
THR 'L-peptide linking' y THREONINE       ? 'C4 H9 N O3'     119.119 
TYR 'L-peptide linking' y TYROSINE        ? 'C9 H11 N O3'    181.189 
VAL 'L-peptide linking' y VALINE          ? 'C5 H11 N O2'    117.146 
# 
_exptl.crystals_number   1 
_exptl.entry_id          2PRY 
_exptl.method            'X-RAY DIFFRACTION' 
# 
_exptl_crystal.id                    1 
_exptl_crystal.density_Matthews      2.45 
_exptl_crystal.density_meas          ? 
_exptl_crystal.density_percent_sol   49.87 
_exptl_crystal.description           ? 
_exptl_crystal.F_000                 ? 
_exptl_crystal.preparation           ? 
# 
_exptl_crystal_grow.crystal_id      1 
_exptl_crystal_grow.method          'VAPOR DIFFUSION, SITTING DROP' 
_exptl_crystal_grow.pH              7.4 
_exptl_crystal_grow.temp            293.15 
_exptl_crystal_grow.temp_details    ? 
_exptl_crystal_grow.pdbx_details    
'26% PEG 6000, 0.2M magnesium acetate, 0.1M Tris HCl, pH 7.4, VAPOR DIFFUSION, SITTING DROP, temperature 293.15K' 
_exptl_crystal_grow.pdbx_pH_range   . 
# 
_diffrn.id                     1 
_diffrn.ambient_temp           93.15 
_diffrn.ambient_temp_details   ? 
_diffrn.crystal_id             1 
# 
_diffrn_detector.diffrn_id              1 
_diffrn_detector.detector               'IMAGE PLATE' 
_diffrn_detector.type                   'RIGAKU RAXIS IV' 
_diffrn_detector.pdbx_collection_date   2004-04-07 
_diffrn_detector.details                'Osmic confocal' 
# 
_diffrn_radiation.diffrn_id                        1 
_diffrn_radiation.wavelength_id                    1 
_diffrn_radiation.pdbx_diffrn_protocol             'SINGLE WAVELENGTH' 
_diffrn_radiation.monochromator                    'Osmic confocal' 
_diffrn_radiation.pdbx_monochromatic_or_laue_m_l   M 
_diffrn_radiation.pdbx_scattering_type             x-ray 
# 
_diffrn_radiation_wavelength.id           1 
_diffrn_radiation_wavelength.wavelength   1.54 
_diffrn_radiation_wavelength.wt           1.0 
# 
_diffrn_source.diffrn_id                   1 
_diffrn_source.source                      'ROTATING ANODE' 
_diffrn_source.type                        'RIGAKU RUH2R' 
_diffrn_source.pdbx_wavelength             ? 
_diffrn_source.pdbx_wavelength_list        1.54 
_diffrn_source.pdbx_synchrotron_site       ? 
_diffrn_source.pdbx_synchrotron_beamline   ? 
# 
_reflns.entry_id                     2PRY 
_reflns.d_resolution_high            2.350 
_reflns.d_resolution_low             25.000 
_reflns.number_obs                   10718 
_reflns.pdbx_Rmerge_I_obs            0.053 
_reflns.pdbx_netI_over_sigmaI        24.400 
_reflns.pdbx_chi_squared             1.036 
_reflns.percent_possible_obs         98.500 
_reflns.observed_criterion_sigma_F   0.0 
_reflns.observed_criterion_sigma_I   0.2 
_reflns.number_all                   10881 
_reflns.pdbx_Rsym_value              0.053 
_reflns.B_iso_Wilson_estimate        48.52 
_reflns.pdbx_redundancy              ? 
_reflns.R_free_details               ? 
_reflns.limit_h_max                  ? 
_reflns.limit_h_min                  ? 
_reflns.limit_k_max                  ? 
_reflns.limit_k_min                  ? 
_reflns.limit_l_max                  ? 
_reflns.limit_l_min                  ? 
_reflns.observed_criterion_F_max     ? 
_reflns.observed_criterion_F_min     ? 
_reflns.pdbx_scaling_rejects         ? 
_reflns.pdbx_ordinal                 1 
_reflns.pdbx_diffrn_id               1 
# 
_reflns_shell.d_res_high             2.35 
_reflns_shell.d_res_low              2.43 
_reflns_shell.number_measured_obs    ? 
_reflns_shell.number_measured_all    ? 
_reflns_shell.number_unique_obs      ? 
_reflns_shell.Rmerge_I_obs           0.246 
_reflns_shell.meanI_over_sigI_obs    3.7 
_reflns_shell.pdbx_Rsym_value        0.246 
_reflns_shell.pdbx_chi_squared       1.034 
_reflns_shell.pdbx_redundancy        ? 
_reflns_shell.percent_possible_obs   ? 
_reflns_shell.number_unique_all      870 
_reflns_shell.percent_possible_all   84.50 
_reflns_shell.pdbx_ordinal           1 
_reflns_shell.pdbx_diffrn_id         1 
# 
_refine.entry_id                                 2PRY 
_refine.ls_d_res_high                            2.350 
_refine.ls_d_res_low                             24.920 
_refine.pdbx_ls_sigma_F                          0.00 
_refine.ls_percent_reflns_obs                    98.470 
_refine.ls_number_reflns_obs                     10666 
_refine.pdbx_ls_cross_valid_method               THROUGHOUT 
_refine.pdbx_R_Free_selection_details            RANDOM 
_refine.ls_R_factor_obs                          0.239 
_refine.ls_R_factor_R_work                       0.238 
_refine.ls_R_factor_R_free                       0.260 
_refine.ls_percent_reflns_R_free                 4.900 
_refine.ls_number_reflns_R_free                  522 
_refine.B_iso_mean                               49.601 
_refine.aniso_B[1][1]                            1.020 
_refine.aniso_B[2][2]                            1.020 
_refine.aniso_B[3][3]                            -2.040 
_refine.aniso_B[1][2]                            0.000 
_refine.aniso_B[1][3]                            0.000 
_refine.aniso_B[2][3]                            0.000 
_refine.correlation_coeff_Fo_to_Fc               0.925 
_refine.correlation_coeff_Fo_to_Fc_free          0.920 
_refine.pdbx_overall_ESU_R                       0.432 
_refine.pdbx_overall_ESU_R_Free                  0.260 
_refine.overall_SU_ML                            0.194 
_refine.overall_SU_B                             8.323 
_refine.solvent_model_details                    'BABINET MODEL WITH MASK' 
_refine.pdbx_solvent_vdw_probe_radii             1.400 
_refine.pdbx_solvent_ion_probe_radii             0.800 
_refine.pdbx_solvent_shrinkage_radii             0.800 
_refine.pdbx_stereochemistry_target_values       'MAXIMUM LIKELIHOOD' 
_refine.pdbx_ls_sigma_I                          0.00 
_refine.ls_number_reflns_all                     10831 
_refine.ls_R_factor_all                          ? 
_refine.ls_redundancy_reflns_obs                 ? 
_refine.pdbx_data_cutoff_high_absF               ? 
_refine.pdbx_data_cutoff_low_absF                ? 
_refine.ls_number_parameters                     ? 
_refine.ls_number_restraints                     ? 
_refine.ls_R_factor_R_free_error                 ? 
_refine.ls_R_factor_R_free_error_details         ? 
_refine.pdbx_method_to_determine_struct          'MOLECULAR REPLACEMENT' 
_refine.pdbx_starting_model                      'PDB ENTRY 1STO' 
_refine.pdbx_stereochem_target_val_spec_case     ? 
_refine.solvent_model_param_bsol                 ? 
_refine.solvent_model_param_ksol                 ? 
_refine.occupancy_max                            ? 
_refine.occupancy_min                            ? 
_refine.pdbx_isotropic_thermal_model             ? 
_refine.details                                  ? 
_refine.B_iso_min                                ? 
_refine.B_iso_max                                ? 
_refine.overall_SU_R_Cruickshank_DPI             ? 
_refine.overall_SU_R_free                        ? 
_refine.pdbx_data_cutoff_high_rms_absF           ? 
_refine.ls_wR_factor_R_free                      ? 
_refine.ls_wR_factor_R_work                      ? 
_refine.overall_FOM_free_R_set                   ? 
_refine.overall_FOM_work_R_set                   ? 
_refine.pdbx_refine_id                           'X-RAY DIFFRACTION' 
_refine.pdbx_diffrn_id                           1 
_refine.pdbx_TLS_residual_ADP_flag               ? 
_refine.pdbx_overall_phase_error                 ? 
_refine.pdbx_overall_SU_R_free_Cruickshank_DPI   ? 
_refine.pdbx_overall_SU_R_Blow_DPI               ? 
_refine.pdbx_overall_SU_R_free_Blow_DPI          ? 
# 
_refine_hist.pdbx_refine_id                   'X-RAY DIFFRACTION' 
_refine_hist.cycle_id                         LAST 
_refine_hist.pdbx_number_atoms_protein        1663 
_refine_hist.pdbx_number_atoms_nucleic_acid   0 
_refine_hist.pdbx_number_atoms_ligand         1 
_refine_hist.number_atoms_solvent             100 
_refine_hist.number_atoms_total               1764 
_refine_hist.d_res_high                       2.350 
_refine_hist.d_res_low                        24.920 
# 
loop_
_refine_ls_restr.type 
_refine_ls_restr.number 
_refine_ls_restr.dev_ideal 
_refine_ls_restr.dev_ideal_target 
_refine_ls_restr.weight 
_refine_ls_restr.pdbx_refine_id 
_refine_ls_restr.pdbx_restraint_function 
r_bond_refined_d         1685 0.010 0.022 ? 'X-RAY DIFFRACTION' ? 
r_angle_refined_deg      2269 1.065 1.973 ? 'X-RAY DIFFRACTION' ? 
r_dihedral_angle_1_deg   212  5.101 5.000 ? 'X-RAY DIFFRACTION' ? 
r_chiral_restr           268  0.067 0.200 ? 'X-RAY DIFFRACTION' ? 
r_gen_planes_refined     1221 0.003 0.020 ? 'X-RAY DIFFRACTION' ? 
r_nbd_refined            752  0.197 0.200 ? 'X-RAY DIFFRACTION' ? 
r_xyhbond_nbd_refined    80   0.162 0.200 ? 'X-RAY DIFFRACTION' ? 
r_symmetry_vdw_refined   46   0.211 0.200 ? 'X-RAY DIFFRACTION' ? 
r_symmetry_hbond_refined 8    0.173 0.200 ? 'X-RAY DIFFRACTION' ? 
r_mcbond_it              1061 0.865 1.500 ? 'X-RAY DIFFRACTION' ? 
r_mcangle_it             1703 1.594 2.000 ? 'X-RAY DIFFRACTION' ? 
r_scbond_it              624  1.515 3.000 ? 'X-RAY DIFFRACTION' ? 
r_scangle_it             566  2.716 4.500 ? 'X-RAY DIFFRACTION' ? 
# 
_refine_ls_shell.d_res_high                       2.350 
_refine_ls_shell.d_res_low                        2.411 
_refine_ls_shell.pdbx_total_number_of_bins_used   20 
_refine_ls_shell.percent_reflns_obs               ? 
_refine_ls_shell.number_reflns_R_work             577 
_refine_ls_shell.R_factor_all                     ? 
_refine_ls_shell.R_factor_R_work                  0.289 
_refine_ls_shell.R_factor_R_free                  0.404 
_refine_ls_shell.percent_reflns_R_free            ? 
_refine_ls_shell.number_reflns_R_free             36 
_refine_ls_shell.R_factor_R_free_error            ? 
_refine_ls_shell.number_reflns_all                ? 
_refine_ls_shell.number_reflns_obs                613 
_refine_ls_shell.redundancy_reflns_obs            ? 
_refine_ls_shell.pdbx_refine_id                   'X-RAY DIFFRACTION' 
# 
_struct.entry_id                  2PRY 
_struct.title                     'Apo form of S. cerevisiae orotate phosphoribosyltransferase' 
_struct.pdbx_model_details        ? 
_struct.pdbx_CASP_flag            ? 
_struct.pdbx_model_type_details   ? 
# 
_struct_keywords.entry_id        2PRY 
_struct_keywords.pdbx_keywords   TRANSFERASE 
_struct_keywords.text            'ALPHA BETA, OPRTase apo form, TRANSFERASE' 
# 
loop_
_struct_asym.id 
_struct_asym.pdbx_blank_PDB_chainid_flag 
_struct_asym.pdbx_modified 
_struct_asym.entity_id 
_struct_asym.details 
A N N 1 ? 
B N N 2 ? 
C N N 3 ? 
# 
_struct_biol.id        1 
_struct_biol.details   'The biological assembly is a dimer generated by: -y, -x, 1/2-z' 
# 
loop_
_struct_conf.conf_type_id 
_struct_conf.id 
_struct_conf.pdbx_PDB_helix_id 
_struct_conf.beg_label_comp_id 
_struct_conf.beg_label_asym_id 
_struct_conf.beg_label_seq_id 
_struct_conf.pdbx_beg_PDB_ins_code 
_struct_conf.end_label_comp_id 
_struct_conf.end_label_asym_id 
_struct_conf.end_label_seq_id 
_struct_conf.pdbx_end_PDB_ins_code 
_struct_conf.beg_auth_comp_id 
_struct_conf.beg_auth_asym_id 
_struct_conf.beg_auth_seq_id 
_struct_conf.end_auth_comp_id 
_struct_conf.end_auth_asym_id 
_struct_conf.end_auth_seq_id 
_struct_conf.pdbx_PDB_helix_class 
_struct_conf.details 
_struct_conf.pdbx_PDB_helix_length 
HELX_P HELX_P1 1 GLU A 6   ? CYS A 19  ? GLU A 5   CYS A 18  1 ? 14 
HELX_P HELX_P2 2 LEU A 41  ? PHE A 44  ? LEU A 40  PHE A 43  5 ? 4  
HELX_P HELX_P3 3 THR A 46  ? SER A 64  ? THR A 45  SER A 63  1 ? 19 
HELX_P HELX_P4 4 LYS A 77  ? GLY A 93  ? LYS A 76  GLY A 92  1 ? 17 
HELX_P HELX_P5 5 GLY A 94  ? GLN A 98  ? GLY A 93  GLN A 97  5 ? 5  
HELX_P HELX_P6 6 ALA A 140 ? ALA A 151 ? ALA A 139 ALA A 150 1 ? 12 
HELX_P HELX_P7 7 SER A 177 ? GLY A 187 ? SER A 176 GLY A 186 1 ? 11 
HELX_P HELX_P8 8 LEU A 196 ? LEU A 203 ? LEU A 195 LEU A 202 1 ? 8  
HELX_P HELX_P9 9 GLU A 210 ? GLY A 223 ? GLU A 209 GLY A 222 1 ? 14 
# 
_struct_conf_type.id          HELX_P 
_struct_conf_type.criteria    ? 
_struct_conf_type.reference   ? 
# 
loop_
_struct_conn.id 
_struct_conn.conn_type_id 
_struct_conn.pdbx_leaving_atom_flag 
_struct_conn.pdbx_PDB_id 
_struct_conn.ptnr1_label_asym_id 
_struct_conn.ptnr1_label_comp_id 
_struct_conn.ptnr1_label_seq_id 
_struct_conn.ptnr1_label_atom_id 
_struct_conn.pdbx_ptnr1_label_alt_id 
_struct_conn.pdbx_ptnr1_PDB_ins_code 
_struct_conn.pdbx_ptnr1_standard_comp_id 
_struct_conn.ptnr1_symmetry 
_struct_conn.ptnr2_label_asym_id 
_struct_conn.ptnr2_label_comp_id 
_struct_conn.ptnr2_label_seq_id 
_struct_conn.ptnr2_label_atom_id 
_struct_conn.pdbx_ptnr2_label_alt_id 
_struct_conn.pdbx_ptnr2_PDB_ins_code 
_struct_conn.ptnr1_auth_asym_id 
_struct_conn.ptnr1_auth_comp_id 
_struct_conn.ptnr1_auth_seq_id 
_struct_conn.ptnr2_auth_asym_id 
_struct_conn.ptnr2_auth_comp_id 
_struct_conn.ptnr2_auth_seq_id 
_struct_conn.ptnr2_symmetry 
_struct_conn.pdbx_ptnr3_label_atom_id 
_struct_conn.pdbx_ptnr3_label_seq_id 
_struct_conn.pdbx_ptnr3_label_comp_id 
_struct_conn.pdbx_ptnr3_label_asym_id 
_struct_conn.pdbx_ptnr3_label_alt_id 
_struct_conn.pdbx_ptnr3_PDB_ins_code 
_struct_conn.details 
_struct_conn.pdbx_dist_value 
_struct_conn.pdbx_value_order 
_struct_conn.pdbx_role 
metalc1 metalc ? ? B MG . MG ? ? ? 1_555 C HOH . O ? ? A MG 226 A HOH 230 1_555 ? ? ? ? ? ? ? 2.178 ? ? 
metalc2 metalc ? ? B MG . MG ? ? ? 1_555 C HOH . O ? ? A MG 226 A HOH 266 1_555 ? ? ? ? ? ? ? 2.229 ? ? 
# 
_struct_conn_type.id          metalc 
_struct_conn_type.criteria    ? 
_struct_conn_type.reference   ? 
# 
_struct_mon_prot_cis.pdbx_id                1 
_struct_mon_prot_cis.label_comp_id          ALA 
_struct_mon_prot_cis.label_seq_id           75 
_struct_mon_prot_cis.label_asym_id          A 
_struct_mon_prot_cis.label_alt_id           . 
_struct_mon_prot_cis.pdbx_PDB_ins_code      ? 
_struct_mon_prot_cis.auth_comp_id           ALA 
_struct_mon_prot_cis.auth_seq_id            74 
_struct_mon_prot_cis.auth_asym_id           A 
_struct_mon_prot_cis.pdbx_label_comp_id_2   TYR 
_struct_mon_prot_cis.pdbx_label_seq_id_2    76 
_struct_mon_prot_cis.pdbx_label_asym_id_2   A 
_struct_mon_prot_cis.pdbx_PDB_ins_code_2    ? 
_struct_mon_prot_cis.pdbx_auth_comp_id_2    TYR 
_struct_mon_prot_cis.pdbx_auth_seq_id_2     75 
_struct_mon_prot_cis.pdbx_auth_asym_id_2    A 
_struct_mon_prot_cis.pdbx_PDB_model_num     1 
_struct_mon_prot_cis.pdbx_omega_angle       3.87 
# 
loop_
_struct_sheet.id 
_struct_sheet.type 
_struct_sheet.number_strands 
_struct_sheet.details 
A ? 2 ? 
B ? 6 ? 
# 
loop_
_struct_sheet_order.sheet_id 
_struct_sheet_order.range_id_1 
_struct_sheet_order.range_id_2 
_struct_sheet_order.offset 
_struct_sheet_order.sense 
A 1 2 ? anti-parallel 
B 1 2 ? anti-parallel 
B 2 3 ? parallel      
B 3 4 ? parallel      
B 4 5 ? parallel      
B 5 6 ? parallel      
# 
loop_
_struct_sheet_range.sheet_id 
_struct_sheet_range.id 
_struct_sheet_range.beg_label_comp_id 
_struct_sheet_range.beg_label_asym_id 
_struct_sheet_range.beg_label_seq_id 
_struct_sheet_range.pdbx_beg_PDB_ins_code 
_struct_sheet_range.end_label_comp_id 
_struct_sheet_range.end_label_asym_id 
_struct_sheet_range.end_label_seq_id 
_struct_sheet_range.pdbx_end_PDB_ins_code 
_struct_sheet_range.beg_auth_comp_id 
_struct_sheet_range.beg_auth_asym_id 
_struct_sheet_range.beg_auth_seq_id 
_struct_sheet_range.end_auth_comp_id 
_struct_sheet_range.end_auth_asym_id 
_struct_sheet_range.end_auth_seq_id 
A 1 LEU A 22  ? LYS A 28  ? LEU A 21  LYS A 27  
A 2 GLU A 34  ? PHE A 39  ? GLU A 33  PHE A 38  
B 1 ILE A 118 ? VAL A 119 ? ILE A 117 VAL A 118 
B 2 GLN A 101 ? ASN A 105 ? GLN A 100 ASN A 104 
B 3 VAL A 70  ? GLY A 73  ? VAL A 69  GLY A 72  
B 4 ARG A 127 ? ILE A 131 ? ARG A 126 ILE A 130 
B 5 GLN A 154 ? ASP A 163 ? GLN A 153 ASP A 162 
B 6 VAL A 190 ? SER A 195 ? VAL A 189 SER A 194 
# 
loop_
_pdbx_struct_sheet_hbond.sheet_id 
_pdbx_struct_sheet_hbond.range_id_1 
_pdbx_struct_sheet_hbond.range_id_2 
_pdbx_struct_sheet_hbond.range_1_label_atom_id 
_pdbx_struct_sheet_hbond.range_1_label_comp_id 
_pdbx_struct_sheet_hbond.range_1_label_asym_id 
_pdbx_struct_sheet_hbond.range_1_label_seq_id 
_pdbx_struct_sheet_hbond.range_1_PDB_ins_code 
_pdbx_struct_sheet_hbond.range_1_auth_atom_id 
_pdbx_struct_sheet_hbond.range_1_auth_comp_id 
_pdbx_struct_sheet_hbond.range_1_auth_asym_id 
_pdbx_struct_sheet_hbond.range_1_auth_seq_id 
_pdbx_struct_sheet_hbond.range_2_label_atom_id 
_pdbx_struct_sheet_hbond.range_2_label_comp_id 
_pdbx_struct_sheet_hbond.range_2_label_asym_id 
_pdbx_struct_sheet_hbond.range_2_label_seq_id 
_pdbx_struct_sheet_hbond.range_2_PDB_ins_code 
_pdbx_struct_sheet_hbond.range_2_auth_atom_id 
_pdbx_struct_sheet_hbond.range_2_auth_comp_id 
_pdbx_struct_sheet_hbond.range_2_auth_asym_id 
_pdbx_struct_sheet_hbond.range_2_auth_seq_id 
A 1 2 N PHE A 27  ? N PHE A 26  O SER A 35  ? O SER A 34  
B 1 2 O VAL A 119 ? O VAL A 118 N PHE A 104 ? N PHE A 103 
B 2 3 O GLN A 101 ? O GLN A 100 N ILE A 71  ? N ILE A 70  
B 3 4 N PHE A 72  ? N PHE A 71  O LEU A 129 ? O LEU A 128 
B 4 5 N ILE A 128 ? N ILE A 127 O VAL A 156 ? O VAL A 155 
B 5 6 N SER A 158 ? N SER A 157 O LEU A 191 ? O LEU A 190 
# 
_struct_site.id                   AC1 
_struct_site.pdbx_evidence_code   Software 
_struct_site.pdbx_auth_asym_id    A 
_struct_site.pdbx_auth_comp_id    MG 
_struct_site.pdbx_auth_seq_id     226 
_struct_site.pdbx_auth_ins_code   ? 
_struct_site.pdbx_num_residues    5 
_struct_site.details              'BINDING SITE FOR RESIDUE MG A 226' 
# 
loop_
_struct_site_gen.id 
_struct_site_gen.site_id 
_struct_site_gen.pdbx_num_res 
_struct_site_gen.label_comp_id 
_struct_site_gen.label_asym_id 
_struct_site_gen.label_seq_id 
_struct_site_gen.pdbx_auth_ins_code 
_struct_site_gen.auth_comp_id 
_struct_site_gen.auth_asym_id 
_struct_site_gen.auth_seq_id 
_struct_site_gen.label_atom_id 
_struct_site_gen.label_alt_id 
_struct_site_gen.symmetry 
_struct_site_gen.details 
1 AC1 5 HOH C . ? HOH A 227 . ? 6_555 ? 
2 AC1 5 HOH C . ? HOH A 228 . ? 6_555 ? 
3 AC1 5 HOH C . ? HOH A 229 . ? 6_555 ? 
4 AC1 5 HOH C . ? HOH A 230 . ? 1_555 ? 
5 AC1 5 HOH C . ? HOH A 266 . ? 1_555 ? 
# 
_atom_sites.entry_id                    2PRY 
_atom_sites.fract_transf_matrix[1][1]   0.00906585 
_atom_sites.fract_transf_matrix[1][2]   0.01357511 
_atom_sites.fract_transf_matrix[1][3]   0.00364038 
_atom_sites.fract_transf_matrix[2][1]   0.00063253 
_atom_sites.fract_transf_matrix[2][2]   -0.00472171 
_atom_sites.fract_transf_matrix[2][3]   0.01603219 
_atom_sites.fract_transf_matrix[3][1]   0.00619126 
_atom_sites.fract_transf_matrix[3][2]   -0.00377134 
_atom_sites.fract_transf_matrix[3][3]   -0.00135498 
_atom_sites.fract_transf_vector[1]      0.229754 
_atom_sites.fract_transf_vector[2]      0.436760 
_atom_sites.fract_transf_vector[3]      0.194216 
# 
loop_
_atom_type.symbol 
C  
MG 
N  
O  
S  
# 
loop_
_atom_site.group_PDB 
_atom_site.id 
_atom_site.type_symbol 
_atom_site.label_atom_id 
_atom_site.label_alt_id 
_atom_site.label_comp_id 
_atom_site.label_asym_id 
_atom_site.label_entity_id 
_atom_site.label_seq_id 
_atom_site.pdbx_PDB_ins_code 
_atom_site.Cartn_x 
_atom_site.Cartn_y 
_atom_site.Cartn_z 
_atom_site.occupancy 
_atom_site.B_iso_or_equiv 
_atom_site.pdbx_formal_charge 
_atom_site.auth_seq_id 
_atom_site.auth_comp_id 
_atom_site.auth_asym_id 
_atom_site.auth_atom_id 
_atom_site.pdbx_PDB_model_num 
ATOM   1    N  N   . ILE A 1 3   ? 1.445   9.823   -18.745 1.00 74.56 ? 2   ILE A N   1 
ATOM   2    C  CA  . ILE A 1 3   ? 0.175   10.541  -19.112 1.00 74.38 ? 2   ILE A CA  1 
ATOM   3    C  C   . ILE A 1 3   ? -0.836  10.503  -17.959 1.00 73.43 ? 2   ILE A C   1 
ATOM   4    O  O   . ILE A 1 3   ? -1.361  11.549  -17.546 1.00 73.81 ? 2   ILE A O   1 
ATOM   5    C  CB  . ILE A 1 3   ? -0.458  9.993   -20.445 1.00 74.87 ? 2   ILE A CB  1 
ATOM   6    C  CG1 . ILE A 1 3   ? 0.030   8.570   -20.770 1.00 75.88 ? 2   ILE A CG1 1 
ATOM   7    C  CG2 . ILE A 1 3   ? -0.181  10.945  -21.617 1.00 75.28 ? 2   ILE A CG2 1 
ATOM   8    C  CD1 . ILE A 1 3   ? -1.053  7.483   -20.668 1.00 76.83 ? 2   ILE A CD1 1 
ATOM   9    N  N   . MET A 1 4   ? -1.094  9.298   -17.449 1.00 71.71 ? 3   MET A N   1 
ATOM   10   C  CA  . MET A 1 4   ? -1.930  9.097   -16.268 1.00 69.93 ? 3   MET A CA  1 
ATOM   11   C  C   . MET A 1 4   ? -1.068  8.903   -15.021 1.00 67.70 ? 3   MET A C   1 
ATOM   12   O  O   . MET A 1 4   ? -1.492  9.221   -13.908 1.00 67.77 ? 3   MET A O   1 
ATOM   13   C  CB  . MET A 1 4   ? -2.812  7.865   -16.451 1.00 70.65 ? 3   MET A CB  1 
ATOM   14   C  CG  . MET A 1 4   ? -3.986  8.053   -17.384 1.00 73.03 ? 3   MET A CG  1 
ATOM   15   S  SD  . MET A 1 4   ? -4.991  6.555   -17.446 1.00 78.23 ? 3   MET A SD  1 
ATOM   16   C  CE  . MET A 1 4   ? -6.042  6.742   -15.947 1.00 77.55 ? 3   MET A CE  1 
ATOM   17   N  N   . LEU A 1 5   ? 0.138   8.374   -15.225 1.00 64.73 ? 4   LEU A N   1 
ATOM   18   C  CA  . LEU A 1 5   ? 1.055   8.014   -14.146 1.00 61.58 ? 4   LEU A CA  1 
ATOM   19   C  C   . LEU A 1 5   ? 1.935   9.177   -13.715 1.00 59.41 ? 4   LEU A C   1 
ATOM   20   O  O   . LEU A 1 5   ? 2.565   9.823   -14.546 1.00 59.13 ? 4   LEU A O   1 
ATOM   21   C  CB  . LEU A 1 5   ? 1.946   6.841   -14.580 1.00 61.54 ? 4   LEU A CB  1 
ATOM   22   C  CG  . LEU A 1 5   ? 1.719   5.470   -13.948 1.00 60.82 ? 4   LEU A CG  1 
ATOM   23   C  CD1 . LEU A 1 5   ? 0.520   4.808   -14.565 1.00 60.91 ? 4   LEU A CD1 1 
ATOM   24   C  CD2 . LEU A 1 5   ? 2.942   4.595   -14.125 1.00 61.14 ? 4   LEU A CD2 1 
ATOM   25   N  N   . GLU A 1 6   ? 1.988   9.422   -12.405 1.00 56.95 ? 5   GLU A N   1 
ATOM   26   C  CA  . GLU A 1 6   ? 2.892   10.416  -11.821 1.00 54.41 ? 5   GLU A CA  1 
ATOM   27   C  C   . GLU A 1 6   ? 4.334   9.934   -11.902 1.00 52.62 ? 5   GLU A C   1 
ATOM   28   O  O   . GLU A 1 6   ? 4.576   8.749   -12.078 1.00 52.54 ? 5   GLU A O   1 
ATOM   29   C  CB  . GLU A 1 6   ? 2.514   10.707  -10.362 1.00 54.25 ? 5   GLU A CB  1 
ATOM   30   C  CG  . GLU A 1 6   ? 1.176   11.410  -10.168 1.00 54.24 ? 5   GLU A CG  1 
ATOM   31   C  CD  . GLU A 1 6   ? 1.016   12.639  -11.053 1.00 54.22 ? 5   GLU A CD  1 
ATOM   32   O  OE1 . GLU A 1 6   ? 1.918   13.503  -11.044 1.00 54.53 ? 5   GLU A OE1 1 
ATOM   33   O  OE2 . GLU A 1 6   ? -0.009  12.741  -11.759 1.00 53.73 ? 5   GLU A OE2 1 
ATOM   34   N  N   . ASP A 1 7   ? 5.287   10.849  -11.758 1.00 50.48 ? 6   ASP A N   1 
ATOM   35   C  CA  . ASP A 1 7   ? 6.701   10.507  -11.878 1.00 48.64 ? 6   ASP A CA  1 
ATOM   36   C  C   . ASP A 1 7   ? 7.192   9.575   -10.778 1.00 46.88 ? 6   ASP A C   1 
ATOM   37   O  O   . ASP A 1 7   ? 8.050   8.722   -11.015 1.00 46.05 ? 6   ASP A O   1 
ATOM   38   C  CB  . ASP A 1 7   ? 7.566   11.770  -11.924 1.00 49.03 ? 6   ASP A CB  1 
ATOM   39   C  CG  . ASP A 1 7   ? 7.580   12.431  -13.300 1.00 50.61 ? 6   ASP A CG  1 
ATOM   40   O  OD1 . ASP A 1 7   ? 6.944   11.920  -14.256 1.00 51.90 ? 6   ASP A OD1 1 
ATOM   41   O  OD2 . ASP A 1 7   ? 8.215   13.484  -13.521 1.00 53.54 ? 6   ASP A OD2 1 
ATOM   42   N  N   . TYR A 1 8   ? 6.655   9.746   -9.572  1.00 45.05 ? 7   TYR A N   1 
ATOM   43   C  CA  . TYR A 1 8   ? 7.044   8.897   -8.449  1.00 43.05 ? 7   TYR A CA  1 
ATOM   44   C  C   . TYR A 1 8   ? 6.532   7.460   -8.646  1.00 42.02 ? 7   TYR A C   1 
ATOM   45   O  O   . TYR A 1 8   ? 7.158   6.511   -8.175  1.00 41.86 ? 7   TYR A O   1 
ATOM   46   C  CB  . TYR A 1 8   ? 6.596   9.496   -7.102  1.00 42.91 ? 7   TYR A CB  1 
ATOM   47   C  CG  . TYR A 1 8   ? 5.123   9.303   -6.777  1.00 41.11 ? 7   TYR A CG  1 
ATOM   48   C  CD1 . TYR A 1 8   ? 4.675   8.149   -6.127  1.00 39.62 ? 7   TYR A CD1 1 
ATOM   49   C  CD2 . TYR A 1 8   ? 4.175   10.265  -7.141  1.00 40.51 ? 7   TYR A CD2 1 
ATOM   50   C  CE1 . TYR A 1 8   ? 3.325   7.963   -5.837  1.00 39.01 ? 7   TYR A CE1 1 
ATOM   51   C  CE2 . TYR A 1 8   ? 2.810   10.087  -6.845  1.00 39.27 ? 7   TYR A CE2 1 
ATOM   52   C  CZ  . TYR A 1 8   ? 2.400   8.937   -6.198  1.00 38.14 ? 7   TYR A CZ  1 
ATOM   53   O  OH  . TYR A 1 8   ? 1.066   8.748   -5.919  1.00 38.05 ? 7   TYR A OH  1 
ATOM   54   N  N   . GLN A 1 9   ? 5.409   7.320   -9.349  1.00 40.66 ? 8   GLN A N   1 
ATOM   55   C  CA  . GLN A 1 9   ? 4.840   6.015   -9.678  1.00 40.30 ? 8   GLN A CA  1 
ATOM   56   C  C   . GLN A 1 9   ? 5.650   5.269   -10.748 1.00 40.49 ? 8   GLN A C   1 
ATOM   57   O  O   . GLN A 1 9   ? 5.867   4.053   -10.632 1.00 39.95 ? 8   GLN A O   1 
ATOM   58   C  CB  . GLN A 1 9   ? 3.385   6.154   -10.135 1.00 40.06 ? 8   GLN A CB  1 
ATOM   59   C  CG  . GLN A 1 9   ? 2.433   6.612   -9.047  1.00 39.10 ? 8   GLN A CG  1 
ATOM   60   C  CD  . GLN A 1 9   ? 1.068   6.911   -9.591  1.00 38.06 ? 8   GLN A CD  1 
ATOM   61   O  OE1 . GLN A 1 9   ? 0.935   7.692   -10.531 1.00 38.70 ? 8   GLN A OE1 1 
ATOM   62   N  NE2 . GLN A 1 9   ? 0.046   6.284   -9.025  1.00 36.17 ? 8   GLN A NE2 1 
ATOM   63   N  N   . LYS A 1 10  ? 6.064   6.002   -11.788 1.00 40.89 ? 9   LYS A N   1 
ATOM   64   C  CA  . LYS A 1 10  ? 6.960   5.487   -12.830 1.00 41.62 ? 9   LYS A CA  1 
ATOM   65   C  C   . LYS A 1 10  ? 8.289   5.033   -12.228 1.00 41.18 ? 9   LYS A C   1 
ATOM   66   O  O   . LYS A 1 10  ? 8.781   3.952   -12.556 1.00 41.49 ? 9   LYS A O   1 
ATOM   67   C  CB  . LYS A 1 10  ? 7.236   6.563   -13.878 1.00 42.03 ? 9   LYS A CB  1 
ATOM   68   C  CG  . LYS A 1 10  ? 6.115   6.802   -14.883 1.00 44.55 ? 9   LYS A CG  1 
ATOM   69   C  CD  . LYS A 1 10  ? 6.546   7.861   -15.905 1.00 47.67 ? 9   LYS A CD  1 
ATOM   70   C  CE  . LYS A 1 10  ? 5.376   8.714   -16.383 1.00 50.48 ? 9   LYS A CE  1 
ATOM   71   N  NZ  . LYS A 1 10  ? 5.666   10.179  -16.264 1.00 52.16 ? 9   LYS A NZ  1 
ATOM   72   N  N   . ASN A 1 11  ? 8.857   5.863   -11.356 1.00 40.64 ? 10  ASN A N   1 
ATOM   73   C  CA  . ASN A 1 11  ? 10.126  5.560   -10.702 1.00 40.86 ? 10  ASN A CA  1 
ATOM   74   C  C   . ASN A 1 11  ? 10.020  4.340   -9.788  1.00 40.11 ? 10  ASN A C   1 
ATOM   75   O  O   . ASN A 1 11  ? 10.900  3.487   -9.790  1.00 40.08 ? 10  ASN A O   1 
ATOM   76   C  CB  . ASN A 1 11  ? 10.641  6.762   -9.895  1.00 41.43 ? 10  ASN A CB  1 
ATOM   77   C  CG  . ASN A 1 11  ? 10.947  8.002   -10.764 1.00 44.08 ? 10  ASN A CG  1 
ATOM   78   O  OD1 . ASN A 1 11  ? 11.110  7.920   -11.994 1.00 45.40 ? 10  ASN A OD1 1 
ATOM   79   N  ND2 . ASN A 1 11  ? 11.027  9.166   -10.107 1.00 45.64 ? 10  ASN A ND2 1 
ATOM   80   N  N   . PHE A 1 12  ? 8.936   4.261   -9.017  1.00 39.13 ? 11  PHE A N   1 
ATOM   81   C  CA  . PHE A 1 12  ? 8.692   3.117   -8.143  1.00 38.21 ? 11  PHE A CA  1 
ATOM   82   C  C   . PHE A 1 12  ? 8.620   1.795   -8.943  1.00 38.28 ? 11  PHE A C   1 
ATOM   83   O  O   . PHE A 1 12  ? 9.241   0.787   -8.580  1.00 38.49 ? 11  PHE A O   1 
ATOM   84   C  CB  . PHE A 1 12  ? 7.402   3.334   -7.321  1.00 37.56 ? 11  PHE A CB  1 
ATOM   85   C  CG  . PHE A 1 12  ? 6.915   2.097   -6.640  1.00 35.42 ? 11  PHE A CG  1 
ATOM   86   C  CD1 . PHE A 1 12  ? 7.468   1.692   -5.430  1.00 35.45 ? 11  PHE A CD1 1 
ATOM   87   C  CD2 . PHE A 1 12  ? 5.933   1.314   -7.221  1.00 34.09 ? 11  PHE A CD2 1 
ATOM   88   C  CE1 . PHE A 1 12  ? 7.038   0.522   -4.802  1.00 35.08 ? 11  PHE A CE1 1 
ATOM   89   C  CE2 . PHE A 1 12  ? 5.505   0.137   -6.614  1.00 34.58 ? 11  PHE A CE2 1 
ATOM   90   C  CZ  . PHE A 1 12  ? 6.045   -0.251  -5.399  1.00 35.69 ? 11  PHE A CZ  1 
ATOM   91   N  N   . LEU A 1 13  ? 7.864   1.818   -10.031 1.00 37.83 ? 12  LEU A N   1 
ATOM   92   C  CA  . LEU A 1 13  ? 7.622   0.636   -10.838 1.00 38.15 ? 12  LEU A CA  1 
ATOM   93   C  C   . LEU A 1 13  ? 8.892   0.155   -11.541 1.00 39.26 ? 12  LEU A C   1 
ATOM   94   O  O   . LEU A 1 13  ? 9.090   -1.055  -11.680 1.00 39.20 ? 12  LEU A O   1 
ATOM   95   C  CB  . LEU A 1 13  ? 6.538   0.929   -11.864 1.00 37.22 ? 12  LEU A CB  1 
ATOM   96   C  CG  . LEU A 1 13  ? 5.156   0.286   -11.777 1.00 36.87 ? 12  LEU A CG  1 
ATOM   97   C  CD1 . LEU A 1 13  ? 4.802   -0.279  -10.401 1.00 34.52 ? 12  LEU A CD1 1 
ATOM   98   C  CD2 . LEU A 1 13  ? 4.084   1.270   -12.300 1.00 33.89 ? 12  LEU A CD2 1 
ATOM   99   N  N   . GLU A 1 14  ? 9.749   1.088   -11.980 1.00 40.35 ? 13  GLU A N   1 
ATOM   100  C  CA  . GLU A 1 14  ? 11.004  0.699   -12.636 1.00 41.91 ? 13  GLU A CA  1 
ATOM   101  C  C   . GLU A 1 14  ? 11.964  0.038   -11.650 1.00 41.29 ? 13  GLU A C   1 
ATOM   102  O  O   . GLU A 1 14  ? 12.572  -0.998  -11.960 1.00 40.80 ? 13  GLU A O   1 
ATOM   103  C  CB  . GLU A 1 14  ? 11.650  1.857   -13.433 1.00 42.72 ? 13  GLU A CB  1 
ATOM   104  C  CG  . GLU A 1 14  ? 12.439  2.891   -12.645 1.00 48.33 ? 13  GLU A CG  1 
ATOM   105  C  CD  . GLU A 1 14  ? 13.165  3.889   -13.554 1.00 55.98 ? 13  GLU A CD  1 
ATOM   106  O  OE1 . GLU A 1 14  ? 14.166  3.491   -14.211 1.00 58.52 ? 13  GLU A OE1 1 
ATOM   107  O  OE2 . GLU A 1 14  ? 12.730  5.073   -13.622 1.00 58.16 ? 13  GLU A OE2 1 
ATOM   108  N  N   . LEU A 1 15  ? 12.045  0.608   -10.447 1.00 41.04 ? 14  LEU A N   1 
ATOM   109  C  CA  . LEU A 1 15  ? 12.805  0.003   -9.361  1.00 40.99 ? 14  LEU A CA  1 
ATOM   110  C  C   . LEU A 1 15  ? 12.214  -1.317  -8.938  1.00 40.77 ? 14  LEU A C   1 
ATOM   111  O  O   . LEU A 1 15  ? 12.963  -2.253  -8.652  1.00 41.12 ? 14  LEU A O   1 
ATOM   112  C  CB  . LEU A 1 15  ? 12.889  0.918   -8.147  1.00 41.02 ? 14  LEU A CB  1 
ATOM   113  C  CG  . LEU A 1 15  ? 13.797  2.134   -8.288  1.00 41.80 ? 14  LEU A CG  1 
ATOM   114  C  CD1 . LEU A 1 15  ? 13.774  2.874   -6.968  1.00 42.53 ? 14  LEU A CD1 1 
ATOM   115  C  CD2 . LEU A 1 15  ? 15.227  1.772   -8.713  1.00 39.22 ? 14  LEU A CD2 1 
ATOM   116  N  N   . ALA A 1 16  ? 10.880  -1.387  -8.887  1.00 40.15 ? 15  ALA A N   1 
ATOM   117  C  CA  . ALA A 1 16  ? 10.187  -2.614  -8.505  1.00 39.42 ? 15  ALA A CA  1 
ATOM   118  C  C   . ALA A 1 16  ? 10.580  -3.750  -9.439  1.00 39.18 ? 15  ALA A C   1 
ATOM   119  O  O   . ALA A 1 16  ? 10.883  -4.859  -8.978  1.00 38.37 ? 15  ALA A O   1 
ATOM   120  C  CB  . ALA A 1 16  ? 8.681   -2.416  -8.522  1.00 39.45 ? 15  ALA A CB  1 
ATOM   121  N  N   . ILE A 1 17  ? 10.575  -3.460  -10.743 1.00 38.97 ? 16  ILE A N   1 
ATOM   122  C  CA  . ILE A 1 17  ? 10.958  -4.440  -11.754 1.00 39.22 ? 16  ILE A CA  1 
ATOM   123  C  C   . ILE A 1 17  ? 12.460  -4.784  -11.666 1.00 39.87 ? 16  ILE A C   1 
ATOM   124  O  O   . ILE A 1 17  ? 12.833  -5.959  -11.780 1.00 40.55 ? 16  ILE A O   1 
ATOM   125  C  CB  . ILE A 1 17  ? 10.566  -3.962  -13.166 1.00 39.22 ? 16  ILE A CB  1 
ATOM   126  C  CG1 . ILE A 1 17  ? 9.050   -3.756  -13.274 1.00 38.20 ? 16  ILE A CG1 1 
ATOM   127  C  CG2 . ILE A 1 17  ? 11.031  -4.965  -14.234 1.00 39.01 ? 16  ILE A CG2 1 
ATOM   128  C  CD1 . ILE A 1 17  ? 8.622   -3.032  -14.561 1.00 36.99 ? 16  ILE A CD1 1 
ATOM   129  N  N   . GLU A 1 18  ? 13.300  -3.771  -11.434 1.00 40.01 ? 17  GLU A N   1 
ATOM   130  C  CA  . GLU A 1 18  ? 14.748  -3.947  -11.329 1.00 40.17 ? 17  GLU A CA  1 
ATOM   131  C  C   . GLU A 1 18  ? 15.160  -4.833  -10.155 1.00 39.43 ? 17  GLU A C   1 
ATOM   132  O  O   . GLU A 1 18  ? 16.076  -5.645  -10.274 1.00 40.03 ? 17  GLU A O   1 
ATOM   133  C  CB  . GLU A 1 18  ? 15.437  -2.597  -11.160 1.00 40.87 ? 17  GLU A CB  1 
ATOM   134  C  CG  . GLU A 1 18  ? 15.797  -1.887  -12.451 1.00 44.52 ? 17  GLU A CG  1 
ATOM   135  C  CD  . GLU A 1 18  ? 16.757  -0.723  -12.236 1.00 49.71 ? 17  GLU A CD  1 
ATOM   136  O  OE1 . GLU A 1 18  ? 17.561  -0.766  -11.267 1.00 50.45 ? 17  GLU A OE1 1 
ATOM   137  O  OE2 . GLU A 1 18  ? 16.713  0.238   -13.047 1.00 52.18 ? 17  GLU A OE2 1 
ATOM   138  N  N   . CYS A 1 19  ? 14.507  -4.666  -9.010  1.00 38.03 ? 18  CYS A N   1 
ATOM   139  C  CA  . CYS A 1 19  ? 14.898  -5.422  -7.833  1.00 36.65 ? 18  CYS A CA  1 
ATOM   140  C  C   . CYS A 1 19  ? 14.177  -6.771  -7.746  1.00 36.10 ? 18  CYS A C   1 
ATOM   141  O  O   . CYS A 1 19  ? 14.488  -7.586  -6.878  1.00 35.83 ? 18  CYS A O   1 
ATOM   142  C  CB  . CYS A 1 19  ? 14.712  -4.584  -6.562  1.00 36.88 ? 18  CYS A CB  1 
ATOM   143  S  SG  . CYS A 1 19  ? 12.998  -4.296  -6.085  1.00 35.21 ? 18  CYS A SG  1 
ATOM   144  N  N   . GLN A 1 20  ? 13.246  -6.995  -8.676  1.00 35.51 ? 19  GLN A N   1 
ATOM   145  C  CA  . GLN A 1 20  ? 12.484  -8.247  -8.828  1.00 35.31 ? 19  GLN A CA  1 
ATOM   146  C  C   . GLN A 1 20  ? 11.323  -8.359  -7.838  1.00 34.76 ? 19  GLN A C   1 
ATOM   147  O  O   . GLN A 1 20  ? 10.745  -9.432  -7.691  1.00 34.82 ? 19  GLN A O   1 
ATOM   148  C  CB  . GLN A 1 20  ? 13.394  -9.498  -8.771  1.00 35.48 ? 19  GLN A CB  1 
ATOM   149  C  CG  . GLN A 1 20  ? 14.442  -9.574  -9.888  1.00 36.75 ? 19  GLN A CG  1 
ATOM   150  C  CD  . GLN A 1 20  ? 15.240  -10.886 -9.894  1.00 38.52 ? 19  GLN A CD  1 
ATOM   151  O  OE1 . GLN A 1 20  ? 16.327  -10.967 -9.315  1.00 40.38 ? 19  GLN A OE1 1 
ATOM   152  N  NE2 . GLN A 1 20  ? 14.717  -11.891 -10.570 1.00 37.38 ? 19  GLN A NE2 1 
ATOM   153  N  N   . ALA A 1 21  ? 10.984  -7.249  -7.174  1.00 34.16 ? 20  ALA A N   1 
ATOM   154  C  CA  . ALA A 1 21  ? 9.808   -7.165  -6.297  1.00 33.40 ? 20  ALA A CA  1 
ATOM   155  C  C   . ALA A 1 21  ? 8.553   -7.285  -7.141  1.00 33.10 ? 20  ALA A C   1 
ATOM   156  O  O   . ALA A 1 21  ? 7.522   -7.788  -6.693  1.00 32.79 ? 20  ALA A O   1 
ATOM   157  C  CB  . ALA A 1 21  ? 9.802   -5.845  -5.534  1.00 33.47 ? 20  ALA A CB  1 
ATOM   158  N  N   . LEU A 1 22  ? 8.659   -6.821  -8.378  1.00 33.05 ? 21  LEU A N   1 
ATOM   159  C  CA  . LEU A 1 22  ? 7.627   -7.023  -9.381  1.00 33.60 ? 21  LEU A CA  1 
ATOM   160  C  C   . LEU A 1 22  ? 8.145   -7.940  -10.508 1.00 34.52 ? 21  LEU A C   1 
ATOM   161  O  O   . LEU A 1 22  ? 9.110   -7.595  -11.201 1.00 34.31 ? 21  LEU A O   1 
ATOM   162  C  CB  . LEU A 1 22  ? 7.145   -5.673  -9.925  1.00 32.63 ? 21  LEU A CB  1 
ATOM   163  C  CG  . LEU A 1 22  ? 6.028   -5.699  -10.973 1.00 32.73 ? 21  LEU A CG  1 
ATOM   164  C  CD1 . LEU A 1 22  ? 4.768   -6.481  -10.470 1.00 31.65 ? 21  LEU A CD1 1 
ATOM   165  C  CD2 . LEU A 1 22  ? 5.663   -4.277  -11.399 1.00 30.94 ? 21  LEU A CD2 1 
ATOM   166  N  N   . ARG A 1 23  ? 7.499   -9.102  -10.664 1.00 35.91 ? 22  ARG A N   1 
ATOM   167  C  CA  . ARG A 1 23  ? 7.852   -10.120 -11.674 1.00 37.92 ? 22  ARG A CA  1 
ATOM   168  C  C   . ARG A 1 23  ? 6.666   -10.376 -12.608 1.00 38.32 ? 22  ARG A C   1 
ATOM   169  O  O   . ARG A 1 23  ? 5.520   -10.291 -12.171 1.00 38.49 ? 22  ARG A O   1 
ATOM   170  C  CB  . ARG A 1 23  ? 8.137   -11.484 -11.016 1.00 38.38 ? 22  ARG A CB  1 
ATOM   171  C  CG  . ARG A 1 23  ? 9.292   -11.583 -10.047 1.00 40.82 ? 22  ARG A CG  1 
ATOM   172  C  CD  . ARG A 1 23  ? 9.447   -12.981 -9.467  1.00 44.05 ? 22  ARG A CD  1 
ATOM   173  N  NE  . ARG A 1 23  ? 10.117  -12.970 -8.172  1.00 48.90 ? 22  ARG A NE  1 
ATOM   174  C  CZ  . ARG A 1 23  ? 11.438  -12.937 -8.007  1.00 52.15 ? 22  ARG A CZ  1 
ATOM   175  N  NH1 . ARG A 1 23  ? 12.249  -12.925 -9.056  1.00 53.45 ? 22  ARG A NH1 1 
ATOM   176  N  NH2 . ARG A 1 23  ? 11.957  -12.916 -6.785  1.00 54.26 ? 22  ARG A NH2 1 
ATOM   177  N  N   . PHE A 1 24  ? 6.932   -10.762 -13.853 1.00 38.71 ? 23  PHE A N   1 
ATOM   178  C  CA  . PHE A 1 24  ? 5.853   -11.128 -14.775 1.00 39.38 ? 23  PHE A CA  1 
ATOM   179  C  C   . PHE A 1 24  ? 6.070   -12.555 -15.248 1.00 40.30 ? 23  PHE A C   1 
ATOM   180  O  O   . PHE A 1 24  ? 7.213   -13.008 -15.368 1.00 40.68 ? 23  PHE A O   1 
ATOM   181  C  CB  . PHE A 1 24  ? 5.756   -10.149 -15.960 1.00 38.95 ? 23  PHE A CB  1 
ATOM   182  C  CG  . PHE A 1 24  ? 5.607   -8.708  -15.546 1.00 38.88 ? 23  PHE A CG  1 
ATOM   183  C  CD1 . PHE A 1 24  ? 4.358   -8.185  -15.208 1.00 38.48 ? 23  PHE A CD1 1 
ATOM   184  C  CD2 . PHE A 1 24  ? 6.720   -7.877  -15.465 1.00 38.62 ? 23  PHE A CD2 1 
ATOM   185  C  CE1 . PHE A 1 24  ? 4.222   -6.852  -14.801 1.00 38.01 ? 23  PHE A CE1 1 
ATOM   186  C  CE2 . PHE A 1 24  ? 6.593   -6.546  -15.063 1.00 38.62 ? 23  PHE A CE2 1 
ATOM   187  C  CZ  . PHE A 1 24  ? 5.340   -6.033  -14.732 1.00 37.92 ? 23  PHE A CZ  1 
ATOM   188  N  N   . GLY A 1 25  ? 4.972   -13.256 -15.513 1.00 41.04 ? 24  GLY A N   1 
ATOM   189  C  CA  . GLY A 1 25  ? 4.996   -14.667 -15.848 1.00 42.49 ? 24  GLY A CA  1 
ATOM   190  C  C   . GLY A 1 25  ? 3.694   -15.328 -15.431 1.00 43.84 ? 24  GLY A C   1 
ATOM   191  O  O   . GLY A 1 25  ? 2.646   -14.678 -15.372 1.00 43.96 ? 24  GLY A O   1 
ATOM   192  N  N   . SER A 1 26  ? 3.750   -16.617 -15.127 1.00 44.96 ? 25  SER A N   1 
ATOM   193  C  CA  . SER A 1 26  ? 2.554   -17.343 -14.719 1.00 46.08 ? 25  SER A CA  1 
ATOM   194  C  C   . SER A 1 26  ? 2.690   -17.714 -13.254 1.00 46.62 ? 25  SER A C   1 
ATOM   195  O  O   . SER A 1 26  ? 3.615   -18.430 -12.872 1.00 46.54 ? 25  SER A O   1 
ATOM   196  C  CB  . SER A 1 26  ? 2.336   -18.574 -15.612 1.00 46.15 ? 25  SER A CB  1 
ATOM   197  O  OG  . SER A 1 26  ? 1.498   -19.540 -14.991 1.00 47.44 ? 25  SER A OG  1 
ATOM   198  N  N   . PHE A 1 27  ? 1.775   -17.206 -12.435 1.00 47.56 ? 26  PHE A N   1 
ATOM   199  C  CA  . PHE A 1 27  ? 1.827   -17.426 -10.992 1.00 48.90 ? 26  PHE A CA  1 
ATOM   200  C  C   . PHE A 1 27  ? 0.467   -17.861 -10.466 1.00 51.17 ? 26  PHE A C   1 
ATOM   201  O  O   . PHE A 1 27  ? -0.567  -17.291 -10.839 1.00 51.45 ? 26  PHE A O   1 
ATOM   202  C  CB  . PHE A 1 27  ? 2.296   -16.153 -10.258 1.00 47.62 ? 26  PHE A CB  1 
ATOM   203  C  CG  . PHE A 1 27  ? 3.699   -15.717 -10.618 1.00 44.56 ? 26  PHE A CG  1 
ATOM   204  C  CD1 . PHE A 1 27  ? 4.803   -16.256 -9.961  1.00 41.60 ? 26  PHE A CD1 1 
ATOM   205  C  CD2 . PHE A 1 27  ? 3.915   -14.776 -11.622 1.00 41.65 ? 26  PHE A CD2 1 
ATOM   206  C  CE1 . PHE A 1 27  ? 6.103   -15.859 -10.288 1.00 39.95 ? 26  PHE A CE1 1 
ATOM   207  C  CE2 . PHE A 1 27  ? 5.202   -14.373 -11.963 1.00 39.98 ? 26  PHE A CE2 1 
ATOM   208  C  CZ  . PHE A 1 27  ? 6.303   -14.914 -11.290 1.00 39.83 ? 26  PHE A CZ  1 
ATOM   209  N  N   . LYS A 1 28  ? 0.470   -18.876 -9.606  1.00 53.80 ? 27  LYS A N   1 
ATOM   210  C  CA  . LYS A 1 28  ? -0.752  -19.317 -8.941  1.00 56.59 ? 27  LYS A CA  1 
ATOM   211  C  C   . LYS A 1 28  ? -0.846  -18.666 -7.571  1.00 57.98 ? 27  LYS A C   1 
ATOM   212  O  O   . LYS A 1 28  ? 0.069   -18.773 -6.760  1.00 58.35 ? 27  LYS A O   1 
ATOM   213  C  CB  . LYS A 1 28  ? -0.814  -20.845 -8.809  1.00 56.77 ? 27  LYS A CB  1 
ATOM   214  C  CG  . LYS A 1 28  ? -0.367  -21.627 -10.048 1.00 59.19 ? 27  LYS A CG  1 
ATOM   215  C  CD  . LYS A 1 28  ? -1.298  -21.422 -11.237 1.00 62.04 ? 27  LYS A CD  1 
ATOM   216  C  CE  . LYS A 1 28  ? -2.140  -22.657 -11.502 1.00 63.78 ? 27  LYS A CE  1 
ATOM   217  N  NZ  . LYS A 1 28  ? -3.297  -22.319 -12.377 1.00 66.24 ? 27  LYS A NZ  1 
ATOM   218  N  N   . LEU A 1 29  ? -1.954  -17.974 -7.332  1.00 59.92 ? 28  LEU A N   1 
ATOM   219  C  CA  . LEU A 1 29  ? -2.221  -17.357 -6.039  1.00 61.73 ? 28  LEU A CA  1 
ATOM   220  C  C   . LEU A 1 29  ? -2.600  -18.420 -5.008  1.00 62.93 ? 28  LEU A C   1 
ATOM   221  O  O   . LEU A 1 29  ? -2.747  -19.600 -5.348  1.00 62.96 ? 28  LEU A O   1 
ATOM   222  C  CB  . LEU A 1 29  ? -3.347  -16.321 -6.168  1.00 61.70 ? 28  LEU A CB  1 
ATOM   223  C  CG  . LEU A 1 29  ? -3.203  -15.185 -7.181  1.00 61.88 ? 28  LEU A CG  1 
ATOM   224  C  CD1 . LEU A 1 29  ? -4.369  -14.208 -7.061  1.00 62.36 ? 28  LEU A CD1 1 
ATOM   225  C  CD2 . LEU A 1 29  ? -1.885  -14.461 -7.002  1.00 62.14 ? 28  LEU A CD2 1 
ATOM   226  N  N   . LYS A 1 30  ? -2.758  -17.994 -3.753  1.00 64.35 ? 29  LYS A N   1 
ATOM   227  C  CA  . LYS A 1 30  ? -3.197  -18.881 -2.670  1.00 65.69 ? 29  LYS A CA  1 
ATOM   228  C  C   . LYS A 1 30  ? -4.539  -19.528 -3.016  1.00 66.01 ? 29  LYS A C   1 
ATOM   229  O  O   . LYS A 1 30  ? -4.758  -20.710 -2.729  1.00 66.36 ? 29  LYS A O   1 
ATOM   230  C  CB  . LYS A 1 30  ? -3.294  -18.121 -1.338  1.00 66.11 ? 29  LYS A CB  1 
ATOM   231  C  CG  . LYS A 1 30  ? -1.949  -17.888 -0.638  1.00 67.74 ? 29  LYS A CG  1 
ATOM   232  C  CD  . LYS A 1 30  ? -1.938  -16.576 0.159   1.00 70.03 ? 29  LYS A CD  1 
ATOM   233  C  CE  . LYS A 1 30  ? -0.667  -15.755 -0.125  1.00 71.44 ? 29  LYS A CE  1 
ATOM   234  N  NZ  . LYS A 1 30  ? -0.306  -14.786 0.956   1.00 70.99 ? 29  LYS A NZ  1 
ATOM   235  N  N   . SER A 1 31  ? -5.417  -18.753 -3.656  1.00 66.21 ? 30  SER A N   1 
ATOM   236  C  CA  . SER A 1 31  ? -6.743  -19.227 -4.072  1.00 66.25 ? 30  SER A CA  1 
ATOM   237  C  C   . SER A 1 31  ? -6.704  -20.320 -5.153  1.00 65.94 ? 30  SER A C   1 
ATOM   238  O  O   . SER A 1 31  ? -7.665  -21.084 -5.298  1.00 66.19 ? 30  SER A O   1 
ATOM   239  C  CB  . SER A 1 31  ? -7.609  -18.054 -4.542  1.00 66.37 ? 30  SER A CB  1 
ATOM   240  O  OG  . SER A 1 31  ? -7.167  -17.565 -5.796  1.00 67.29 ? 30  SER A OG  1 
ATOM   241  N  N   . GLY A 1 32  ? -5.595  -20.392 -5.894  1.00 65.32 ? 31  GLY A N   1 
ATOM   242  C  CA  . GLY A 1 32  ? -5.428  -21.356 -6.971  1.00 63.91 ? 31  GLY A CA  1 
ATOM   243  C  C   . GLY A 1 32  ? -5.555  -20.667 -8.313  1.00 63.01 ? 31  GLY A C   1 
ATOM   244  O  O   . GLY A 1 32  ? -5.197  -21.222 -9.350  1.00 63.42 ? 31  GLY A O   1 
ATOM   245  N  N   . ARG A 1 33  ? -6.075  -19.446 -8.274  1.00 61.75 ? 32  ARG A N   1 
ATOM   246  C  CA  . ARG A 1 33  ? -6.230  -18.589 -9.437  1.00 60.29 ? 32  ARG A CA  1 
ATOM   247  C  C   . ARG A 1 33  ? -4.884  -18.245 -10.096 1.00 59.28 ? 32  ARG A C   1 
ATOM   248  O  O   . ARG A 1 33  ? -3.881  -17.990 -9.411  1.00 59.09 ? 32  ARG A O   1 
ATOM   249  C  CB  . ARG A 1 33  ? -6.950  -17.325 -8.987  1.00 60.62 ? 32  ARG A CB  1 
ATOM   250  C  CG  . ARG A 1 33  ? -7.099  -16.225 -10.006 1.00 61.14 ? 32  ARG A CG  1 
ATOM   251  C  CD  . ARG A 1 33  ? -7.375  -14.880 -9.364  1.00 63.02 ? 32  ARG A CD  1 
ATOM   252  N  NE  . ARG A 1 33  ? -8.589  -14.920 -8.549  1.00 64.49 ? 32  ARG A NE  1 
ATOM   253  C  CZ  . ARG A 1 33  ? -9.004  -13.939 -7.753  1.00 65.17 ? 32  ARG A CZ  1 
ATOM   254  N  NH1 . ARG A 1 33  ? -8.312  -12.808 -7.646  1.00 65.57 ? 32  ARG A NH1 1 
ATOM   255  N  NH2 . ARG A 1 33  ? -10.126 -14.092 -7.061  1.00 65.72 ? 32  ARG A NH2 1 
ATOM   256  N  N   . GLU A 1 34  ? -4.884  -18.226 -11.426 1.00 57.37 ? 33  GLU A N   1 
ATOM   257  C  CA  . GLU A 1 34  ? -3.671  -18.022 -12.207 1.00 55.64 ? 33  GLU A CA  1 
ATOM   258  C  C   . GLU A 1 34  ? -3.477  -16.534 -12.509 1.00 53.46 ? 33  GLU A C   1 
ATOM   259  O  O   . GLU A 1 34  ? -4.386  -15.878 -13.020 1.00 53.62 ? 33  GLU A O   1 
ATOM   260  C  CB  . GLU A 1 34  ? -3.730  -18.880 -13.483 1.00 56.18 ? 33  GLU A CB  1 
ATOM   261  C  CG  . GLU A 1 34  ? -2.998  -18.323 -14.694 1.00 58.60 ? 33  GLU A CG  1 
ATOM   262  C  CD  . GLU A 1 34  ? -1.560  -18.802 -14.801 1.00 62.04 ? 33  GLU A CD  1 
ATOM   263  O  OE1 . GLU A 1 34  ? -1.185  -19.786 -14.116 1.00 63.82 ? 33  GLU A OE1 1 
ATOM   264  O  OE2 . GLU A 1 34  ? -0.801  -18.188 -15.584 1.00 63.03 ? 33  GLU A OE2 1 
ATOM   265  N  N   . SER A 1 35  ? -2.285  -16.023 -12.190 1.00 50.24 ? 34  SER A N   1 
ATOM   266  C  CA  . SER A 1 35  ? -1.989  -14.592 -12.230 1.00 47.19 ? 34  SER A CA  1 
ATOM   267  C  C   . SER A 1 35  ? -0.768  -14.263 -13.127 1.00 45.30 ? 34  SER A C   1 
ATOM   268  O  O   . SER A 1 35  ? 0.228   -14.985 -13.115 1.00 44.46 ? 34  SER A O   1 
ATOM   269  C  CB  . SER A 1 35  ? -1.778  -14.080 -10.798 1.00 47.12 ? 34  SER A CB  1 
ATOM   270  O  OG  . SER A 1 35  ? -1.101  -12.834 -10.775 1.00 46.56 ? 34  SER A OG  1 
ATOM   271  N  N   . PRO A 1 36  ? -0.860  -13.176 -13.899 1.00 43.43 ? 35  PRO A N   1 
ATOM   272  C  CA  . PRO A 1 36  ? 0.187   -12.802 -14.855 1.00 42.10 ? 35  PRO A CA  1 
ATOM   273  C  C   . PRO A 1 36  ? 1.392   -12.075 -14.240 1.00 40.92 ? 35  PRO A C   1 
ATOM   274  O  O   . PRO A 1 36  ? 2.288   -11.657 -14.967 1.00 40.07 ? 35  PRO A O   1 
ATOM   275  C  CB  . PRO A 1 36  ? -0.563  -11.875 -15.825 1.00 42.19 ? 35  PRO A CB  1 
ATOM   276  C  CG  . PRO A 1 36  ? -1.589  -11.197 -14.970 1.00 42.21 ? 35  PRO A CG  1 
ATOM   277  C  CD  . PRO A 1 36  ? -1.997  -12.230 -13.945 1.00 43.12 ? 35  PRO A CD  1 
ATOM   278  N  N   . TYR A 1 37  ? 1.408   -11.918 -12.919 1.00 40.21 ? 36  TYR A N   1 
ATOM   279  C  CA  . TYR A 1 37  ? 2.499   -11.221 -12.239 1.00 38.97 ? 36  TYR A CA  1 
ATOM   280  C  C   . TYR A 1 37  ? 2.589   -11.678 -10.796 1.00 38.50 ? 36  TYR A C   1 
ATOM   281  O  O   . TYR A 1 37  ? 1.661   -12.317 -10.288 1.00 38.22 ? 36  TYR A O   1 
ATOM   282  C  CB  . TYR A 1 37  ? 2.326   -9.690  -12.323 1.00 38.93 ? 36  TYR A CB  1 
ATOM   283  C  CG  . TYR A 1 37  ? 1.272   -9.123  -11.390 1.00 39.55 ? 36  TYR A CG  1 
ATOM   284  C  CD1 . TYR A 1 37  ? -0.082  -9.148  -11.736 1.00 40.00 ? 36  TYR A CD1 1 
ATOM   285  C  CD2 . TYR A 1 37  ? 1.629   -8.570  -10.163 1.00 38.12 ? 36  TYR A CD2 1 
ATOM   286  C  CE1 . TYR A 1 37  ? -1.050  -8.636  -10.879 1.00 40.87 ? 36  TYR A CE1 1 
ATOM   287  C  CE2 . TYR A 1 37  ? 0.678   -8.059  -9.304  1.00 39.95 ? 36  TYR A CE2 1 
ATOM   288  C  CZ  . TYR A 1 37  ? -0.664  -8.088  -9.660  1.00 40.64 ? 36  TYR A CZ  1 
ATOM   289  O  OH  . TYR A 1 37  ? -1.612  -7.569  -8.802  1.00 38.98 ? 36  TYR A OH  1 
ATOM   290  N  N   . PHE A 1 38  ? 3.715   -11.354 -10.155 1.00 37.76 ? 37  PHE A N   1 
ATOM   291  C  CA  . PHE A 1 38  ? 3.942   -11.628 -8.743  1.00 37.16 ? 37  PHE A CA  1 
ATOM   292  C  C   . PHE A 1 38  ? 4.591   -10.409 -8.074  1.00 36.64 ? 37  PHE A C   1 
ATOM   293  O  O   . PHE A 1 38  ? 5.459   -9.758  -8.657  1.00 36.86 ? 37  PHE A O   1 
ATOM   294  C  CB  . PHE A 1 38  ? 4.828   -12.871 -8.578  1.00 37.39 ? 37  PHE A CB  1 
ATOM   295  C  CG  . PHE A 1 38  ? 5.034   -13.288 -7.140  1.00 38.16 ? 37  PHE A CG  1 
ATOM   296  C  CD1 . PHE A 1 38  ? 4.092   -14.090 -6.494  1.00 39.32 ? 37  PHE A CD1 1 
ATOM   297  C  CD2 . PHE A 1 38  ? 6.163   -12.868 -6.430  1.00 38.07 ? 37  PHE A CD2 1 
ATOM   298  C  CE1 . PHE A 1 38  ? 4.281   -14.472 -5.160  1.00 39.47 ? 37  PHE A CE1 1 
ATOM   299  C  CE2 . PHE A 1 38  ? 6.361   -13.240 -5.110  1.00 37.46 ? 37  PHE A CE2 1 
ATOM   300  C  CZ  . PHE A 1 38  ? 5.421   -14.042 -4.473  1.00 39.47 ? 37  PHE A CZ  1 
ATOM   301  N  N   . PHE A 1 39  ? 4.173   -10.102 -6.851  1.00 35.84 ? 38  PHE A N   1 
ATOM   302  C  CA  . PHE A 1 39  ? 4.658   -8.907  -6.175  1.00 35.20 ? 38  PHE A CA  1 
ATOM   303  C  C   . PHE A 1 39  ? 5.078   -9.231  -4.754  1.00 34.88 ? 38  PHE A C   1 
ATOM   304  O  O   . PHE A 1 39  ? 4.333   -9.876  -4.017  1.00 35.10 ? 38  PHE A O   1 
ATOM   305  C  CB  . PHE A 1 39  ? 3.617   -7.769  -6.230  1.00 35.25 ? 38  PHE A CB  1 
ATOM   306  C  CG  . PHE A 1 39  ? 4.097   -6.456  -5.646  1.00 35.32 ? 38  PHE A CG  1 
ATOM   307  C  CD1 . PHE A 1 39  ? 3.729   -6.075  -4.347  1.00 35.18 ? 38  PHE A CD1 1 
ATOM   308  C  CD2 . PHE A 1 39  ? 4.909   -5.605  -6.381  1.00 36.18 ? 38  PHE A CD2 1 
ATOM   309  C  CE1 . PHE A 1 39  ? 4.157   -4.867  -3.792  1.00 34.38 ? 38  PHE A CE1 1 
ATOM   310  C  CE2 . PHE A 1 39  ? 5.355   -4.380  -5.828  1.00 38.30 ? 38  PHE A CE2 1 
ATOM   311  C  CZ  . PHE A 1 39  ? 4.971   -4.018  -4.523  1.00 36.42 ? 38  PHE A CZ  1 
ATOM   312  N  N   . ASN A 1 40  ? 6.299   -8.816  -4.407  1.00 34.39 ? 39  ASN A N   1 
ATOM   313  C  CA  . ASN A 1 40  ? 6.847   -8.941  -3.054  1.00 34.16 ? 39  ASN A CA  1 
ATOM   314  C  C   . ASN A 1 40  ? 7.602   -7.669  -2.699  1.00 33.61 ? 39  ASN A C   1 
ATOM   315  O  O   . ASN A 1 40  ? 8.680   -7.426  -3.238  1.00 33.22 ? 39  ASN A O   1 
ATOM   316  C  CB  . ASN A 1 40  ? 7.781   -10.158 -2.930  1.00 33.87 ? 39  ASN A CB  1 
ATOM   317  C  CG  . ASN A 1 40  ? 8.347   -10.327 -1.513  1.00 35.25 ? 39  ASN A CG  1 
ATOM   318  O  OD1 . ASN A 1 40  ? 7.882   -9.695  -0.558  1.00 37.91 ? 39  ASN A OD1 1 
ATOM   319  N  ND2 . ASN A 1 40  ? 9.345   -11.195 -1.373  1.00 35.14 ? 39  ASN A ND2 1 
ATOM   320  N  N   . LEU A 1 41  ? 7.040   -6.854  -1.799  1.00 33.28 ? 40  LEU A N   1 
ATOM   321  C  CA  . LEU A 1 41  ? 7.678   -5.588  -1.429  1.00 32.70 ? 40  LEU A CA  1 
ATOM   322  C  C   . LEU A 1 41  ? 8.977   -5.824  -0.678  1.00 32.89 ? 40  LEU A C   1 
ATOM   323  O  O   . LEU A 1 41  ? 9.863   -4.968  -0.675  1.00 32.60 ? 40  LEU A O   1 
ATOM   324  C  CB  . LEU A 1 41  ? 6.744   -4.694  -0.607  1.00 32.55 ? 40  LEU A CB  1 
ATOM   325  C  CG  . LEU A 1 41  ? 7.116   -3.198  -0.519  1.00 31.42 ? 40  LEU A CG  1 
ATOM   326  C  CD1 . LEU A 1 41  ? 6.917   -2.460  -1.845  1.00 27.14 ? 40  LEU A CD1 1 
ATOM   327  C  CD2 . LEU A 1 41  ? 6.305   -2.538  0.581   1.00 30.56 ? 40  LEU A CD2 1 
ATOM   328  N  N   . GLY A 1 42  ? 9.074   -6.988  -0.035  1.00 33.51 ? 41  GLY A N   1 
ATOM   329  C  CA  . GLY A 1 42  ? 10.262  -7.380  0.709   1.00 33.51 ? 41  GLY A CA  1 
ATOM   330  C  C   . GLY A 1 42  ? 11.551  -7.233  -0.091  1.00 34.11 ? 41  GLY A C   1 
ATOM   331  O  O   . GLY A 1 42  ? 12.614  -6.998  0.492   1.00 33.94 ? 41  GLY A O   1 
ATOM   332  N  N   . LEU A 1 43  ? 11.462  -7.347  -1.419  1.00 33.93 ? 42  LEU A N   1 
ATOM   333  C  CA  . LEU A 1 43  ? 12.655  -7.261  -2.256  1.00 34.60 ? 42  LEU A CA  1 
ATOM   334  C  C   . LEU A 1 43  ? 13.207  -5.842  -2.412  1.00 34.65 ? 42  LEU A C   1 
ATOM   335  O  O   . LEU A 1 43  ? 14.290  -5.647  -2.963  1.00 34.81 ? 42  LEU A O   1 
ATOM   336  C  CB  . LEU A 1 43  ? 12.455  -7.972  -3.602  1.00 34.69 ? 42  LEU A CB  1 
ATOM   337  C  CG  . LEU A 1 43  ? 12.318  -9.503  -3.446  1.00 35.98 ? 42  LEU A CG  1 
ATOM   338  C  CD1 . LEU A 1 43  ? 12.219  -10.177 -4.782  1.00 36.47 ? 42  LEU A CD1 1 
ATOM   339  C  CD2 . LEU A 1 43  ? 13.491  -10.103 -2.641  1.00 37.37 ? 42  LEU A CD2 1 
ATOM   340  N  N   . PHE A 1 44  ? 12.468  -4.854  -1.908  1.00 34.60 ? 43  PHE A N   1 
ATOM   341  C  CA  . PHE A 1 44  ? 13.033  -3.529  -1.683  1.00 34.10 ? 43  PHE A CA  1 
ATOM   342  C  C   . PHE A 1 44  ? 13.860  -3.634  -0.401  1.00 33.73 ? 43  PHE A C   1 
ATOM   343  O  O   . PHE A 1 44  ? 13.401  -3.250  0.669   1.00 33.74 ? 43  PHE A O   1 
ATOM   344  C  CB  . PHE A 1 44  ? 11.919  -2.486  -1.535  1.00 33.75 ? 43  PHE A CB  1 
ATOM   345  C  CG  . PHE A 1 44  ? 11.336  -2.004  -2.848  1.00 33.70 ? 43  PHE A CG  1 
ATOM   346  C  CD1 . PHE A 1 44  ? 11.841  -0.868  -3.475  1.00 32.41 ? 43  PHE A CD1 1 
ATOM   347  C  CD2 . PHE A 1 44  ? 10.254  -2.660  -3.433  1.00 33.79 ? 43  PHE A CD2 1 
ATOM   348  C  CE1 . PHE A 1 44  ? 11.297  -0.410  -4.671  1.00 30.93 ? 43  PHE A CE1 1 
ATOM   349  C  CE2 . PHE A 1 44  ? 9.696   -2.192  -4.628  1.00 32.73 ? 43  PHE A CE2 1 
ATOM   350  C  CZ  . PHE A 1 44  ? 10.227  -1.075  -5.248  1.00 30.66 ? 43  PHE A CZ  1 
ATOM   351  N  N   . ASN A 1 45  ? 15.077  -4.166  -0.521  1.00 33.60 ? 44  ASN A N   1 
ATOM   352  C  CA  . ASN A 1 45  ? 15.850  -4.623  0.643   1.00 33.75 ? 44  ASN A CA  1 
ATOM   353  C  C   . ASN A 1 45  ? 17.248  -3.989  0.902   1.00 33.83 ? 44  ASN A C   1 
ATOM   354  O  O   . ASN A 1 45  ? 17.957  -4.377  1.853   1.00 33.77 ? 44  ASN A O   1 
ATOM   355  C  CB  . ASN A 1 45  ? 15.918  -6.166  0.676   1.00 33.20 ? 44  ASN A CB  1 
ATOM   356  C  CG  . ASN A 1 45  ? 16.531  -6.775  -0.592  1.00 34.98 ? 44  ASN A CG  1 
ATOM   357  O  OD1 . ASN A 1 45  ? 17.071  -6.074  -1.468  1.00 36.43 ? 44  ASN A OD1 1 
ATOM   358  N  ND2 . ASN A 1 45  ? 16.462  -8.104  -0.684  1.00 34.34 ? 44  ASN A ND2 1 
ATOM   359  N  N   . THR A 1 46  ? 17.628  -3.015  0.075   1.00 33.39 ? 45  THR A N   1 
ATOM   360  C  CA  . THR A 1 46  ? 18.862  -2.255  0.294   1.00 33.11 ? 45  THR A CA  1 
ATOM   361  C  C   . THR A 1 46  ? 18.536  -0.845  0.765   1.00 33.20 ? 45  THR A C   1 
ATOM   362  O  O   . THR A 1 46  ? 17.387  -0.422  0.692   1.00 32.80 ? 45  THR A O   1 
ATOM   363  C  CB  . THR A 1 46  ? 19.691  -2.177  -0.990  1.00 32.94 ? 45  THR A CB  1 
ATOM   364  O  OG1 . THR A 1 46  ? 18.940  -1.504  -2.013  1.00 31.70 ? 45  THR A OG1 1 
ATOM   365  C  CG2 . THR A 1 46  ? 19.922  -3.577  -1.561  1.00 34.13 ? 45  THR A CG2 1 
ATOM   366  N  N   . GLY A 1 47  ? 19.550  -0.124  1.238   1.00 33.12 ? 46  GLY A N   1 
ATOM   367  C  CA  . GLY A 1 47  ? 19.382  1.252   1.657   1.00 33.42 ? 46  GLY A CA  1 
ATOM   368  C  C   . GLY A 1 47  ? 18.856  2.126   0.526   1.00 33.90 ? 46  GLY A C   1 
ATOM   369  O  O   . GLY A 1 47  ? 17.996  2.965   0.747   1.00 33.80 ? 46  GLY A O   1 
ATOM   370  N  N   . LYS A 1 48  ? 19.380  1.927   -0.682  1.00 34.05 ? 47  LYS A N   1 
ATOM   371  C  CA  . LYS A 1 48  ? 18.948  2.684   -1.841  1.00 34.41 ? 47  LYS A CA  1 
ATOM   372  C  C   . LYS A 1 48  ? 17.489  2.386   -2.144  1.00 33.67 ? 47  LYS A C   1 
ATOM   373  O  O   . LYS A 1 48  ? 16.701  3.301   -2.353  1.00 33.23 ? 47  LYS A O   1 
ATOM   374  C  CB  . LYS A 1 48  ? 19.810  2.371   -3.069  1.00 34.97 ? 47  LYS A CB  1 
ATOM   375  C  CG  . LYS A 1 48  ? 19.418  3.185   -4.313  1.00 38.36 ? 47  LYS A CG  1 
ATOM   376  C  CD  . LYS A 1 48  ? 19.801  2.494   -5.627  1.00 43.02 ? 47  LYS A CD  1 
ATOM   377  C  CE  . LYS A 1 48  ? 18.944  1.239   -5.903  1.00 46.12 ? 47  LYS A CE  1 
ATOM   378  N  NZ  . LYS A 1 48  ? 19.569  0.347   -6.946  1.00 46.70 ? 47  LYS A NZ  1 
ATOM   379  N  N   . LEU A 1 49  ? 17.142  1.102   -2.165  1.00 33.35 ? 48  LEU A N   1 
ATOM   380  C  CA  . LEU A 1 49  ? 15.787  0.693   -2.515  1.00 33.23 ? 48  LEU A CA  1 
ATOM   381  C  C   . LEU A 1 49  ? 14.793  1.154   -1.452  1.00 32.94 ? 48  LEU A C   1 
ATOM   382  O  O   . LEU A 1 49  ? 13.697  1.612   -1.784  1.00 32.38 ? 48  LEU A O   1 
ATOM   383  C  CB  . LEU A 1 49  ? 15.690  -0.817  -2.767  1.00 33.22 ? 48  LEU A CB  1 
ATOM   384  C  CG  . LEU A 1 49  ? 16.312  -1.322  -4.091  1.00 34.00 ? 48  LEU A CG  1 
ATOM   385  C  CD1 . LEU A 1 49  ? 16.566  -2.833  -4.038  1.00 32.67 ? 48  LEU A CD1 1 
ATOM   386  C  CD2 . LEU A 1 49  ? 15.468  -0.967  -5.310  1.00 32.10 ? 48  LEU A CD2 1 
ATOM   387  N  N   . LEU A 1 50  ? 15.196  1.060   -0.187  1.00 32.69 ? 49  LEU A N   1 
ATOM   388  C  CA  . LEU A 1 50  ? 14.353  1.505   0.911   1.00 32.83 ? 49  LEU A CA  1 
ATOM   389  C  C   . LEU A 1 50  ? 14.156  3.023   0.881   1.00 33.11 ? 49  LEU A C   1 
ATOM   390  O  O   . LEU A 1 50  ? 13.050  3.503   1.179   1.00 33.11 ? 49  LEU A O   1 
ATOM   391  C  CB  . LEU A 1 50  ? 14.905  1.051   2.263   1.00 32.85 ? 49  LEU A CB  1 
ATOM   392  C  CG  . LEU A 1 50  ? 14.936  -0.451  2.608   1.00 33.70 ? 49  LEU A CG  1 
ATOM   393  C  CD1 . LEU A 1 50  ? 15.851  -0.645  3.798   1.00 34.16 ? 49  LEU A CD1 1 
ATOM   394  C  CD2 . LEU A 1 50  ? 13.543  -1.018  2.909   1.00 35.05 ? 49  LEU A CD2 1 
ATOM   395  N  N   . SER A 1 51  ? 15.219  3.763   0.536   1.00 32.86 ? 50  SER A N   1 
ATOM   396  C  CA  . SER A 1 51  ? 15.149  5.218   0.341   1.00 32.99 ? 50  SER A CA  1 
ATOM   397  C  C   . SER A 1 51  ? 14.089  5.605   -0.708  1.00 33.20 ? 50  SER A C   1 
ATOM   398  O  O   . SER A 1 51  ? 13.225  6.444   -0.457  1.00 32.79 ? 50  SER A O   1 
ATOM   399  C  CB  . SER A 1 51  ? 16.519  5.774   -0.078  1.00 32.83 ? 50  SER A CB  1 
ATOM   400  O  OG  . SER A 1 51  ? 16.513  7.192   -0.065  1.00 31.74 ? 50  SER A OG  1 
ATOM   401  N  N   . ASN A 1 52  ? 14.170  4.985   -1.884  1.00 33.55 ? 51  ASN A N   1 
ATOM   402  C  CA  . ASN A 1 52  ? 13.190  5.214   -2.936  1.00 34.10 ? 51  ASN A CA  1 
ATOM   403  C  C   . ASN A 1 52  ? 11.763  4.754   -2.561  1.00 33.46 ? 51  ASN A C   1 
ATOM   404  O  O   . ASN A 1 52  ? 10.795  5.451   -2.851  1.00 33.69 ? 51  ASN A O   1 
ATOM   405  C  CB  . ASN A 1 52  ? 13.670  4.569   -4.230  1.00 34.68 ? 51  ASN A CB  1 
ATOM   406  C  CG  . ASN A 1 52  ? 15.018  5.129   -4.700  1.00 38.24 ? 51  ASN A CG  1 
ATOM   407  O  OD1 . ASN A 1 52  ? 15.137  6.314   -5.028  1.00 41.03 ? 51  ASN A OD1 1 
ATOM   408  N  ND2 . ASN A 1 52  ? 16.036  4.273   -4.741  1.00 40.25 ? 51  ASN A ND2 1 
ATOM   409  N  N   . LEU A 1 53  ? 11.640  3.603   -1.899  1.00 32.70 ? 52  LEU A N   1 
ATOM   410  C  CA  . LEU A 1 53  ? 10.351  3.142   -1.385  1.00 32.36 ? 52  LEU A CA  1 
ATOM   411  C  C   . LEU A 1 53  ? 9.704   4.151   -0.419  1.00 32.61 ? 52  LEU A C   1 
ATOM   412  O  O   . LEU A 1 53  ? 8.493   4.421   -0.505  1.00 32.49 ? 52  LEU A O   1 
ATOM   413  C  CB  . LEU A 1 53  ? 10.487  1.772   -0.709  1.00 32.30 ? 52  LEU A CB  1 
ATOM   414  C  CG  . LEU A 1 53  ? 9.190   1.129   -0.180  1.00 31.51 ? 52  LEU A CG  1 
ATOM   415  C  CD1 . LEU A 1 53  ? 8.093   1.090   -1.253  1.00 28.37 ? 52  LEU A CD1 1 
ATOM   416  C  CD2 . LEU A 1 53  ? 9.454   -0.263  0.402   1.00 29.78 ? 52  LEU A CD2 1 
ATOM   417  N  N   . ALA A 1 54  ? 10.514  4.691   0.490   1.00 32.30 ? 53  ALA A N   1 
ATOM   418  C  CA  . ALA A 1 54  ? 10.056  5.676   1.465   1.00 32.96 ? 53  ALA A CA  1 
ATOM   419  C  C   . ALA A 1 54  ? 9.584   6.958   0.793   1.00 33.26 ? 53  ALA A C   1 
ATOM   420  O  O   . ALA A 1 54  ? 8.615   7.572   1.228   1.00 33.34 ? 53  ALA A O   1 
ATOM   421  C  CB  . ALA A 1 54  ? 11.161  5.998   2.457   1.00 32.54 ? 53  ALA A CB  1 
ATOM   422  N  N   . THR A 1 55  ? 10.299  7.366   -0.250  1.00 33.48 ? 54  THR A N   1 
ATOM   423  C  CA  . THR A 1 55  ? 9.976   8.576   -0.991  1.00 33.58 ? 54  THR A CA  1 
ATOM   424  C  C   . THR A 1 55  ? 8.639   8.395   -1.726  1.00 33.36 ? 54  THR A C   1 
ATOM   425  O  O   . THR A 1 55  ? 7.795   9.294   -1.714  1.00 33.50 ? 54  THR A O   1 
ATOM   426  C  CB  . THR A 1 55  ? 11.118  8.891   -1.991  1.00 33.62 ? 54  THR A CB  1 
ATOM   427  O  OG1 . THR A 1 55  ? 12.308  9.246   -1.269  1.00 33.37 ? 54  THR A OG1 1 
ATOM   428  C  CG2 . THR A 1 55  ? 10.798  10.124  -2.803  1.00 34.09 ? 54  THR A CG2 1 
ATOM   429  N  N   . ALA A 1 56  ? 8.458   7.217   -2.332  1.00 32.39 ? 55  ALA A N   1 
ATOM   430  C  CA  . ALA A 1 56  ? 7.257   6.901   -3.086  1.00 31.61 ? 55  ALA A CA  1 
ATOM   431  C  C   . ALA A 1 56  ? 5.988   6.895   -2.208  1.00 31.61 ? 55  ALA A C   1 
ATOM   432  O  O   . ALA A 1 56  ? 4.968   7.455   -2.603  1.00 31.01 ? 55  ALA A O   1 
ATOM   433  C  CB  . ALA A 1 56  ? 7.434   5.576   -3.817  1.00 31.17 ? 55  ALA A CB  1 
ATOM   434  N  N   . TYR A 1 57  ? 6.053   6.262   -1.030  1.00 31.43 ? 56  TYR A N   1 
ATOM   435  C  CA  . TYR A 1 57  ? 4.978   6.351   -0.035  1.00 31.67 ? 56  TYR A CA  1 
ATOM   436  C  C   . TYR A 1 57  ? 4.735   7.794   0.404   1.00 31.95 ? 56  TYR A C   1 
ATOM   437  O  O   . TYR A 1 57  ? 3.600   8.236   0.506   1.00 32.11 ? 56  TYR A O   1 
ATOM   438  C  CB  . TYR A 1 57  ? 5.333   5.579   1.227   1.00 31.35 ? 56  TYR A CB  1 
ATOM   439  C  CG  . TYR A 1 57  ? 4.963   4.119   1.289   1.00 30.55 ? 56  TYR A CG  1 
ATOM   440  C  CD1 . TYR A 1 57  ? 5.966   3.144   1.317   1.00 32.01 ? 56  TYR A CD1 1 
ATOM   441  C  CD2 . TYR A 1 57  ? 3.640   3.708   1.382   1.00 28.94 ? 56  TYR A CD2 1 
ATOM   442  C  CE1 . TYR A 1 57  ? 5.663   1.790   1.400   1.00 32.56 ? 56  TYR A CE1 1 
ATOM   443  C  CE2 . TYR A 1 57  ? 3.316   2.360   1.477   1.00 30.56 ? 56  TYR A CE2 1 
ATOM   444  C  CZ  . TYR A 1 57  ? 4.340   1.398   1.476   1.00 32.15 ? 56  TYR A CZ  1 
ATOM   445  O  OH  . TYR A 1 57  ? 4.066   0.051   1.573   1.00 31.88 ? 56  TYR A OH  1 
ATOM   446  N  N   . ALA A 1 58  ? 5.819   8.515   0.658   1.00 32.43 ? 57  ALA A N   1 
ATOM   447  C  CA  . ALA A 1 58  ? 5.753   9.861   1.202   1.00 33.12 ? 57  ALA A CA  1 
ATOM   448  C  C   . ALA A 1 58  ? 5.060   10.829  0.244   1.00 33.50 ? 57  ALA A C   1 
ATOM   449  O  O   . ALA A 1 58  ? 4.285   11.671  0.668   1.00 33.57 ? 57  ALA A O   1 
ATOM   450  C  CB  . ALA A 1 58  ? 7.147   10.363  1.559   1.00 32.82 ? 57  ALA A CB  1 
ATOM   451  N  N   . ILE A 1 59  ? 5.341   10.698  -1.047  1.00 33.76 ? 58  ILE A N   1 
ATOM   452  C  CA  . ILE A 1 59  ? 4.740   11.579  -2.028  1.00 33.71 ? 58  ILE A CA  1 
ATOM   453  C  C   . ILE A 1 59  ? 3.248   11.237  -2.188  1.00 34.25 ? 58  ILE A C   1 
ATOM   454  O  O   . ILE A 1 59  ? 2.411   12.133  -2.323  1.00 34.57 ? 58  ILE A O   1 
ATOM   455  C  CB  . ILE A 1 59  ? 5.508   11.511  -3.355  1.00 33.26 ? 58  ILE A CB  1 
ATOM   456  C  CG1 . ILE A 1 59  ? 6.914   12.104  -3.182  1.00 32.82 ? 58  ILE A CG1 1 
ATOM   457  C  CG2 . ILE A 1 59  ? 4.717   12.215  -4.472  1.00 33.50 ? 58  ILE A CG2 1 
ATOM   458  C  CD1 . ILE A 1 59  ? 7.865   11.951  -4.416  1.00 32.74 ? 58  ILE A CD1 1 
ATOM   459  N  N   . ALA A 1 60  ? 2.908   9.953   -2.150  1.00 34.30 ? 59  ALA A N   1 
ATOM   460  C  CA  . ALA A 1 60  ? 1.506   9.570   -2.282  1.00 34.62 ? 59  ALA A CA  1 
ATOM   461  C  C   . ALA A 1 60  ? 0.698   10.191  -1.143  1.00 34.73 ? 59  ALA A C   1 
ATOM   462  O  O   . ALA A 1 60  ? -0.423  10.645  -1.362  1.00 34.53 ? 59  ALA A O   1 
ATOM   463  C  CB  . ALA A 1 60  ? 1.342   8.042   -2.324  1.00 33.90 ? 59  ALA A CB  1 
ATOM   464  N  N   . ILE A 1 61  ? 1.304   10.246  0.047   1.00 35.22 ? 60  ILE A N   1 
ATOM   465  C  CA  . ILE A 1 61  ? 0.650   10.734  1.265   1.00 35.52 ? 60  ILE A CA  1 
ATOM   466  C  C   . ILE A 1 61  ? 0.512   12.248  1.242   1.00 36.70 ? 60  ILE A C   1 
ATOM   467  O  O   . ILE A 1 61  ? -0.520  12.794  1.641   1.00 36.63 ? 60  ILE A O   1 
ATOM   468  C  CB  . ILE A 1 61  ? 1.418   10.277  2.532   1.00 35.03 ? 60  ILE A CB  1 
ATOM   469  C  CG1 . ILE A 1 61  ? 1.291   8.760   2.731   1.00 33.95 ? 60  ILE A CG1 1 
ATOM   470  C  CG2 . ILE A 1 61  ? 0.899   10.987  3.782   1.00 34.31 ? 60  ILE A CG2 1 
ATOM   471  C  CD1 . ILE A 1 61  ? 2.335   8.155   3.702   1.00 29.40 ? 60  ILE A CD1 1 
ATOM   472  N  N   . ILE A 1 62  ? 1.559   12.922  0.781   1.00 38.06 ? 61  ILE A N   1 
ATOM   473  C  CA  . ILE A 1 62  ? 1.545   14.378  0.709   1.00 39.51 ? 61  ILE A CA  1 
ATOM   474  C  C   . ILE A 1 62  ? 0.492   14.837  -0.296  1.00 40.38 ? 61  ILE A C   1 
ATOM   475  O  O   . ILE A 1 62  ? -0.275  15.760  -0.018  1.00 41.43 ? 61  ILE A O   1 
ATOM   476  C  CB  . ILE A 1 62  ? 2.954   14.948  0.386   1.00 39.56 ? 61  ILE A CB  1 
ATOM   477  C  CG1 . ILE A 1 62  ? 3.937   14.629  1.522   1.00 39.28 ? 61  ILE A CG1 1 
ATOM   478  C  CG2 . ILE A 1 62  ? 2.904   16.473  0.164   1.00 39.23 ? 61  ILE A CG2 1 
ATOM   479  C  CD1 . ILE A 1 62  ? 5.400   14.697  1.117   1.00 38.09 ? 61  ILE A CD1 1 
ATOM   480  N  N   . GLN A 1 63  ? 0.431   14.157  -1.433  1.00 40.94 ? 62  GLN A N   1 
ATOM   481  C  CA  . GLN A 1 63  ? -0.458  14.538  -2.511  1.00 41.82 ? 62  GLN A CA  1 
ATOM   482  C  C   . GLN A 1 63  ? -1.919  14.271  -2.186  1.00 42.53 ? 62  GLN A C   1 
ATOM   483  O  O   . GLN A 1 63  ? -2.812  14.925  -2.733  1.00 43.04 ? 62  GLN A O   1 
ATOM   484  C  CB  . GLN A 1 63  ? -0.066  13.798  -3.785  1.00 41.75 ? 62  GLN A CB  1 
ATOM   485  C  CG  . GLN A 1 63  ? 1.116   14.448  -4.478  1.00 41.71 ? 62  GLN A CG  1 
ATOM   486  C  CD  . GLN A 1 63  ? 1.443   13.821  -5.815  1.00 41.30 ? 62  GLN A CD  1 
ATOM   487  O  OE1 . GLN A 1 63  ? 0.677   13.000  -6.337  1.00 40.33 ? 62  GLN A OE1 1 
ATOM   488  N  NE2 . GLN A 1 63  ? 2.580   14.217  -6.383  1.00 39.64 ? 62  GLN A NE2 1 
ATOM   489  N  N   . SER A 1 64  ? -2.151  13.302  -1.305  1.00 42.84 ? 63  SER A N   1 
ATOM   490  C  CA  . SER A 1 64  ? -3.492  12.934  -0.874  1.00 42.66 ? 63  SER A CA  1 
ATOM   491  C  C   . SER A 1 64  ? -4.142  14.008  0.002   1.00 42.82 ? 63  SER A C   1 
ATOM   492  O  O   . SER A 1 64  ? -5.344  13.967  0.226   1.00 42.82 ? 63  SER A O   1 
ATOM   493  C  CB  . SER A 1 64  ? -3.437  11.624  -0.096  1.00 42.40 ? 63  SER A CB  1 
ATOM   494  O  OG  . SER A 1 64  ? -2.980  11.853  1.227   1.00 41.59 ? 63  SER A OG  1 
ATOM   495  N  N   . ASP A 1 65  ? -3.337  14.927  0.532   1.00 42.98 ? 64  ASP A N   1 
ATOM   496  C  CA  . ASP A 1 65  ? -3.817  15.983  1.435   1.00 43.52 ? 64  ASP A CA  1 
ATOM   497  C  C   . ASP A 1 65  ? -4.374  15.500  2.780   1.00 43.62 ? 64  ASP A C   1 
ATOM   498  O  O   . ASP A 1 65  ? -4.878  16.306  3.571   1.00 44.28 ? 64  ASP A O   1 
ATOM   499  C  CB  . ASP A 1 65  ? -4.847  16.877  0.729   1.00 43.39 ? 64  ASP A CB  1 
ATOM   500  C  CG  . ASP A 1 65  ? -4.293  17.517  -0.528  1.00 43.38 ? 64  ASP A CG  1 
ATOM   501  O  OD1 . ASP A 1 65  ? -3.195  18.111  -0.464  1.00 42.33 ? 64  ASP A OD1 1 
ATOM   502  O  OD2 . ASP A 1 65  ? -4.883  17.470  -1.627  1.00 43.83 ? 64  ASP A OD2 1 
ATOM   503  N  N   . LEU A 1 66  ? -4.274  14.205  3.046   1.00 43.64 ? 65  LEU A N   1 
ATOM   504  C  CA  . LEU A 1 66  ? -4.791  13.634  4.288   1.00 43.77 ? 65  LEU A CA  1 
ATOM   505  C  C   . LEU A 1 66  ? -4.143  14.257  5.526   1.00 43.93 ? 65  LEU A C   1 
ATOM   506  O  O   . LEU A 1 66  ? -2.925  14.493  5.567   1.00 44.10 ? 65  LEU A O   1 
ATOM   507  C  CB  . LEU A 1 66  ? -4.621  12.111  4.299   1.00 43.62 ? 65  LEU A CB  1 
ATOM   508  C  CG  . LEU A 1 66  ? -5.100  11.382  5.556   1.00 44.08 ? 65  LEU A CG  1 
ATOM   509  C  CD1 . LEU A 1 66  ? -6.550  10.956  5.419   1.00 44.02 ? 65  LEU A CD1 1 
ATOM   510  C  CD2 . LEU A 1 66  ? -4.209  10.188  5.842   1.00 45.34 ? 65  LEU A CD2 1 
ATOM   511  N  N   . LYS A 1 67  ? -4.972  14.523  6.532   1.00 43.90 ? 66  LYS A N   1 
ATOM   512  C  CA  . LYS A 1 67  ? -4.503  15.136  7.767   1.00 43.79 ? 66  LYS A CA  1 
ATOM   513  C  C   . LYS A 1 67  ? -4.480  14.106  8.875   1.00 42.79 ? 66  LYS A C   1 
ATOM   514  O  O   . LYS A 1 67  ? -5.480  13.442  9.140   1.00 42.77 ? 66  LYS A O   1 
ATOM   515  C  CB  . LYS A 1 67  ? -5.368  16.343  8.131   1.00 44.15 ? 66  LYS A CB  1 
ATOM   516  C  CG  . LYS A 1 67  ? -5.212  17.500  7.152   1.00 47.45 ? 66  LYS A CG  1 
ATOM   517  C  CD  . LYS A 1 67  ? -5.974  18.735  7.620   1.00 53.27 ? 66  LYS A CD  1 
ATOM   518  C  CE  . LYS A 1 67  ? -7.434  18.718  7.156   1.00 55.27 ? 66  LYS A CE  1 
ATOM   519  N  NZ  . LYS A 1 67  ? -7.855  20.058  6.623   1.00 57.94 ? 66  LYS A NZ  1 
ATOM   520  N  N   . PHE A 1 68  ? -3.316  13.971  9.505   1.00 41.89 ? 67  PHE A N   1 
ATOM   521  C  CA  . PHE A 1 68  ? -3.060  12.926  10.491  1.00 40.68 ? 67  PHE A CA  1 
ATOM   522  C  C   . PHE A 1 68  ? -1.889  13.349  11.402  1.00 40.55 ? 67  PHE A C   1 
ATOM   523  O  O   . PHE A 1 68  ? -1.171  14.303  11.087  1.00 39.83 ? 67  PHE A O   1 
ATOM   524  C  CB  . PHE A 1 68  ? -2.780  11.591  9.786   1.00 39.99 ? 67  PHE A CB  1 
ATOM   525  C  CG  . PHE A 1 68  ? -1.521  11.585  8.949   1.00 39.78 ? 67  PHE A CG  1 
ATOM   526  C  CD1 . PHE A 1 68  ? -1.489  12.198  7.693   1.00 39.33 ? 67  PHE A CD1 1 
ATOM   527  C  CD2 . PHE A 1 68  ? -0.359  10.948  9.413   1.00 39.18 ? 67  PHE A CD2 1 
ATOM   528  C  CE1 . PHE A 1 68  ? -0.313  12.186  6.913   1.00 39.07 ? 67  PHE A CE1 1 
ATOM   529  C  CE2 . PHE A 1 68  ? 0.815   10.927  8.646   1.00 38.55 ? 67  PHE A CE2 1 
ATOM   530  C  CZ  . PHE A 1 68  ? 0.837   11.545  7.393   1.00 39.14 ? 67  PHE A CZ  1 
ATOM   531  N  N   . ASP A 1 69  ? -1.708  12.633  12.514  1.00 40.48 ? 68  ASP A N   1 
ATOM   532  C  CA  . ASP A 1 69  ? -0.732  12.993  13.551  1.00 40.93 ? 68  ASP A CA  1 
ATOM   533  C  C   . ASP A 1 69  ? 0.310   11.911  13.738  1.00 40.25 ? 68  ASP A C   1 
ATOM   534  O  O   . ASP A 1 69  ? 1.421   12.196  14.140  1.00 40.11 ? 68  ASP A O   1 
ATOM   535  C  CB  . ASP A 1 69  ? -1.424  13.211  14.915  1.00 41.41 ? 68  ASP A CB  1 
ATOM   536  C  CG  . ASP A 1 69  ? -2.546  14.236  14.859  1.00 43.30 ? 68  ASP A CG  1 
ATOM   537  O  OD1 . ASP A 1 69  ? -2.299  15.397  14.466  1.00 46.19 ? 68  ASP A OD1 1 
ATOM   538  O  OD2 . ASP A 1 69  ? -3.720  13.963  15.189  1.00 46.48 ? 68  ASP A OD2 1 
ATOM   539  N  N   . VAL A 1 70  ? -0.087  10.672  13.473  1.00 39.97 ? 69  VAL A N   1 
ATOM   540  C  CA  . VAL A 1 70  ? 0.701   9.481   13.753  1.00 39.97 ? 69  VAL A CA  1 
ATOM   541  C  C   . VAL A 1 70  ? 0.619   8.534   12.547  1.00 40.55 ? 69  VAL A C   1 
ATOM   542  O  O   . VAL A 1 70  ? -0.466  8.293   12.002  1.00 40.77 ? 69  VAL A O   1 
ATOM   543  C  CB  . VAL A 1 70  ? 0.155   8.719   15.000  1.00 39.82 ? 69  VAL A CB  1 
ATOM   544  C  CG1 . VAL A 1 70  ? 1.046   7.535   15.378  1.00 39.56 ? 69  VAL A CG1 1 
ATOM   545  C  CG2 . VAL A 1 70  ? -0.038  9.655   16.195  1.00 39.53 ? 69  VAL A CG2 1 
ATOM   546  N  N   . ILE A 1 71  ? 1.768   8.009   12.138  1.00 40.44 ? 70  ILE A N   1 
ATOM   547  C  CA  . ILE A 1 71  ? 1.808   6.919   11.179  1.00 40.77 ? 70  ILE A CA  1 
ATOM   548  C  C   . ILE A 1 71  ? 2.051   5.628   11.955  1.00 40.75 ? 70  ILE A C   1 
ATOM   549  O  O   . ILE A 1 71  ? 2.972   5.540   12.770  1.00 41.00 ? 70  ILE A O   1 
ATOM   550  C  CB  . ILE A 1 71  ? 2.876   7.168   10.046  1.00 40.84 ? 70  ILE A CB  1 
ATOM   551  C  CG1 . ILE A 1 71  ? 2.968   5.964   9.100   1.00 41.47 ? 70  ILE A CG1 1 
ATOM   552  C  CG2 . ILE A 1 71  ? 4.241   7.496   10.621  1.00 40.80 ? 70  ILE A CG2 1 
ATOM   553  C  CD1 . ILE A 1 71  ? 3.203   6.334   7.627   1.00 42.15 ? 70  ILE A CD1 1 
ATOM   554  N  N   . PHE A 1 72  ? 1.211   4.634   11.705  1.00 40.71 ? 71  PHE A N   1 
ATOM   555  C  CA  . PHE A 1 72  ? 1.237   3.405   12.468  1.00 40.80 ? 71  PHE A CA  1 
ATOM   556  C  C   . PHE A 1 72  ? 1.461   2.224   11.548  1.00 41.01 ? 71  PHE A C   1 
ATOM   557  O  O   . PHE A 1 72  ? 0.757   2.069   10.546  1.00 40.69 ? 71  PHE A O   1 
ATOM   558  C  CB  . PHE A 1 72  ? -0.080  3.244   13.237  1.00 40.99 ? 71  PHE A CB  1 
ATOM   559  C  CG  . PHE A 1 72  ? -0.186  1.959   14.016  1.00 40.31 ? 71  PHE A CG  1 
ATOM   560  C  CD1 . PHE A 1 72  ? -0.621  0.790   13.401  1.00 39.93 ? 71  PHE A CD1 1 
ATOM   561  C  CD2 . PHE A 1 72  ? 0.123   1.930   15.367  1.00 40.68 ? 71  PHE A CD2 1 
ATOM   562  C  CE1 . PHE A 1 72  ? -0.725  -0.391  14.111  1.00 41.06 ? 71  PHE A CE1 1 
ATOM   563  C  CE2 . PHE A 1 72  ? 0.017   0.760   16.089  1.00 41.39 ? 71  PHE A CE2 1 
ATOM   564  C  CZ  . PHE A 1 72  ? -0.405  -0.407  15.464  1.00 42.17 ? 71  PHE A CZ  1 
ATOM   565  N  N   . GLY A 1 73  ? 2.427   1.378   11.907  1.00 41.28 ? 72  GLY A N   1 
ATOM   566  C  CA  . GLY A 1 73  ? 2.730   0.201   11.123  1.00 41.77 ? 72  GLY A CA  1 
ATOM   567  C  C   . GLY A 1 73  ? 2.556   -1.080  11.906  1.00 42.40 ? 72  GLY A C   1 
ATOM   568  O  O   . GLY A 1 73  ? 3.259   -1.290  12.882  1.00 42.98 ? 72  GLY A O   1 
ATOM   569  N  N   . PRO A 1 74  ? 1.619   -1.927  11.487  1.00 42.60 ? 73  PRO A N   1 
ATOM   570  C  CA  . PRO A 1 74  ? 1.366   -3.218  12.141  1.00 42.81 ? 73  PRO A CA  1 
ATOM   571  C  C   . PRO A 1 74  ? 2.594   -4.122  12.131  1.00 43.15 ? 73  PRO A C   1 
ATOM   572  O  O   . PRO A 1 74  ? 3.228   -4.208  11.083  1.00 43.70 ? 73  PRO A O   1 
ATOM   573  C  CB  . PRO A 1 74  ? 0.270   -3.847  11.258  1.00 42.50 ? 73  PRO A CB  1 
ATOM   574  C  CG  . PRO A 1 74  ? -0.383  -2.703  10.580  1.00 42.39 ? 73  PRO A CG  1 
ATOM   575  C  CD  . PRO A 1 74  ? 0.704   -1.689  10.358  1.00 42.52 ? 73  PRO A CD  1 
ATOM   576  N  N   . ALA A 1 75  ? 2.920   -4.771  13.252  1.00 43.27 ? 74  ALA A N   1 
ATOM   577  C  CA  . ALA A 1 75  ? 4.014   -5.759  13.298  1.00 43.37 ? 74  ALA A CA  1 
ATOM   578  C  C   . ALA A 1 75  ? 3.706   -6.897  12.336  1.00 43.32 ? 74  ALA A C   1 
ATOM   579  O  O   . ALA A 1 75  ? 2.566   -7.349  12.298  1.00 43.84 ? 74  ALA A O   1 
ATOM   580  C  CB  . ALA A 1 75  ? 4.174   -6.303  14.703  1.00 43.51 ? 74  ALA A CB  1 
ATOM   581  N  N   . TYR A 1 76  ? 4.683   -7.381  11.570  1.00 43.11 ? 75  TYR A N   1 
ATOM   582  C  CA  . TYR A 1 76  ? 6.086   -6.956  11.629  1.00 43.09 ? 75  TYR A CA  1 
ATOM   583  C  C   . TYR A 1 76  ? 6.494   -6.087  10.443  1.00 42.28 ? 75  TYR A C   1 
ATOM   584  O  O   . TYR A 1 76  ? 7.371   -5.229  10.569  1.00 42.68 ? 75  TYR A O   1 
ATOM   585  C  CB  . TYR A 1 76  ? 7.009   -8.178  11.668  1.00 43.05 ? 75  TYR A CB  1 
ATOM   586  C  CG  . TYR A 1 76  ? 7.183   -8.766  13.042  1.00 45.85 ? 75  TYR A CG  1 
ATOM   587  C  CD1 . TYR A 1 76  ? 8.117   -8.231  13.936  1.00 48.02 ? 75  TYR A CD1 1 
ATOM   588  C  CD2 . TYR A 1 76  ? 6.421   -9.865  13.454  1.00 47.47 ? 75  TYR A CD2 1 
ATOM   589  C  CE1 . TYR A 1 76  ? 8.289   -8.770  15.208  1.00 50.05 ? 75  TYR A CE1 1 
ATOM   590  C  CE2 . TYR A 1 76  ? 6.585   -10.419 14.726  1.00 49.60 ? 75  TYR A CE2 1 
ATOM   591  C  CZ  . TYR A 1 76  ? 7.516   -9.865  15.605  1.00 51.32 ? 75  TYR A CZ  1 
ATOM   592  O  OH  . TYR A 1 76  ? 7.677   -10.392 16.874  1.00 51.88 ? 75  TYR A OH  1 
ATOM   593  N  N   . LYS A 1 77  ? 5.864   -6.327  9.298   1.00 41.36 ? 76  LYS A N   1 
ATOM   594  C  CA  . LYS A 1 77  ? 6.239   -5.702  8.036   1.00 40.46 ? 76  LYS A CA  1 
ATOM   595  C  C   . LYS A 1 77  ? 6.012   -4.190  8.028   1.00 39.20 ? 76  LYS A C   1 
ATOM   596  O  O   . LYS A 1 77  ? 6.668   -3.473  7.285   1.00 38.95 ? 76  LYS A O   1 
ATOM   597  C  CB  . LYS A 1 77  ? 5.486   -6.355  6.869   1.00 40.81 ? 76  LYS A CB  1 
ATOM   598  C  CG  . LYS A 1 77  ? 5.835   -7.823  6.622   1.00 43.05 ? 76  LYS A CG  1 
ATOM   599  C  CD  . LYS A 1 77  ? 7.316   -8.029  6.341   1.00 46.26 ? 76  LYS A CD  1 
ATOM   600  C  CE  . LYS A 1 77  ? 7.595   -9.365  5.641   1.00 48.55 ? 76  LYS A CE  1 
ATOM   601  N  NZ  . LYS A 1 77  ? 8.745   -9.237  4.669   1.00 49.89 ? 76  LYS A NZ  1 
ATOM   602  N  N   . GLY A 1 78  ? 5.093   -3.715  8.858   1.00 37.66 ? 77  GLY A N   1 
ATOM   603  C  CA  . GLY A 1 78  ? 4.752   -2.307  8.896   1.00 36.60 ? 77  GLY A CA  1 
ATOM   604  C  C   . GLY A 1 78  ? 5.647   -1.473  9.787   1.00 35.98 ? 77  GLY A C   1 
ATOM   605  O  O   . GLY A 1 78  ? 5.594   -0.246  9.734   1.00 35.67 ? 77  GLY A O   1 
ATOM   606  N  N   . ILE A 1 79  ? 6.492   -2.123  10.592  1.00 35.64 ? 78  ILE A N   1 
ATOM   607  C  CA  . ILE A 1 79  ? 7.349   -1.400  11.538  1.00 34.92 ? 78  ILE A CA  1 
ATOM   608  C  C   . ILE A 1 79  ? 8.432   -0.566  10.840  1.00 33.82 ? 78  ILE A C   1 
ATOM   609  O  O   . ILE A 1 79  ? 8.584   0.617   11.132  1.00 34.06 ? 78  ILE A O   1 
ATOM   610  C  CB  . ILE A 1 79  ? 7.995   -2.354  12.574  1.00 35.20 ? 78  ILE A CB  1 
ATOM   611  C  CG1 . ILE A 1 79  ? 6.937   -3.262  13.205  1.00 36.22 ? 78  ILE A CG1 1 
ATOM   612  C  CG2 . ILE A 1 79  ? 8.789   -1.541  13.632  1.00 34.43 ? 78  ILE A CG2 1 
ATOM   613  C  CD1 . ILE A 1 79  ? 7.503   -4.482  13.942  1.00 35.71 ? 78  ILE A CD1 1 
ATOM   614  N  N   . PRO A 1 80  ? 9.202   -1.178  9.951   1.00 32.77 ? 79  PRO A N   1 
ATOM   615  C  CA  . PRO A 1 80  ? 10.256  -0.449  9.231   1.00 32.13 ? 79  PRO A CA  1 
ATOM   616  C  C   . PRO A 1 80  ? 9.686   0.540   8.225   1.00 31.25 ? 79  PRO A C   1 
ATOM   617  O  O   . PRO A 1 80  ? 10.306  1.584   7.979   1.00 31.41 ? 79  PRO A O   1 
ATOM   618  C  CB  . PRO A 1 80  ? 11.013  -1.542  8.492   1.00 31.70 ? 79  PRO A CB  1 
ATOM   619  C  CG  . PRO A 1 80  ? 10.429  -2.832  8.930   1.00 32.24 ? 79  PRO A CG  1 
ATOM   620  C  CD  . PRO A 1 80  ? 9.150   -2.600  9.582   1.00 33.03 ? 79  PRO A CD  1 
ATOM   621  N  N   . LEU A 1 81  ? 8.529   0.198   7.658   1.00 30.27 ? 80  LEU A N   1 
ATOM   622  C  CA  . LEU A 1 81  ? 7.833   1.034   6.691   1.00 29.33 ? 80  LEU A CA  1 
ATOM   623  C  C   . LEU A 1 81  ? 7.304   2.304   7.339   1.00 29.41 ? 80  LEU A C   1 
ATOM   624  O  O   . LEU A 1 81  ? 7.543   3.394   6.829   1.00 30.21 ? 80  LEU A O   1 
ATOM   625  C  CB  . LEU A 1 81  ? 6.697   0.258   6.025   1.00 28.97 ? 80  LEU A CB  1 
ATOM   626  C  CG  . LEU A 1 81  ? 7.044   -0.960  5.154   1.00 27.16 ? 80  LEU A CG  1 
ATOM   627  C  CD1 . LEU A 1 81  ? 5.776   -1.528  4.513   1.00 25.41 ? 80  LEU A CD1 1 
ATOM   628  C  CD2 . LEU A 1 81  ? 8.045   -0.595  4.098   1.00 25.41 ? 80  LEU A CD2 1 
ATOM   629  N  N   . ALA A 1 82  ? 6.613   2.163   8.466   1.00 28.73 ? 81  ALA A N   1 
ATOM   630  C  CA  . ALA A 1 82  ? 6.138   3.312   9.236   1.00 29.05 ? 81  ALA A CA  1 
ATOM   631  C  C   . ALA A 1 82  ? 7.280   4.256   9.558   1.00 28.76 ? 81  ALA A C   1 
ATOM   632  O  O   . ALA A 1 82  ? 7.135   5.488   9.450   1.00 28.29 ? 81  ALA A O   1 
ATOM   633  C  CB  . ALA A 1 82  ? 5.452   2.847   10.547  1.00 28.62 ? 81  ALA A CB  1 
ATOM   634  N  N   . ALA A 1 83  ? 8.411   3.652   9.945   1.00 28.42 ? 82  ALA A N   1 
ATOM   635  C  CA  . ALA A 1 83  ? 9.606   4.372   10.395  1.00 27.86 ? 82  ALA A CA  1 
ATOM   636  C  C   . ALA A 1 83  ? 10.281  5.192   9.291   1.00 27.52 ? 82  ALA A C   1 
ATOM   637  O  O   . ALA A 1 83  ? 10.504  6.392   9.459   1.00 27.09 ? 82  ALA A O   1 
ATOM   638  C  CB  . ALA A 1 83  ? 10.608  3.399   11.020  1.00 27.38 ? 82  ALA A CB  1 
ATOM   639  N  N   . ILE A 1 84  ? 10.612  4.551   8.173   1.00 27.24 ? 83  ILE A N   1 
ATOM   640  C  CA  . ILE A 1 84  ? 11.337  5.253   7.097   1.00 28.03 ? 83  ILE A CA  1 
ATOM   641  C  C   . ILE A 1 84  ? 10.479  6.331   6.413   1.00 28.48 ? 83  ILE A C   1 
ATOM   642  O  O   . ILE A 1 84  ? 10.998  7.342   5.943   1.00 28.07 ? 83  ILE A O   1 
ATOM   643  C  CB  . ILE A 1 84  ? 11.936  4.248   6.049   1.00 28.06 ? 83  ILE A CB  1 
ATOM   644  C  CG1 . ILE A 1 84  ? 10.823  3.466   5.327   1.00 28.63 ? 83  ILE A CG1 1 
ATOM   645  C  CG2 . ILE A 1 84  ? 12.975  3.324   6.717   1.00 26.85 ? 83  ILE A CG2 1 
ATOM   646  C  CD1 . ILE A 1 84  ? 11.302  2.482   4.219   1.00 27.94 ? 83  ILE A CD1 1 
ATOM   647  N  N   . VAL A 1 85  ? 9.164   6.098   6.384   1.00 29.19 ? 84  VAL A N   1 
ATOM   648  C  CA  . VAL A 1 85  ? 8.209   6.992   5.757   1.00 29.34 ? 84  VAL A CA  1 
ATOM   649  C  C   . VAL A 1 85  ? 7.916   8.185   6.651   1.00 30.42 ? 84  VAL A C   1 
ATOM   650  O  O   . VAL A 1 85  ? 7.763   9.289   6.143   1.00 31.10 ? 84  VAL A O   1 
ATOM   651  C  CB  . VAL A 1 85  ? 6.922   6.251   5.356   1.00 29.52 ? 84  VAL A CB  1 
ATOM   652  C  CG1 . VAL A 1 85  ? 5.843   7.233   4.854   1.00 28.92 ? 84  VAL A CG1 1 
ATOM   653  C  CG2 . VAL A 1 85  ? 7.233   5.184   4.276   1.00 27.79 ? 84  VAL A CG2 1 
ATOM   654  N  N   . CYS A 1 86  ? 7.882   7.978   7.970   1.00 31.38 ? 85  CYS A N   1 
ATOM   655  C  CA  . CYS A 1 86  ? 7.743   9.079   8.943   1.00 32.21 ? 85  CYS A CA  1 
ATOM   656  C  C   . CYS A 1 86  ? 8.896   10.047  8.746   1.00 32.60 ? 85  CYS A C   1 
ATOM   657  O  O   . CYS A 1 86  ? 8.688   11.267  8.661   1.00 32.84 ? 85  CYS A O   1 
ATOM   658  C  CB  . CYS A 1 86  ? 7.739   8.554   10.386  1.00 32.14 ? 85  CYS A CB  1 
ATOM   659  S  SG  . CYS A 1 86  ? 7.548   9.785   11.721  1.00 32.91 ? 85  CYS A SG  1 
ATOM   660  N  N   . VAL A 1 87  ? 10.101  9.480   8.646   1.00 32.71 ? 86  VAL A N   1 
ATOM   661  C  CA  . VAL A 1 87  ? 11.331  10.212  8.376   1.00 32.53 ? 86  VAL A CA  1 
ATOM   662  C  C   . VAL A 1 87  ? 11.200  10.994  7.070   1.00 33.85 ? 86  VAL A C   1 
ATOM   663  O  O   . VAL A 1 87  ? 11.434  12.206  7.044   1.00 33.88 ? 86  VAL A O   1 
ATOM   664  C  CB  . VAL A 1 87  ? 12.552  9.243   8.307   1.00 32.66 ? 86  VAL A CB  1 
ATOM   665  C  CG1 . VAL A 1 87  ? 13.770  9.901   7.634   1.00 31.52 ? 86  VAL A CG1 1 
ATOM   666  C  CG2 . VAL A 1 87  ? 12.920  8.737   9.694   1.00 30.99 ? 86  VAL A CG2 1 
ATOM   667  N  N   . LYS A 1 88  ? 10.817  10.306  5.992   1.00 34.65 ? 87  LYS A N   1 
ATOM   668  C  CA  . LYS A 1 88  ? 10.772  10.931  4.671   1.00 35.72 ? 87  LYS A CA  1 
ATOM   669  C  C   . LYS A 1 88  ? 9.825   12.115  4.626   1.00 35.81 ? 87  LYS A C   1 
ATOM   670  O  O   . LYS A 1 88  ? 10.146  13.133  4.027   1.00 36.13 ? 87  LYS A O   1 
ATOM   671  C  CB  . LYS A 1 88  ? 10.351  9.940   3.589   1.00 35.86 ? 87  LYS A CB  1 
ATOM   672  C  CG  . LYS A 1 88  ? 11.480  9.387   2.762   1.00 37.69 ? 87  LYS A CG  1 
ATOM   673  C  CD  . LYS A 1 88  ? 12.251  10.423  1.960   1.00 39.74 ? 87  LYS A CD  1 
ATOM   674  C  CE  . LYS A 1 88  ? 13.688  9.944   1.777   1.00 42.01 ? 87  LYS A CE  1 
ATOM   675  N  NZ  . LYS A 1 88  ? 14.324  9.532   3.094   1.00 44.74 ? 87  LYS A NZ  1 
ATOM   676  N  N   . LEU A 1 89  ? 8.656   11.954  5.243   1.00 36.05 ? 88  LEU A N   1 
ATOM   677  C  CA  . LEU A 1 89  ? 7.638   12.988  5.288   1.00 36.04 ? 88  LEU A CA  1 
ATOM   678  C  C   . LEU A 1 89  ? 8.267   14.283  5.814   1.00 36.28 ? 88  LEU A C   1 
ATOM   679  O  O   . LEU A 1 89  ? 8.224   15.308  5.139   1.00 36.78 ? 88  LEU A O   1 
ATOM   680  C  CB  . LEU A 1 89  ? 6.424   12.533  6.131   1.00 36.11 ? 88  LEU A CB  1 
ATOM   681  C  CG  . LEU A 1 89  ? 5.390   11.568  5.516   1.00 35.54 ? 88  LEU A CG  1 
ATOM   682  C  CD1 . LEU A 1 89  ? 4.408   11.044  6.549   1.00 35.73 ? 88  LEU A CD1 1 
ATOM   683  C  CD2 . LEU A 1 89  ? 4.606   12.239  4.422   1.00 36.32 ? 88  LEU A CD2 1 
ATOM   684  N  N   . ALA A 1 90  ? 8.897   14.214  6.986   1.00 36.02 ? 89  ALA A N   1 
ATOM   685  C  CA  . ALA A 1 90  ? 9.651   15.339  7.556   1.00 36.00 ? 89  ALA A CA  1 
ATOM   686  C  C   . ALA A 1 90  ? 10.749  15.911  6.645   1.00 36.17 ? 89  ALA A C   1 
ATOM   687  O  O   . ALA A 1 90  ? 11.023  17.113  6.702   1.00 36.30 ? 89  ALA A O   1 
ATOM   688  C  CB  . ALA A 1 90  ? 10.248  14.944  8.898   1.00 35.51 ? 89  ALA A CB  1 
ATOM   689  N  N   . GLU A 1 91  ? 11.374  15.064  5.821   1.00 36.02 ? 90  GLU A N   1 
ATOM   690  C  CA  . GLU A 1 91  ? 12.496  15.488  4.976   1.00 36.31 ? 90  GLU A CA  1 
ATOM   691  C  C   . GLU A 1 91  ? 12.071  16.217  3.693   1.00 37.03 ? 90  GLU A C   1 
ATOM   692  O  O   . GLU A 1 91  ? 12.796  17.079  3.194   1.00 36.94 ? 90  GLU A O   1 
ATOM   693  C  CB  . GLU A 1 91  ? 13.398  14.301  4.620   1.00 35.97 ? 90  GLU A CB  1 
ATOM   694  C  CG  . GLU A 1 91  ? 14.396  13.921  5.711   1.00 35.17 ? 90  GLU A CG  1 
ATOM   695  C  CD  . GLU A 1 91  ? 14.964  12.514  5.562   1.00 31.91 ? 90  GLU A CD  1 
ATOM   696  O  OE1 . GLU A 1 91  ? 14.640  11.836  4.574   1.00 32.74 ? 90  GLU A OE1 1 
ATOM   697  O  OE2 . GLU A 1 91  ? 15.747  12.086  6.438   1.00 29.65 ? 90  GLU A OE2 1 
ATOM   698  N  N   . ILE A 1 92  ? 10.907  15.864  3.153   1.00 37.68 ? 91  ILE A N   1 
ATOM   699  C  CA  . ILE A 1 92  ? 10.471  16.413  1.870   1.00 38.36 ? 91  ILE A CA  1 
ATOM   700  C  C   . ILE A 1 92  ? 9.086   17.048  1.935   1.00 39.21 ? 91  ILE A C   1 
ATOM   701  O  O   . ILE A 1 92  ? 8.635   17.660  0.974   1.00 39.77 ? 91  ILE A O   1 
ATOM   702  C  CB  . ILE A 1 92  ? 10.506  15.320  0.777   1.00 38.18 ? 91  ILE A CB  1 
ATOM   703  C  CG1 . ILE A 1 92  ? 9.486   14.213  1.089   1.00 36.76 ? 91  ILE A CG1 1 
ATOM   704  C  CG2 . ILE A 1 92  ? 11.937  14.762  0.618   1.00 38.06 ? 91  ILE A CG2 1 
ATOM   705  C  CD1 . ILE A 1 92  ? 9.180   13.296  -0.075  1.00 33.49 ? 91  ILE A CD1 1 
ATOM   706  N  N   . GLY A 1 93  ? 8.418   16.903  3.071   1.00 40.32 ? 92  GLY A N   1 
ATOM   707  C  CA  . GLY A 1 93  ? 7.034   17.318  3.198   1.00 41.69 ? 92  GLY A CA  1 
ATOM   708  C  C   . GLY A 1 93  ? 6.835   18.733  3.700   1.00 42.60 ? 92  GLY A C   1 
ATOM   709  O  O   . GLY A 1 93  ? 5.710   19.235  3.677   1.00 42.77 ? 92  GLY A O   1 
ATOM   710  N  N   . GLY A 1 94  ? 7.917   19.369  4.150   1.00 43.41 ? 93  GLY A N   1 
ATOM   711  C  CA  . GLY A 1 94  ? 7.857   20.729  4.668   1.00 44.28 ? 93  GLY A CA  1 
ATOM   712  C  C   . GLY A 1 94  ? 7.496   20.805  6.138   1.00 44.62 ? 93  GLY A C   1 
ATOM   713  O  O   . GLY A 1 94  ? 7.440   19.790  6.821   1.00 45.05 ? 93  GLY A O   1 
ATOM   714  N  N   . SER A 1 95  ? 7.235   22.015  6.615   1.00 45.24 ? 94  SER A N   1 
ATOM   715  C  CA  . SER A 1 95  ? 6.975   22.278  8.036   1.00 46.08 ? 94  SER A CA  1 
ATOM   716  C  C   . SER A 1 95  ? 5.814   21.496  8.659   1.00 46.30 ? 94  SER A C   1 
ATOM   717  O  O   . SER A 1 95  ? 5.814   21.241  9.871   1.00 46.98 ? 94  SER A O   1 
ATOM   718  C  CB  . SER A 1 95  ? 6.702   23.763  8.234   1.00 46.20 ? 94  SER A CB  1 
ATOM   719  O  OG  . SER A 1 95  ? 5.520   24.107  7.535   1.00 46.66 ? 94  SER A OG  1 
ATOM   720  N  N   . LYS A 1 96  ? 4.817   21.137  7.853   1.00 46.21 ? 95  LYS A N   1 
ATOM   721  C  CA  . LYS A 1 96  ? 3.629   20.466  8.386   1.00 46.28 ? 95  LYS A CA  1 
ATOM   722  C  C   . LYS A 1 96  ? 3.926   19.031  8.839   1.00 45.47 ? 95  LYS A C   1 
ATOM   723  O  O   . LYS A 1 96  ? 3.243   18.512  9.722   1.00 45.29 ? 95  LYS A O   1 
ATOM   724  C  CB  . LYS A 1 96  ? 2.469   20.495  7.380   1.00 46.98 ? 95  LYS A CB  1 
ATOM   725  C  CG  . LYS A 1 96  ? 2.090   21.894  6.898   1.00 49.23 ? 95  LYS A CG  1 
ATOM   726  C  CD  . LYS A 1 96  ? 0.921   21.875  5.907   1.00 53.62 ? 95  LYS A CD  1 
ATOM   727  C  CE  . LYS A 1 96  ? 0.385   23.308  5.647   1.00 55.82 ? 95  LYS A CE  1 
ATOM   728  N  NZ  . LYS A 1 96  ? -0.483  23.406  4.435   1.00 56.02 ? 95  LYS A NZ  1 
ATOM   729  N  N   . PHE A 1 97  ? 4.957   18.414  8.258   1.00 44.31 ? 96  PHE A N   1 
ATOM   730  C  CA  . PHE A 1 97  ? 5.276   17.012  8.545   1.00 43.67 ? 96  PHE A CA  1 
ATOM   731  C  C   . PHE A 1 97  ? 6.470   16.824  9.494   1.00 43.42 ? 96  PHE A C   1 
ATOM   732  O  O   . PHE A 1 97  ? 6.940   15.699  9.682   1.00 43.24 ? 96  PHE A O   1 
ATOM   733  C  CB  . PHE A 1 97  ? 5.499   16.229  7.244   1.00 43.12 ? 96  PHE A CB  1 
ATOM   734  C  CG  . PHE A 1 97  ? 4.279   16.141  6.369   1.00 43.09 ? 96  PHE A CG  1 
ATOM   735  C  CD1 . PHE A 1 97  ? 4.030   17.110  5.400   1.00 42.87 ? 96  PHE A CD1 1 
ATOM   736  C  CD2 . PHE A 1 97  ? 3.380   15.093  6.507   1.00 42.69 ? 96  PHE A CD2 1 
ATOM   737  C  CE1 . PHE A 1 97  ? 2.905   17.035  4.596   1.00 43.51 ? 96  PHE A CE1 1 
ATOM   738  C  CE2 . PHE A 1 97  ? 2.250   15.002  5.700   1.00 42.47 ? 96  PHE A CE2 1 
ATOM   739  C  CZ  . PHE A 1 97  ? 2.007   15.968  4.744   1.00 43.16 ? 96  PHE A CZ  1 
ATOM   740  N  N   . GLN A 1 98  ? 6.940   17.917  10.098  1.00 43.34 ? 97  GLN A N   1 
ATOM   741  C  CA  . GLN A 1 98  ? 8.088   17.886  11.016  1.00 43.13 ? 97  GLN A CA  1 
ATOM   742  C  C   . GLN A 1 98  ? 7.806   17.053  12.278  1.00 43.39 ? 97  GLN A C   1 
ATOM   743  O  O   . GLN A 1 98  ? 8.663   16.284  12.736  1.00 42.72 ? 97  GLN A O   1 
ATOM   744  C  CB  . GLN A 1 98  ? 8.461   19.309  11.427  1.00 43.09 ? 97  GLN A CB  1 
ATOM   745  C  CG  . GLN A 1 98  ? 9.658   19.981  10.725  1.00 43.62 ? 97  GLN A CG  1 
ATOM   746  C  CD  . GLN A 1 98  ? 10.395  19.110  9.708   1.00 44.24 ? 97  GLN A CD  1 
ATOM   747  O  OE1 . GLN A 1 98  ? 11.532  18.694  9.963   1.00 46.04 ? 97  GLN A OE1 1 
ATOM   748  N  NE2 . GLN A 1 98  ? 9.779   18.877  8.544   1.00 41.77 ? 97  GLN A NE2 1 
ATOM   749  N  N   . ASN A 1 99  ? 6.587   17.192  12.813  1.00 43.28 ? 98  ASN A N   1 
ATOM   750  C  CA  . ASN A 1 99  ? 6.266   16.684  14.140  1.00 43.48 ? 98  ASN A CA  1 
ATOM   751  C  C   . ASN A 1 99  ? 5.356   15.471  14.152  1.00 43.23 ? 98  ASN A C   1 
ATOM   752  O  O   . ASN A 1 99  ? 4.780   15.138  15.188  1.00 43.02 ? 98  ASN A O   1 
ATOM   753  C  CB  . ASN A 1 99  ? 5.668   17.796  15.003  1.00 43.84 ? 98  ASN A CB  1 
ATOM   754  C  CG  . ASN A 1 99  ? 6.638   18.928  15.245  1.00 45.43 ? 98  ASN A CG  1 
ATOM   755  O  OD1 . ASN A 1 99  ? 7.862   18.766  15.137  1.00 47.10 ? 98  ASN A OD1 1 
ATOM   756  N  ND2 . ASN A 1 99  ? 6.098   20.098  15.572  1.00 48.20 ? 98  ASN A ND2 1 
ATOM   757  N  N   . ILE A 1 100 ? 5.248   14.809  13.004  1.00 42.86 ? 99  ILE A N   1 
ATOM   758  C  CA  . ILE A 1 100 ? 4.485   13.573  12.882  1.00 42.62 ? 99  ILE A CA  1 
ATOM   759  C  C   . ILE A 1 100 ? 5.177   12.470  13.674  1.00 42.82 ? 99  ILE A C   1 
ATOM   760  O  O   . ILE A 1 100 ? 6.387   12.255  13.534  1.00 42.53 ? 99  ILE A O   1 
ATOM   761  C  CB  . ILE A 1 100 ? 4.285   13.217  11.375  1.00 42.59 ? 99  ILE A CB  1 
ATOM   762  C  CG1 . ILE A 1 100 ? 3.290   14.215  10.772  1.00 43.47 ? 99  ILE A CG1 1 
ATOM   763  C  CG2 . ILE A 1 100 ? 3.850   11.758  11.174  1.00 41.31 ? 99  ILE A CG2 1 
ATOM   764  C  CD1 . ILE A 1 100 ? 2.496   13.710  9.628   1.00 45.15 ? 99  ILE A CD1 1 
ATOM   765  N  N   . GLN A 1 101 ? 4.415   11.811  14.543  1.00 42.93 ? 100 GLN A N   1 
ATOM   766  C  CA  . GLN A 1 101 ? 4.945   10.730  15.360  1.00 43.54 ? 100 GLN A CA  1 
ATOM   767  C  C   . GLN A 1 101 ? 4.792   9.447   14.586  1.00 43.73 ? 100 GLN A C   1 
ATOM   768  O  O   . GLN A 1 101 ? 3.994   9.374   13.643  1.00 43.66 ? 100 GLN A O   1 
ATOM   769  C  CB  . GLN A 1 101 ? 4.201   10.611  16.699  1.00 43.73 ? 100 GLN A CB  1 
ATOM   770  C  CG  . GLN A 1 101 ? 3.988   11.930  17.460  1.00 45.45 ? 100 GLN A CG  1 
ATOM   771  C  CD  . GLN A 1 101 ? 4.648   11.938  18.839  1.00 48.43 ? 100 GLN A CD  1 
ATOM   772  O  OE1 . GLN A 1 101 ? 5.048   10.886  19.360  1.00 49.82 ? 100 GLN A OE1 1 
ATOM   773  N  NE2 . GLN A 1 101 ? 4.778   13.126  19.422  1.00 48.39 ? 100 GLN A NE2 1 
ATOM   774  N  N   . TYR A 1 102 ? 5.563   8.432   14.966  1.00 43.72 ? 101 TYR A N   1 
ATOM   775  C  CA  . TYR A 1 102 ? 5.293   7.092   14.473  1.00 43.87 ? 101 TYR A CA  1 
ATOM   776  C  C   . TYR A 1 102 ? 5.096   6.126   15.637  1.00 44.56 ? 101 TYR A C   1 
ATOM   777  O  O   . TYR A 1 102 ? 5.495   6.410   16.768  1.00 44.21 ? 101 TYR A O   1 
ATOM   778  C  CB  . TYR A 1 102 ? 6.361   6.622   13.472  1.00 43.74 ? 101 TYR A CB  1 
ATOM   779  C  CG  . TYR A 1 102 ? 7.286   5.563   13.989  1.00 41.98 ? 101 TYR A CG  1 
ATOM   780  C  CD1 . TYR A 1 102 ? 7.206   4.245   13.527  1.00 41.45 ? 101 TYR A CD1 1 
ATOM   781  C  CD2 . TYR A 1 102 ? 8.248   5.881   14.935  1.00 41.10 ? 101 TYR A CD2 1 
ATOM   782  C  CE1 . TYR A 1 102 ? 8.068   3.265   14.009  1.00 41.44 ? 101 TYR A CE1 1 
ATOM   783  C  CE2 . TYR A 1 102 ? 9.097   4.927   15.424  1.00 42.60 ? 101 TYR A CE2 1 
ATOM   784  C  CZ  . TYR A 1 102 ? 9.007   3.629   14.963  1.00 43.03 ? 101 TYR A CZ  1 
ATOM   785  O  OH  . TYR A 1 102 ? 9.879   2.729   15.500  1.00 45.10 ? 101 TYR A OH  1 
ATOM   786  N  N   . ALA A 1 103 ? 4.462   4.995   15.341  1.00 45.53 ? 102 ALA A N   1 
ATOM   787  C  CA  . ALA A 1 103 ? 4.094   4.017   16.341  1.00 46.78 ? 102 ALA A CA  1 
ATOM   788  C  C   . ALA A 1 103 ? 3.824   2.713   15.658  1.00 47.97 ? 102 ALA A C   1 
ATOM   789  O  O   . ALA A 1 103 ? 3.611   2.668   14.446  1.00 48.56 ? 102 ALA A O   1 
ATOM   790  C  CB  . ALA A 1 103 ? 2.861   4.473   17.119  1.00 47.13 ? 102 ALA A CB  1 
ATOM   791  N  N   . PHE A 1 104 ? 3.868   1.644   16.446  1.00 49.53 ? 103 PHE A N   1 
ATOM   792  C  CA  . PHE A 1 104 ? 3.628   0.287   15.981  1.00 51.00 ? 103 PHE A CA  1 
ATOM   793  C  C   . PHE A 1 104 ? 3.246   -0.546  17.196  1.00 52.52 ? 103 PHE A C   1 
ATOM   794  O  O   . PHE A 1 104 ? 3.029   0.004   18.272  1.00 52.56 ? 103 PHE A O   1 
ATOM   795  C  CB  . PHE A 1 104 ? 4.858   -0.287  15.276  1.00 50.81 ? 103 PHE A CB  1 
ATOM   796  C  CG  . PHE A 1 104 ? 6.084   -0.385  16.147  1.00 50.31 ? 103 PHE A CG  1 
ATOM   797  C  CD1 . PHE A 1 104 ? 6.458   -1.610  16.694  1.00 49.55 ? 103 PHE A CD1 1 
ATOM   798  C  CD2 . PHE A 1 104 ? 6.881   0.743   16.390  1.00 49.62 ? 103 PHE A CD2 1 
ATOM   799  C  CE1 . PHE A 1 104 ? 7.598   -1.716  17.491  1.00 51.40 ? 103 PHE A CE1 1 
ATOM   800  C  CE2 . PHE A 1 104 ? 8.026   0.659   17.184  1.00 50.07 ? 103 PHE A CE2 1 
ATOM   801  C  CZ  . PHE A 1 104 ? 8.394   -0.572  17.739  1.00 50.99 ? 103 PHE A CZ  1 
ATOM   802  N  N   . ASN A 1 105 ? 3.166   -1.863  17.031  1.00 54.53 ? 104 ASN A N   1 
ATOM   803  C  CA  . ASN A 1 105 ? 2.715   -2.735  18.108  1.00 56.85 ? 104 ASN A CA  1 
ATOM   804  C  C   . ASN A 1 105 ? 3.592   -3.964  18.281  1.00 58.61 ? 104 ASN A C   1 
ATOM   805  O  O   . ASN A 1 105 ? 4.056   -4.560  17.303  1.00 58.23 ? 104 ASN A O   1 
ATOM   806  C  CB  . ASN A 1 105 ? 1.249   -3.149  17.896  1.00 56.59 ? 104 ASN A CB  1 
ATOM   807  C  CG  . ASN A 1 105 ? 1.043   -3.936  16.614  1.00 56.89 ? 104 ASN A CG  1 
ATOM   808  O  OD1 . ASN A 1 105 ? 1.000   -3.368  15.521  1.00 57.89 ? 104 ASN A OD1 1 
ATOM   809  N  ND2 . ASN A 1 105 ? 0.930   -5.251  16.739  1.00 56.71 ? 104 ASN A ND2 1 
ATOM   810  N  N   . ARG A 1 106 ? 3.831   -4.327  19.537  1.00 61.24 ? 105 ARG A N   1 
ATOM   811  C  CA  . ARG A 1 106 ? 4.443   -5.612  19.837  1.00 64.08 ? 105 ARG A CA  1 
ATOM   812  C  C   . ARG A 1 106 ? 3.330   -6.640  19.728  1.00 66.05 ? 105 ARG A C   1 
ATOM   813  O  O   . ARG A 1 106 ? 2.258   -6.444  20.294  1.00 66.47 ? 105 ARG A O   1 
ATOM   814  C  CB  . ARG A 1 106 ? 5.055   -5.636  21.245  1.00 63.85 ? 105 ARG A CB  1 
ATOM   815  C  CG  . ARG A 1 106 ? 5.466   -4.282  21.810  1.00 64.27 ? 105 ARG A CG  1 
ATOM   816  C  CD  . ARG A 1 106 ? 5.920   -4.333  23.260  1.00 65.19 ? 105 ARG A CD  1 
ATOM   817  N  NE  . ARG A 1 106 ? 7.368   -4.182  23.372  1.00 66.44 ? 105 ARG A NE  1 
ATOM   818  C  CZ  . ARG A 1 106 ? 8.231   -5.182  23.533  1.00 67.16 ? 105 ARG A CZ  1 
ATOM   819  N  NH1 . ARG A 1 106 ? 7.807   -6.442  23.620  1.00 66.38 ? 105 ARG A NH1 1 
ATOM   820  N  NH2 . ARG A 1 106 ? 9.533   -4.917  23.608  1.00 67.31 ? 105 ARG A NH2 1 
ATOM   821  N  N   . LYS A 1 107 ? 3.552   -7.716  18.984  1.00 68.67 ? 106 LYS A N   1 
ATOM   822  C  CA  . LYS A 1 107 ? 2.559   -8.781  18.960  1.00 71.36 ? 106 LYS A CA  1 
ATOM   823  C  C   . LYS A 1 107 ? 2.864   -9.800  20.046  1.00 73.30 ? 106 LYS A C   1 
ATOM   824  O  O   . LYS A 1 107 ? 3.300   -10.919 19.763  1.00 73.69 ? 106 LYS A O   1 
ATOM   825  C  CB  . LYS A 1 107 ? 2.413   -9.419  17.572  1.00 71.40 ? 106 LYS A CB  1 
ATOM   826  C  CG  . LYS A 1 107 ? 3.653   -10.066 16.966  1.00 71.56 ? 106 LYS A CG  1 
ATOM   827  C  CD  . LYS A 1 107 ? 3.296   -10.752 15.641  1.00 71.92 ? 106 LYS A CD  1 
ATOM   828  C  CE  . LYS A 1 107 ? 2.094   -10.090 14.948  1.00 71.49 ? 106 LYS A CE  1 
ATOM   829  N  NZ  . LYS A 1 107 ? 1.762   -10.738 13.654  1.00 71.42 ? 106 LYS A NZ  1 
ATOM   830  N  N   . GLU A 1 108 ? 2.632   -9.389  21.295  1.00 75.60 ? 107 GLU A N   1 
ATOM   831  C  CA  . GLU A 1 108 ? 2.970   -10.193 22.472  1.00 77.73 ? 107 GLU A CA  1 
ATOM   832  C  C   . GLU A 1 108 ? 2.030   -11.383 22.643  1.00 78.86 ? 107 GLU A C   1 
ATOM   833  O  O   . GLU A 1 108 ? 0.840   -11.304 22.306  1.00 79.39 ? 107 GLU A O   1 
ATOM   834  C  CB  . GLU A 1 108 ? 2.922   -9.337  23.736  1.00 77.92 ? 107 GLU A CB  1 
ATOM   835  C  CG  . GLU A 1 108 ? 4.219   -8.630  24.075  1.00 79.22 ? 107 GLU A CG  1 
ATOM   836  C  CD  . GLU A 1 108 ? 4.164   -7.991  25.448  1.00 81.12 ? 107 GLU A CD  1 
ATOM   837  O  OE1 . GLU A 1 108 ? 4.617   -8.632  26.421  1.00 81.59 ? 107 GLU A OE1 1 
ATOM   838  O  OE2 . GLU A 1 108 ? 3.663   -6.852  25.557  1.00 81.56 ? 107 GLU A OE2 1 
ATOM   839  N  N   . ALA A 1 109 ? 2.570   -12.480 23.169  1.00 79.85 ? 108 ALA A N   1 
ATOM   840  C  CA  . ALA A 1 109 ? 1.767   -13.654 23.497  1.00 80.54 ? 108 ALA A CA  1 
ATOM   841  C  C   . ALA A 1 109 ? 1.883   -13.962 24.986  1.00 80.93 ? 108 ALA A C   1 
ATOM   842  O  O   . ALA A 1 109 ? 0.993   -14.612 25.566  1.00 81.39 ? 108 ALA A O   1 
ATOM   843  C  CB  . ALA A 1 109 ? 2.199   -14.853 22.658  1.00 80.69 ? 108 ALA A CB  1 
ATOM   844  N  N   . GLY A 1 116 ? 0.821   -6.885  22.572  1.00 72.92 ? 115 GLY A N   1 
ATOM   845  C  CA  . GLY A 1 116 ? -0.305  -6.034  22.223  1.00 72.88 ? 115 GLY A CA  1 
ATOM   846  C  C   . GLY A 1 116 ? -0.058  -4.558  22.484  1.00 72.72 ? 115 GLY A C   1 
ATOM   847  O  O   . GLY A 1 116 ? -0.748  -3.696  21.927  1.00 72.70 ? 115 GLY A O   1 
ATOM   848  N  N   . ILE A 1 117 ? 0.932   -4.273  23.332  1.00 72.38 ? 116 ILE A N   1 
ATOM   849  C  CA  . ILE A 1 117 ? 1.272   -2.907  23.728  1.00 71.97 ? 116 ILE A CA  1 
ATOM   850  C  C   . ILE A 1 117 ? 1.747   -2.071  22.520  1.00 71.45 ? 116 ILE A C   1 
ATOM   851  O  O   . ILE A 1 117 ? 2.268   -2.608  21.530  1.00 71.31 ? 116 ILE A O   1 
ATOM   852  C  CB  . ILE A 1 117 ? 2.327   -2.919  24.898  1.00 72.03 ? 116 ILE A CB  1 
ATOM   853  C  CG1 . ILE A 1 117 ? 1.834   -3.774  26.080  1.00 72.20 ? 116 ILE A CG1 1 
ATOM   854  C  CG2 . ILE A 1 117 ? 2.712   -1.490  25.349  1.00 72.39 ? 116 ILE A CG2 1 
ATOM   855  C  CD1 . ILE A 1 117 ? 1.093   -3.007  27.196  1.00 72.50 ? 116 ILE A CD1 1 
ATOM   856  N  N   . ILE A 1 118 ? 1.535   -0.762  22.606  1.00 70.73 ? 117 ILE A N   1 
ATOM   857  C  CA  . ILE A 1 118 ? 1.965   0.169   21.574  1.00 70.06 ? 117 ILE A CA  1 
ATOM   858  C  C   . ILE A 1 118 ? 3.300   0.818   21.948  1.00 69.54 ? 117 ILE A C   1 
ATOM   859  O  O   . ILE A 1 118 ? 3.470   1.312   23.069  1.00 69.43 ? 117 ILE A O   1 
ATOM   860  C  CB  . ILE A 1 118 ? 0.865   1.229   21.341  1.00 70.15 ? 117 ILE A CB  1 
ATOM   861  C  CG1 . ILE A 1 118 ? -0.299  0.618   20.556  1.00 70.18 ? 117 ILE A CG1 1 
ATOM   862  C  CG2 . ILE A 1 118 ? 1.415   2.460   20.620  1.00 70.33 ? 117 ILE A CG2 1 
ATOM   863  C  CD1 . ILE A 1 118 ? -1.659  1.008   21.089  1.00 70.52 ? 117 ILE A CD1 1 
ATOM   864  N  N   . VAL A 1 119 ? 4.244   0.799   21.006  1.00 68.73 ? 118 VAL A N   1 
ATOM   865  C  CA  . VAL A 1 119 ? 5.523   1.497   21.159  1.00 67.82 ? 118 VAL A CA  1 
ATOM   866  C  C   . VAL A 1 119 ? 5.441   2.886   20.517  1.00 67.33 ? 118 VAL A C   1 
ATOM   867  O  O   . VAL A 1 119 ? 5.425   3.003   19.294  1.00 67.30 ? 118 VAL A O   1 
ATOM   868  C  CB  . VAL A 1 119 ? 6.667   0.703   20.516  1.00 67.80 ? 118 VAL A CB  1 
ATOM   869  C  CG1 . VAL A 1 119 ? 8.020   1.192   21.024  1.00 67.50 ? 118 VAL A CG1 1 
ATOM   870  C  CG2 . VAL A 1 119 ? 6.488   -0.790  20.760  1.00 67.80 ? 118 VAL A CG2 1 
ATOM   871  N  N   . GLY A 1 120 ? 5.373   3.928   21.344  1.00 66.70 ? 119 GLY A N   1 
ATOM   872  C  CA  . GLY A 1 120 ? 5.153   5.288   20.871  1.00 66.14 ? 119 GLY A CA  1 
ATOM   873  C  C   . GLY A 1 120 ? 4.393   6.145   21.870  1.00 65.93 ? 119 GLY A C   1 
ATOM   874  O  O   . GLY A 1 120 ? 4.231   5.762   23.025  1.00 66.06 ? 119 GLY A O   1 
ATOM   875  N  N   . SER A 1 121 ? 3.931   7.311   21.431  1.00 65.74 ? 120 SER A N   1 
ATOM   876  C  CA  . SER A 1 121 ? 3.169   8.223   22.290  1.00 65.57 ? 120 SER A CA  1 
ATOM   877  C  C   . SER A 1 121 ? 1.708   7.801   22.417  1.00 65.39 ? 120 SER A C   1 
ATOM   878  O  O   . SER A 1 121 ? 1.208   7.000   21.618  1.00 65.47 ? 120 SER A O   1 
ATOM   879  C  CB  . SER A 1 121 ? 3.209   9.654   21.751  1.00 65.37 ? 120 SER A CB  1 
ATOM   880  O  OG  . SER A 1 121 ? 4.440   10.277  22.032  1.00 65.39 ? 120 SER A OG  1 
ATOM   881  N  N   . ALA A 1 122 ? 1.038   8.360   23.425  1.00 65.02 ? 121 ALA A N   1 
ATOM   882  C  CA  . ALA A 1 122 ? -0.388  8.143   23.648  1.00 64.71 ? 121 ALA A CA  1 
ATOM   883  C  C   . ALA A 1 122 ? -1.179  8.560   22.407  1.00 64.36 ? 121 ALA A C   1 
ATOM   884  O  O   . ALA A 1 122 ? -0.988  9.668   21.886  1.00 64.21 ? 121 ALA A O   1 
ATOM   885  C  CB  . ALA A 1 122 ? -0.863  8.915   24.885  1.00 64.82 ? 121 ALA A CB  1 
ATOM   886  N  N   . LEU A 1 123 ? -2.049  7.655   21.945  1.00 63.85 ? 122 LEU A N   1 
ATOM   887  C  CA  . LEU A 1 123 ? -2.831  7.830   20.716  1.00 63.21 ? 122 LEU A CA  1 
ATOM   888  C  C   . LEU A 1 123 ? -4.157  8.565   20.924  1.00 62.86 ? 122 LEU A C   1 
ATOM   889  O  O   . LEU A 1 123 ? -4.847  8.891   19.954  1.00 63.07 ? 122 LEU A O   1 
ATOM   890  C  CB  . LEU A 1 123 ? -3.073  6.476   20.033  1.00 63.01 ? 122 LEU A CB  1 
ATOM   891  C  CG  . LEU A 1 123 ? -1.862  5.553   19.817  1.00 62.90 ? 122 LEU A CG  1 
ATOM   892  C  CD1 . LEU A 1 123 ? -2.290  4.239   19.189  1.00 62.49 ? 122 LEU A CD1 1 
ATOM   893  C  CD2 . LEU A 1 123 ? -0.772  6.211   18.968  1.00 63.25 ? 122 LEU A CD2 1 
ATOM   894  N  N   . GLU A 1 124 ? -4.490  8.841   22.181  1.00 62.19 ? 123 GLU A N   1 
ATOM   895  C  CA  . GLU A 1 124 ? -5.742  9.495   22.536  1.00 61.75 ? 123 GLU A CA  1 
ATOM   896  C  C   . GLU A 1 124 ? -5.908  10.816  21.811  1.00 61.01 ? 123 GLU A C   1 
ATOM   897  O  O   . GLU A 1 124 ? -5.038  11.680  21.876  1.00 61.26 ? 123 GLU A O   1 
ATOM   898  C  CB  . GLU A 1 124 ? -5.814  9.723   24.043  1.00 62.01 ? 123 GLU A CB  1 
ATOM   899  C  CG  . GLU A 1 124 ? -7.186  10.133  24.547  1.00 63.16 ? 123 GLU A CG  1 
ATOM   900  C  CD  . GLU A 1 124 ? -7.263  10.102  26.060  1.00 64.89 ? 123 GLU A CD  1 
ATOM   901  O  OE1 . GLU A 1 124 ? -6.853  9.076   26.655  1.00 66.39 ? 123 GLU A OE1 1 
ATOM   902  O  OE2 . GLU A 1 124 ? -7.720  11.103  26.652  1.00 64.64 ? 123 GLU A OE2 1 
ATOM   903  N  N   . ASN A 1 125 ? -7.036  10.948  21.122  1.00 60.15 ? 124 ASN A N   1 
ATOM   904  C  CA  . ASN A 1 125 ? -7.362  12.118  20.299  1.00 59.22 ? 124 ASN A CA  1 
ATOM   905  C  C   . ASN A 1 125 ? -6.379  12.367  19.155  1.00 58.31 ? 124 ASN A C   1 
ATOM   906  O  O   . ASN A 1 125 ? -6.373  13.461  18.565  1.00 58.67 ? 124 ASN A O   1 
ATOM   907  C  CB  . ASN A 1 125 ? -7.550  13.391  21.152  1.00 59.63 ? 124 ASN A CB  1 
ATOM   908  C  CG  . ASN A 1 125 ? -8.745  13.302  22.101  1.00 60.29 ? 124 ASN A CG  1 
ATOM   909  O  OD1 . ASN A 1 125 ? -9.793  12.737  21.762  1.00 60.66 ? 124 ASN A OD1 1 
ATOM   910  N  ND2 . ASN A 1 125 ? -8.588  13.864  23.298  1.00 60.73 ? 124 ASN A ND2 1 
ATOM   911  N  N   . LYS A 1 126 ? -5.563  11.356  18.837  1.00 56.53 ? 125 LYS A N   1 
ATOM   912  C  CA  . LYS A 1 126 ? -4.636  11.446  17.701  1.00 54.77 ? 125 LYS A CA  1 
ATOM   913  C  C   . LYS A 1 126 ? -5.170  10.773  16.420  1.00 53.07 ? 125 LYS A C   1 
ATOM   914  O  O   . LYS A 1 126 ? -5.678  9.645   16.447  1.00 52.56 ? 125 LYS A O   1 
ATOM   915  C  CB  . LYS A 1 126 ? -3.240  10.930  18.071  1.00 54.75 ? 125 LYS A CB  1 
ATOM   916  C  CG  . LYS A 1 126 ? -2.506  11.755  19.148  1.00 55.72 ? 125 LYS A CG  1 
ATOM   917  C  CD  . LYS A 1 126 ? -2.391  13.249  18.801  1.00 58.02 ? 125 LYS A CD  1 
ATOM   918  C  CE  . LYS A 1 126 ? -2.786  14.157  19.988  1.00 59.79 ? 125 LYS A CE  1 
ATOM   919  N  NZ  . LYS A 1 126 ? -3.677  15.299  19.597  1.00 60.10 ? 125 LYS A NZ  1 
ATOM   920  N  N   . ARG A 1 127 ? -5.062  11.501  15.311  1.00 51.18 ? 126 ARG A N   1 
ATOM   921  C  CA  . ARG A 1 127 ? -5.455  11.010  13.994  1.00 49.51 ? 126 ARG A CA  1 
ATOM   922  C  C   . ARG A 1 127 ? -4.369  10.109  13.388  1.00 48.32 ? 126 ARG A C   1 
ATOM   923  O  O   . ARG A 1 127 ? -3.229  10.550  13.167  1.00 48.06 ? 126 ARG A O   1 
ATOM   924  C  CB  . ARG A 1 127 ? -5.759  12.188  13.063  1.00 49.74 ? 126 ARG A CB  1 
ATOM   925  C  CG  . ARG A 1 127 ? -6.929  13.063  13.492  1.00 49.85 ? 126 ARG A CG  1 
ATOM   926  C  CD  . ARG A 1 127 ? -6.928  14.447  12.844  1.00 53.57 ? 126 ARG A CD  1 
ATOM   927  N  NE  . ARG A 1 127 ? -5.614  15.090  12.913  1.00 56.59 ? 126 ARG A NE  1 
ATOM   928  C  CZ  . ARG A 1 127 ? -5.260  16.189  12.249  1.00 58.53 ? 126 ARG A CZ  1 
ATOM   929  N  NH1 . ARG A 1 127 ? -6.115  16.811  11.441  1.00 59.14 ? 126 ARG A NH1 1 
ATOM   930  N  NH2 . ARG A 1 127 ? -4.032  16.669  12.395  1.00 59.78 ? 126 ARG A NH2 1 
ATOM   931  N  N   . ILE A 1 128 ? -4.732  8.855   13.114  1.00 46.64 ? 127 ILE A N   1 
ATOM   932  C  CA  . ILE A 1 128 ? -3.764  7.842   12.705  1.00 45.27 ? 127 ILE A CA  1 
ATOM   933  C  C   . ILE A 1 128 ? -3.863  7.360   11.249  1.00 44.41 ? 127 ILE A C   1 
ATOM   934  O  O   . ILE A 1 128 ? -4.945  6.973   10.774  1.00 44.67 ? 127 ILE A O   1 
ATOM   935  C  CB  . ILE A 1 128 ? -3.833  6.635   13.670  1.00 45.25 ? 127 ILE A CB  1 
ATOM   936  C  CG1 . ILE A 1 128 ? -3.212  7.003   15.014  1.00 45.48 ? 127 ILE A CG1 1 
ATOM   937  C  CG2 . ILE A 1 128 ? -3.087  5.435   13.102  1.00 44.56 ? 127 ILE A CG2 1 
ATOM   938  C  CD1 . ILE A 1 128 ? -4.181  7.092   16.106  1.00 45.36 ? 127 ILE A CD1 1 
ATOM   939  N  N   . LEU A 1 129 ? -2.720  7.371   10.557  1.00 42.70 ? 128 LEU A N   1 
ATOM   940  C  CA  . LEU A 1 129 ? -2.575  6.687   9.277   1.00 40.79 ? 128 LEU A CA  1 
ATOM   941  C  C   . LEU A 1 129 ? -1.883  5.340   9.465   1.00 40.53 ? 128 LEU A C   1 
ATOM   942  O  O   . LEU A 1 129 ? -0.821  5.267   10.070  1.00 40.25 ? 128 LEU A O   1 
ATOM   943  C  CB  . LEU A 1 129 ? -1.810  7.551   8.274   1.00 40.38 ? 128 LEU A CB  1 
ATOM   944  C  CG  . LEU A 1 129 ? -1.389  6.910   6.944   1.00 39.03 ? 128 LEU A CG  1 
ATOM   945  C  CD1 . LEU A 1 129 ? -2.560  6.737   5.975   1.00 37.27 ? 128 LEU A CD1 1 
ATOM   946  C  CD2 . LEU A 1 129 ? -0.280  7.727   6.307   1.00 37.49 ? 128 LEU A CD2 1 
ATOM   947  N  N   . ILE A 1 130 ? -2.511  4.278   8.961   1.00 39.98 ? 129 ILE A N   1 
ATOM   948  C  CA  . ILE A 1 130 ? -1.915  2.951   8.941   1.00 39.44 ? 129 ILE A CA  1 
ATOM   949  C  C   . ILE A 1 130 ? -1.084  2.802   7.658   1.00 40.14 ? 129 ILE A C   1 
ATOM   950  O  O   . ILE A 1 130 ? -1.520  3.193   6.576   1.00 39.99 ? 129 ILE A O   1 
ATOM   951  C  CB  . ILE A 1 130 ? -3.009  1.864   9.003   1.00 39.13 ? 129 ILE A CB  1 
ATOM   952  C  CG1 . ILE A 1 130 ? -3.868  2.005   10.269  1.00 37.22 ? 129 ILE A CG1 1 
ATOM   953  C  CG2 . ILE A 1 130 ? -2.410  0.461   8.901   1.00 38.54 ? 129 ILE A CG2 1 
ATOM   954  C  CD1 . ILE A 1 130 ? -5.109  1.138   10.248  1.00 32.57 ? 129 ILE A CD1 1 
ATOM   955  N  N   . ILE A 1 131 ? 0.125   2.266   7.799   1.00 40.79 ? 130 ILE A N   1 
ATOM   956  C  CA  . ILE A 1 131 ? 0.960   1.930   6.659   1.00 41.34 ? 130 ILE A CA  1 
ATOM   957  C  C   . ILE A 1 131 ? 1.354   0.480   6.768   1.00 42.49 ? 130 ILE A C   1 
ATOM   958  O  O   . ILE A 1 131 ? 1.845   0.042   7.804   1.00 42.91 ? 130 ILE A O   1 
ATOM   959  C  CB  . ILE A 1 131 ? 2.221   2.802   6.615   1.00 41.08 ? 130 ILE A CB  1 
ATOM   960  C  CG1 . ILE A 1 131 ? 3.044   2.496   5.360   1.00 39.52 ? 130 ILE A CG1 1 
ATOM   961  C  CG2 . ILE A 1 131 ? 3.065   2.584   7.867   1.00 41.77 ? 130 ILE A CG2 1 
ATOM   962  C  CD1 . ILE A 1 131 ? 3.975   3.612   4.968   1.00 37.88 ? 130 ILE A CD1 1 
ATOM   963  N  N   . ASP A 1 132 ? 1.165   -0.248  5.678   1.00 43.78 ? 131 ASP A N   1 
ATOM   964  C  CA  . ASP A 1 132 ? 1.543   -1.641  5.583   1.00 45.43 ? 131 ASP A CA  1 
ATOM   965  C  C   . ASP A 1 132 ? 2.010   -1.918  4.160   1.00 46.66 ? 131 ASP A C   1 
ATOM   966  O  O   . ASP A 1 132 ? 1.951   -1.033  3.296   1.00 46.54 ? 131 ASP A O   1 
ATOM   967  C  CB  . ASP A 1 132 ? 0.337   -2.507  5.926   1.00 45.54 ? 131 ASP A CB  1 
ATOM   968  C  CG  . ASP A 1 132 ? 0.721   -3.821  6.562   1.00 45.98 ? 131 ASP A CG  1 
ATOM   969  O  OD1 . ASP A 1 132 ? 1.890   -4.246  6.404   1.00 45.58 ? 131 ASP A OD1 1 
ATOM   970  O  OD2 . ASP A 1 132 ? -0.097  -4.506  7.221   1.00 47.31 ? 131 ASP A OD2 1 
ATOM   971  N  N   . ASP A 1 133 ? 2.477   -3.135  3.904   1.00 48.69 ? 132 ASP A N   1 
ATOM   972  C  CA  . ASP A 1 133 ? 2.941   -3.482  2.558   1.00 51.18 ? 132 ASP A CA  1 
ATOM   973  C  C   . ASP A 1 133 ? 1.800   -3.787  1.595   1.00 52.47 ? 132 ASP A C   1 
ATOM   974  O  O   . ASP A 1 133 ? 1.725   -3.187  0.529   1.00 52.59 ? 132 ASP A O   1 
ATOM   975  C  CB  . ASP A 1 133 ? 3.974   -4.623  2.588   1.00 51.30 ? 132 ASP A CB  1 
ATOM   976  C  CG  . ASP A 1 133 ? 3.477   -5.858  3.318   1.00 52.10 ? 132 ASP A CG  1 
ATOM   977  O  OD1 . ASP A 1 133 ? 2.616   -5.733  4.221   1.00 52.51 ? 132 ASP A OD1 1 
ATOM   978  O  OD2 . ASP A 1 133 ? 3.903   -7.002  3.052   1.00 52.74 ? 132 ASP A OD2 1 
ATOM   979  N  N   . VAL A 1 134 ? 0.923   -4.719  1.972   1.00 54.67 ? 133 VAL A N   1 
ATOM   980  C  CA  . VAL A 1 134 ? -0.261  -5.062  1.174   1.00 56.90 ? 133 VAL A CA  1 
ATOM   981  C  C   . VAL A 1 134 ? -1.517  -5.190  2.037   1.00 58.42 ? 133 VAL A C   1 
ATOM   982  O  O   . VAL A 1 134 ? -1.464  -5.064  3.266   1.00 58.43 ? 133 VAL A O   1 
ATOM   983  C  CB  . VAL A 1 134 ? -0.080  -6.362  0.324   1.00 56.95 ? 133 VAL A CB  1 
ATOM   984  C  CG1 . VAL A 1 134 ? 0.639   -6.063  -1.008  1.00 57.21 ? 133 VAL A CG1 1 
ATOM   985  C  CG2 . VAL A 1 134 ? 0.619   -7.472  1.122   1.00 56.95 ? 133 VAL A CG2 1 
ATOM   986  N  N   . MET A 1 135 ? -2.644  -5.433  1.382   1.00 60.51 ? 134 MET A N   1 
ATOM   987  C  CA  . MET A 1 135 ? -3.921  -5.528  2.073   1.00 63.04 ? 134 MET A CA  1 
ATOM   988  C  C   . MET A 1 135 ? -4.658  -6.799  1.676   1.00 64.62 ? 134 MET A C   1 
ATOM   989  O  O   . MET A 1 135 ? -5.286  -6.850  0.609   1.00 64.89 ? 134 MET A O   1 
ATOM   990  C  CB  . MET A 1 135 ? -4.779  -4.303  1.762   1.00 63.09 ? 134 MET A CB  1 
ATOM   991  C  CG  . MET A 1 135 ? -5.938  -4.119  2.704   1.00 64.10 ? 134 MET A CG  1 
ATOM   992  S  SD  . MET A 1 135 ? -6.572  -2.468  2.581   1.00 66.04 ? 134 MET A SD  1 
ATOM   993  C  CE  . MET A 1 135 ? -5.921  -1.725  4.091   1.00 64.33 ? 134 MET A CE  1 
ATOM   994  N  N   . THR A 1 136 ? -4.574  -7.824  2.532   1.00 66.42 ? 135 THR A N   1 
ATOM   995  C  CA  . THR A 1 136 ? -5.211  -9.127  2.267   1.00 67.94 ? 135 THR A CA  1 
ATOM   996  C  C   . THR A 1 136 ? -5.940  -9.688  3.497   1.00 67.96 ? 135 THR A C   1 
ATOM   997  O  O   . THR A 1 136 ? -5.353  -9.827  4.577   1.00 68.47 ? 135 THR A O   1 
ATOM   998  C  CB  . THR A 1 136 ? -4.173  -10.167 1.729   1.00 68.30 ? 135 THR A CB  1 
ATOM   999  O  OG1 . THR A 1 136 ? -2.930  -10.030 2.438   1.00 69.69 ? 135 THR A OG1 1 
ATOM   1000 C  CG2 . THR A 1 136 ? -3.794  -9.882  0.260   1.00 68.87 ? 135 THR A CG2 1 
ATOM   1001 N  N   . ALA A 1 140 ? -6.241  -9.163  10.301  1.00 83.90 ? 139 ALA A N   1 
ATOM   1002 C  CA  . ALA A 1 140 ? -5.023  -8.399  10.025  1.00 83.73 ? 139 ALA A CA  1 
ATOM   1003 C  C   . ALA A 1 140 ? -5.306  -6.894  9.968   1.00 83.45 ? 139 ALA A C   1 
ATOM   1004 O  O   . ALA A 1 140 ? -4.652  -6.088  10.645  1.00 83.43 ? 139 ALA A O   1 
ATOM   1005 C  CB  . ALA A 1 140 ? -4.379  -8.878  8.720   1.00 83.86 ? 139 ALA A CB  1 
ATOM   1006 N  N   . ILE A 1 141 ? -6.288  -6.533  9.148   1.00 82.92 ? 140 ILE A N   1 
ATOM   1007 C  CA  . ILE A 1 141 ? -6.720  -5.152  8.993   1.00 82.20 ? 140 ILE A CA  1 
ATOM   1008 C  C   . ILE A 1 141 ? -7.516  -4.746  10.236  1.00 81.34 ? 140 ILE A C   1 
ATOM   1009 O  O   . ILE A 1 141 ? -7.299  -3.665  10.800  1.00 81.03 ? 140 ILE A O   1 
ATOM   1010 C  CB  . ILE A 1 141 ? -7.569  -5.007  7.699   1.00 82.44 ? 140 ILE A CB  1 
ATOM   1011 C  CG1 . ILE A 1 141 ? -6.833  -5.612  6.494   1.00 82.86 ? 140 ILE A CG1 1 
ATOM   1012 C  CG2 . ILE A 1 141 ? -7.902  -3.550  7.429   1.00 82.72 ? 140 ILE A CG2 1 
ATOM   1013 C  CD1 . ILE A 1 141 ? -7.376  -6.961  6.046   1.00 83.48 ? 140 ILE A CD1 1 
ATOM   1014 N  N   . ASN A 1 142 ? -8.414  -5.640  10.664  1.00 80.21 ? 141 ASN A N   1 
ATOM   1015 C  CA  . ASN A 1 142 ? -9.247  -5.441  11.850  1.00 78.91 ? 141 ASN A CA  1 
ATOM   1016 C  C   . ASN A 1 142 ? -8.434  -5.374  13.140  1.00 77.86 ? 141 ASN A C   1 
ATOM   1017 O  O   . ASN A 1 142 ? -8.756  -4.588  14.040  1.00 77.58 ? 141 ASN A O   1 
ATOM   1018 C  CB  . ASN A 1 142 ? -10.303 -6.543  11.952  1.00 79.19 ? 141 ASN A CB  1 
ATOM   1019 C  CG  . ASN A 1 142 ? -11.180 -6.630  10.718  1.00 79.58 ? 141 ASN A CG  1 
ATOM   1020 O  OD1 . ASN A 1 142 ? -11.391 -5.640  10.014  1.00 80.06 ? 141 ASN A OD1 1 
ATOM   1021 N  ND2 . ASN A 1 142 ? -11.699 -7.824  10.447  1.00 79.99 ? 141 ASN A ND2 1 
ATOM   1022 N  N   . GLU A 1 143 ? -7.386  -6.201  13.213  1.00 76.46 ? 142 GLU A N   1 
ATOM   1023 C  CA  . GLU A 1 143 ? -6.432  -6.191  14.327  1.00 75.17 ? 142 GLU A CA  1 
ATOM   1024 C  C   . GLU A 1 143 ? -5.938  -4.780  14.626  1.00 73.96 ? 142 GLU A C   1 
ATOM   1025 O  O   . GLU A 1 143 ? -6.051  -4.307  15.757  1.00 73.88 ? 142 GLU A O   1 
ATOM   1026 C  CB  . GLU A 1 143 ? -5.234  -7.100  14.026  1.00 75.41 ? 142 GLU A CB  1 
ATOM   1027 C  CG  . GLU A 1 143 ? -5.557  -8.586  14.004  1.00 76.20 ? 142 GLU A CG  1 
ATOM   1028 C  CD  . GLU A 1 143 ? -4.697  -9.387  14.960  1.00 77.47 ? 142 GLU A CD  1 
ATOM   1029 O  OE1 . GLU A 1 143 ? -3.473  -9.483  14.726  1.00 77.76 ? 142 GLU A OE1 1 
ATOM   1030 O  OE2 . GLU A 1 143 ? -5.249  -9.928  15.943  1.00 78.15 ? 142 GLU A OE2 1 
ATOM   1031 N  N   . ALA A 1 144 ? -5.413  -4.114  13.596  1.00 72.48 ? 143 ALA A N   1 
ATOM   1032 C  CA  . ALA A 1 144 ? -4.893  -2.754  13.710  1.00 71.21 ? 143 ALA A CA  1 
ATOM   1033 C  C   . ALA A 1 144 ? -5.946  -1.758  14.194  1.00 70.33 ? 143 ALA A C   1 
ATOM   1034 O  O   . ALA A 1 144 ? -5.678  -0.958  15.091  1.00 70.09 ? 143 ALA A O   1 
ATOM   1035 C  CB  . ALA A 1 144 ? -4.292  -2.301  12.376  1.00 71.33 ? 143 ALA A CB  1 
ATOM   1036 N  N   . PHE A 1 145 ? -7.140  -1.817  13.605  1.00 69.45 ? 144 PHE A N   1 
ATOM   1037 C  CA  . PHE A 1 145 ? -8.240  -0.927  13.982  1.00 68.55 ? 144 PHE A CA  1 
ATOM   1038 C  C   . PHE A 1 145 ? -8.639  -1.125  15.442  1.00 68.28 ? 144 PHE A C   1 
ATOM   1039 O  O   . PHE A 1 145 ? -8.853  -0.152  16.173  1.00 68.19 ? 144 PHE A O   1 
ATOM   1040 C  CB  . PHE A 1 145 ? -9.442  -1.111  13.051  1.00 68.36 ? 144 PHE A CB  1 
ATOM   1041 C  CG  . PHE A 1 145 ? -9.244  -0.524  11.680  1.00 67.38 ? 144 PHE A CG  1 
ATOM   1042 C  CD1 . PHE A 1 145 ? -8.650  -1.269  10.671  1.00 67.01 ? 144 PHE A CD1 1 
ATOM   1043 C  CD2 . PHE A 1 145 ? -9.648  0.776   11.402  1.00 67.03 ? 144 PHE A CD2 1 
ATOM   1044 C  CE1 . PHE A 1 145 ? -8.459  -0.731  9.400   1.00 67.19 ? 144 PHE A CE1 1 
ATOM   1045 C  CE2 . PHE A 1 145 ? -9.470  1.328   10.138  1.00 66.58 ? 144 PHE A CE2 1 
ATOM   1046 C  CZ  . PHE A 1 145 ? -8.871  0.575   9.131   1.00 67.41 ? 144 PHE A CZ  1 
ATOM   1047 N  N   . GLU A 1 146 ? -8.710  -2.385  15.863  1.00 67.96 ? 145 GLU A N   1 
ATOM   1048 C  CA  . GLU A 1 146 ? -8.991  -2.727  17.255  1.00 67.97 ? 145 GLU A CA  1 
ATOM   1049 C  C   . GLU A 1 146 ? -7.958  -2.126  18.206  1.00 67.47 ? 145 GLU A C   1 
ATOM   1050 O  O   . GLU A 1 146 ? -8.316  -1.412  19.152  1.00 67.43 ? 145 GLU A O   1 
ATOM   1051 C  CB  . GLU A 1 146 ? -9.031  -4.241  17.430  1.00 68.24 ? 145 GLU A CB  1 
ATOM   1052 C  CG  . GLU A 1 146 ? -10.124 -4.733  18.368  1.00 69.90 ? 145 GLU A CG  1 
ATOM   1053 C  CD  . GLU A 1 146 ? -10.118 -6.245  18.500  1.00 72.21 ? 145 GLU A CD  1 
ATOM   1054 O  OE1 . GLU A 1 146 ? -10.513 -6.936  17.523  1.00 73.16 ? 145 GLU A OE1 1 
ATOM   1055 O  OE2 . GLU A 1 146 ? -9.701  -6.742  19.570  1.00 72.52 ? 145 GLU A OE2 1 
ATOM   1056 N  N   . ILE A 1 147 ? -6.681  -2.406  17.936  1.00 66.87 ? 146 ILE A N   1 
ATOM   1057 C  CA  . ILE A 1 147 ? -5.577  -1.900  18.752  1.00 66.16 ? 146 ILE A CA  1 
ATOM   1058 C  C   . ILE A 1 147 ? -5.647  -0.378  18.862  1.00 65.69 ? 146 ILE A C   1 
ATOM   1059 O  O   . ILE A 1 147 ? -5.562  0.186   19.964  1.00 66.08 ? 146 ILE A O   1 
ATOM   1060 C  CB  . ILE A 1 147 ? -4.204  -2.361  18.182  1.00 66.30 ? 146 ILE A CB  1 
ATOM   1061 C  CG1 . ILE A 1 147 ? -4.025  -3.877  18.332  1.00 65.76 ? 146 ILE A CG1 1 
ATOM   1062 C  CG2 . ILE A 1 147 ? -3.062  -1.640  18.884  1.00 66.46 ? 146 ILE A CG2 1 
ATOM   1063 C  CD1 . ILE A 1 147 ? -3.129  -4.513  17.274  1.00 65.37 ? 146 ILE A CD1 1 
ATOM   1064 N  N   . ILE A 1 148 ? -5.842  0.277   17.722  1.00 64.82 ? 147 ILE A N   1 
ATOM   1065 C  CA  . ILE A 1 148 ? -5.874  1.737   17.673  1.00 63.99 ? 147 ILE A CA  1 
ATOM   1066 C  C   . ILE A 1 148 ? -7.085  2.349   18.398  1.00 63.78 ? 147 ILE A C   1 
ATOM   1067 O  O   . ILE A 1 148 ? -6.940  3.364   19.091  1.00 63.95 ? 147 ILE A O   1 
ATOM   1068 C  CB  . ILE A 1 148 ? -5.753  2.242   16.204  1.00 63.62 ? 147 ILE A CB  1 
ATOM   1069 C  CG1 . ILE A 1 148 ? -4.379  1.885   15.633  1.00 63.19 ? 147 ILE A CG1 1 
ATOM   1070 C  CG2 . ILE A 1 148 ? -5.954  3.736   16.131  1.00 63.01 ? 147 ILE A CG2 1 
ATOM   1071 C  CD1 . ILE A 1 148 ? -4.297  1.890   14.113  1.00 62.75 ? 147 ILE A CD1 1 
ATOM   1072 N  N   . SER A 1 149 ? -8.265  1.740   18.240  1.00 63.40 ? 148 SER A N   1 
ATOM   1073 C  CA  . SER A 1 149 ? -9.503  2.273   18.836  1.00 62.85 ? 148 SER A CA  1 
ATOM   1074 C  C   . SER A 1 149 ? -9.538  2.070   20.345  1.00 62.33 ? 148 SER A C   1 
ATOM   1075 O  O   . SER A 1 149 ? -10.123 2.882   21.070  1.00 62.25 ? 148 SER A O   1 
ATOM   1076 C  CB  . SER A 1 149 ? -10.759 1.663   18.191  1.00 63.01 ? 148 SER A CB  1 
ATOM   1077 O  OG  . SER A 1 149 ? -10.910 0.290   18.528  1.00 62.96 ? 148 SER A OG  1 
ATOM   1078 N  N   . ASN A 1 150 ? -8.918  0.979   20.798  1.00 61.65 ? 149 ASN A N   1 
ATOM   1079 C  CA  . ASN A 1 150 ? -8.740  0.715   22.226  1.00 61.34 ? 149 ASN A CA  1 
ATOM   1080 C  C   . ASN A 1 150 ? -7.903  1.822   22.891  1.00 60.89 ? 149 ASN A C   1 
ATOM   1081 O  O   . ASN A 1 150 ? -8.245  2.301   23.985  1.00 60.99 ? 149 ASN A O   1 
ATOM   1082 C  CB  . ASN A 1 150 ? -8.109  -0.673  22.460  1.00 61.46 ? 149 ASN A CB  1 
ATOM   1083 C  CG  . ASN A 1 150 ? -9.101  -1.838  22.239  1.00 61.45 ? 149 ASN A CG  1 
ATOM   1084 O  OD1 . ASN A 1 150 ? -10.325 -1.668  22.320  1.00 61.28 ? 149 ASN A OD1 1 
ATOM   1085 N  ND2 . ASN A 1 150 ? -8.562  -3.026  21.965  1.00 60.83 ? 149 ASN A ND2 1 
ATOM   1086 N  N   . ALA A 1 151 ? -6.836  2.247   22.208  1.00 59.91 ? 150 ALA A N   1 
ATOM   1087 C  CA  . ALA A 1 151 ? -5.951  3.305   22.697  1.00 58.90 ? 150 ALA A CA  1 
ATOM   1088 C  C   . ALA A 1 151 ? -6.530  4.701   22.501  1.00 58.34 ? 150 ALA A C   1 
ATOM   1089 O  O   . ALA A 1 151 ? -5.846  5.700   22.742  1.00 58.57 ? 150 ALA A O   1 
ATOM   1090 C  CB  . ALA A 1 151 ? -4.606  3.201   22.023  1.00 59.12 ? 150 ALA A CB  1 
ATOM   1091 N  N   . LYS A 1 152 ? -7.792  4.755   22.069  1.00 57.22 ? 151 LYS A N   1 
ATOM   1092 C  CA  . LYS A 1 152 ? -8.524  5.995   21.765  1.00 56.22 ? 151 LYS A CA  1 
ATOM   1093 C  C   . LYS A 1 152 ? -7.993  6.737   20.530  1.00 54.91 ? 151 LYS A C   1 
ATOM   1094 O  O   . LYS A 1 152 ? -8.254  7.938   20.328  1.00 54.64 ? 151 LYS A O   1 
ATOM   1095 C  CB  . LYS A 1 152 ? -8.652  6.913   22.997  1.00 56.85 ? 151 LYS A CB  1 
ATOM   1096 C  CG  . LYS A 1 152 ? -9.718  6.447   24.008  1.00 58.47 ? 151 LYS A CG  1 
ATOM   1097 C  CD  . LYS A 1 152 ? -10.282 7.600   24.845  1.00 60.60 ? 151 LYS A CD  1 
ATOM   1098 C  CE  . LYS A 1 152 ? -11.146 7.079   26.004  1.00 61.34 ? 151 LYS A CE  1 
ATOM   1099 N  NZ  . LYS A 1 152 ? -11.906 8.170   26.690  1.00 61.84 ? 151 LYS A NZ  1 
ATOM   1100 N  N   . GLY A 1 153 ? -7.269  5.998   19.695  1.00 53.56 ? 152 GLY A N   1 
ATOM   1101 C  CA  . GLY A 1 153 ? -6.796  6.521   18.428  1.00 51.74 ? 152 GLY A CA  1 
ATOM   1102 C  C   . GLY A 1 153 ? -7.841  6.422   17.332  1.00 50.55 ? 152 GLY A C   1 
ATOM   1103 O  O   . GLY A 1 153 ? -8.527  5.399   17.182  1.00 50.52 ? 152 GLY A O   1 
ATOM   1104 N  N   . GLN A 1 154 ? -7.956  7.497   16.561  1.00 48.97 ? 153 GLN A N   1 
ATOM   1105 C  CA  . GLN A 1 154 ? -8.857  7.541   15.419  1.00 47.49 ? 153 GLN A CA  1 
ATOM   1106 C  C   . GLN A 1 154 ? -8.116  7.274   14.093  1.00 45.73 ? 153 GLN A C   1 
ATOM   1107 O  O   . GLN A 1 154 ? -7.442  8.158   13.578  1.00 45.19 ? 153 GLN A O   1 
ATOM   1108 C  CB  . GLN A 1 154 ? -9.541  8.907   15.387  1.00 47.67 ? 153 GLN A CB  1 
ATOM   1109 C  CG  . GLN A 1 154 ? -10.642 9.059   14.356  1.00 49.00 ? 153 GLN A CG  1 
ATOM   1110 C  CD  . GLN A 1 154 ? -10.945 10.526  14.063  1.00 52.87 ? 153 GLN A CD  1 
ATOM   1111 O  OE1 . GLN A 1 154 ? -10.270 11.430  14.582  1.00 54.06 ? 153 GLN A OE1 1 
ATOM   1112 N  NE2 . GLN A 1 154 ? -11.960 10.769  13.233  1.00 54.03 ? 153 GLN A NE2 1 
ATOM   1113 N  N   . VAL A 1 155 ? -8.241  6.058   13.555  1.00 44.16 ? 154 VAL A N   1 
ATOM   1114 C  CA  . VAL A 1 155 ? -7.750  5.753   12.206  1.00 42.55 ? 154 VAL A CA  1 
ATOM   1115 C  C   . VAL A 1 155 ? -8.450  6.648   11.184  1.00 41.98 ? 154 VAL A C   1 
ATOM   1116 O  O   . VAL A 1 155 ? -9.684  6.639   11.096  1.00 42.16 ? 154 VAL A O   1 
ATOM   1117 C  CB  . VAL A 1 155 ? -7.998  4.277   11.793  1.00 42.55 ? 154 VAL A CB  1 
ATOM   1118 C  CG1 . VAL A 1 155 ? -7.387  3.998   10.420  1.00 42.21 ? 154 VAL A CG1 1 
ATOM   1119 C  CG2 . VAL A 1 155 ? -7.432  3.324   12.800  1.00 41.38 ? 154 VAL A CG2 1 
ATOM   1120 N  N   . VAL A 1 156 ? -7.671  7.420   10.426  1.00 40.63 ? 155 VAL A N   1 
ATOM   1121 C  CA  . VAL A 1 156 ? -8.231  8.317   9.420   1.00 39.57 ? 155 VAL A CA  1 
ATOM   1122 C  C   . VAL A 1 156 ? -7.875  7.914   7.988   1.00 39.07 ? 155 VAL A C   1 
ATOM   1123 O  O   . VAL A 1 156 ? -8.235  8.595   7.030   1.00 38.95 ? 155 VAL A O   1 
ATOM   1124 C  CB  . VAL A 1 156 ? -7.844  9.810   9.688   1.00 40.09 ? 155 VAL A CB  1 
ATOM   1125 C  CG1 . VAL A 1 156 ? -8.365  10.274  11.072  1.00 39.16 ? 155 VAL A CG1 1 
ATOM   1126 C  CG2 . VAL A 1 156 ? -6.307  10.057  9.531   1.00 39.38 ? 155 VAL A CG2 1 
ATOM   1127 N  N   . GLY A 1 157 ? -7.168  6.800   7.843   1.00 38.79 ? 156 GLY A N   1 
ATOM   1128 C  CA  . GLY A 1 157 ? -6.681  6.387   6.546   1.00 38.15 ? 156 GLY A CA  1 
ATOM   1129 C  C   . GLY A 1 157 ? -5.719  5.225   6.597   1.00 37.76 ? 156 GLY A C   1 
ATOM   1130 O  O   . GLY A 1 157 ? -5.200  4.863   7.660   1.00 38.09 ? 156 GLY A O   1 
ATOM   1131 N  N   . SER A 1 158 ? -5.486  4.643   5.426   1.00 37.02 ? 157 SER A N   1 
ATOM   1132 C  CA  . SER A 1 158 ? -4.556  3.529   5.268   1.00 36.55 ? 157 SER A CA  1 
ATOM   1133 C  C   . SER A 1 158 ? -3.799  3.682   3.939   1.00 35.80 ? 157 SER A C   1 
ATOM   1134 O  O   . SER A 1 158 ? -4.345  4.202   2.965   1.00 35.37 ? 157 SER A O   1 
ATOM   1135 C  CB  . SER A 1 158 ? -5.332  2.207   5.297   1.00 36.70 ? 157 SER A CB  1 
ATOM   1136 O  OG  . SER A 1 158 ? -4.471  1.092   5.183   1.00 37.92 ? 157 SER A OG  1 
ATOM   1137 N  N   . ILE A 1 159 ? -2.540  3.257   3.910   1.00 34.81 ? 158 ILE A N   1 
ATOM   1138 C  CA  . ILE A 1 159 ? -1.773  3.220   2.660   1.00 34.14 ? 158 ILE A CA  1 
ATOM   1139 C  C   . ILE A 1 159 ? -1.000  1.917   2.523   1.00 33.84 ? 158 ILE A C   1 
ATOM   1140 O  O   . ILE A 1 159 ? -0.386  1.444   3.478   1.00 33.26 ? 158 ILE A O   1 
ATOM   1141 C  CB  . ILE A 1 159 ? -0.822  4.477   2.480   1.00 34.04 ? 158 ILE A CB  1 
ATOM   1142 C  CG1 . ILE A 1 159 ? -0.046  4.382   1.160   1.00 33.48 ? 158 ILE A CG1 1 
ATOM   1143 C  CG2 . ILE A 1 159 ? 0.147   4.639   3.653   1.00 33.43 ? 158 ILE A CG2 1 
ATOM   1144 C  CD1 . ILE A 1 159 ? 0.467   5.703   0.617   1.00 32.92 ? 158 ILE A CD1 1 
ATOM   1145 N  N   . ILE A 1 160 ? -1.064  1.338   1.328   1.00 33.91 ? 159 ILE A N   1 
ATOM   1146 C  CA  . ILE A 1 160 ? -0.239  0.189   0.955   1.00 33.90 ? 159 ILE A CA  1 
ATOM   1147 C  C   . ILE A 1 160 ? 0.578   0.540   -0.292  1.00 34.08 ? 159 ILE A C   1 
ATOM   1148 O  O   . ILE A 1 160 ? 0.412   1.626   -0.866  1.00 33.86 ? 159 ILE A O   1 
ATOM   1149 C  CB  . ILE A 1 160 ? -1.120  -1.055  0.717   1.00 34.02 ? 159 ILE A CB  1 
ATOM   1150 C  CG1 . ILE A 1 160 ? -2.238  -0.736  -0.297  1.00 34.42 ? 159 ILE A CG1 1 
ATOM   1151 C  CG2 . ILE A 1 160 ? -1.677  -1.569  2.055   1.00 33.06 ? 159 ILE A CG2 1 
ATOM   1152 C  CD1 . ILE A 1 160 ? -2.979  -1.942  -0.820  1.00 35.11 ? 159 ILE A CD1 1 
ATOM   1153 N  N   . ALA A 1 161 ? 1.471   -0.359  -0.702  1.00 34.17 ? 160 ALA A N   1 
ATOM   1154 C  CA  . ALA A 1 161 ? 2.266   -0.123  -1.913  1.00 34.30 ? 160 ALA A CA  1 
ATOM   1155 C  C   . ALA A 1 161 ? 1.463   -0.425  -3.174  1.00 34.19 ? 160 ALA A C   1 
ATOM   1156 O  O   . ALA A 1 161 ? 1.353   0.418   -4.048  1.00 34.10 ? 160 ALA A O   1 
ATOM   1157 C  CB  . ALA A 1 161 ? 3.553   -0.920  -1.895  1.00 33.74 ? 160 ALA A CB  1 
ATOM   1158 N  N   . LEU A 1 162 ? 0.897   -1.624  -3.253  1.00 34.75 ? 161 LEU A N   1 
ATOM   1159 C  CA  . LEU A 1 162 ? 0.202   -2.067  -4.454  1.00 35.18 ? 161 LEU A CA  1 
ATOM   1160 C  C   . LEU A 1 162 ? -1.248  -2.474  -4.182  1.00 35.45 ? 161 LEU A C   1 
ATOM   1161 O  O   . LEU A 1 162 ? -1.501  -3.418  -3.443  1.00 35.46 ? 161 LEU A O   1 
ATOM   1162 C  CB  . LEU A 1 162 ? 0.968   -3.229  -5.119  1.00 34.73 ? 161 LEU A CB  1 
ATOM   1163 C  CG  . LEU A 1 162 ? 0.209   -3.958  -6.244  1.00 35.16 ? 161 LEU A CG  1 
ATOM   1164 C  CD1 . LEU A 1 162 ? -0.073  -3.012  -7.434  1.00 35.40 ? 161 LEU A CD1 1 
ATOM   1165 C  CD2 . LEU A 1 162 ? 0.915   -5.223  -6.706  1.00 33.73 ? 161 LEU A CD2 1 
ATOM   1166 N  N   . ASP A 1 163 ? -2.188  -1.765  -4.805  1.00 36.46 ? 162 ASP A N   1 
ATOM   1167 C  CA  . ASP A 1 163 ? -3.601  -2.155  -4.799  1.00 37.16 ? 162 ASP A CA  1 
ATOM   1168 C  C   . ASP A 1 163 ? -3.846  -3.099  -5.965  1.00 37.91 ? 162 ASP A C   1 
ATOM   1169 O  O   . ASP A 1 163 ? -3.797  -2.678  -7.123  1.00 37.70 ? 162 ASP A O   1 
ATOM   1170 C  CB  . ASP A 1 163 ? -4.510  -0.922  -4.929  1.00 37.04 ? 162 ASP A CB  1 
ATOM   1171 C  CG  . ASP A 1 163 ? -5.999  -1.239  -4.695  1.00 36.89 ? 162 ASP A CG  1 
ATOM   1172 O  OD1 . ASP A 1 163 ? -6.399  -2.426  -4.717  1.00 34.59 ? 162 ASP A OD1 1 
ATOM   1173 O  OD2 . ASP A 1 163 ? -6.848  -0.345  -4.463  1.00 38.46 ? 162 ASP A OD2 1 
ATOM   1174 N  N   . ARG A 1 164 ? -4.110  -4.367  -5.655  1.00 39.35 ? 163 ARG A N   1 
ATOM   1175 C  CA  . ARG A 1 164 ? -4.315  -5.399  -6.678  1.00 41.36 ? 163 ARG A CA  1 
ATOM   1176 C  C   . ARG A 1 164 ? -5.662  -5.234  -7.396  1.00 42.75 ? 163 ARG A C   1 
ATOM   1177 O  O   . ARG A 1 164 ? -5.840  -5.753  -8.505  1.00 42.37 ? 163 ARG A O   1 
ATOM   1178 C  CB  . ARG A 1 164 ? -4.223  -6.808  -6.078  1.00 41.08 ? 163 ARG A CB  1 
ATOM   1179 C  CG  . ARG A 1 164 ? -2.927  -7.120  -5.336  1.00 42.18 ? 163 ARG A CG  1 
ATOM   1180 C  CD  . ARG A 1 164 ? -2.822  -8.566  -4.835  1.00 45.53 ? 163 ARG A CD  1 
ATOM   1181 N  NE  . ARG A 1 164 ? -3.066  -9.545  -5.908  1.00 48.47 ? 163 ARG A NE  1 
ATOM   1182 C  CZ  . ARG A 1 164 ? -2.120  -10.099 -6.666  1.00 50.30 ? 163 ARG A CZ  1 
ATOM   1183 N  NH1 . ARG A 1 164 ? -0.834  -9.796  -6.482  1.00 51.55 ? 163 ARG A NH1 1 
ATOM   1184 N  NH2 . ARG A 1 164 ? -2.463  -10.962 -7.617  1.00 51.05 ? 163 ARG A NH2 1 
ATOM   1185 N  N   . GLN A 1 165 ? -6.599  -4.522  -6.758  1.00 44.71 ? 164 GLN A N   1 
ATOM   1186 C  CA  . GLN A 1 165 ? -7.906  -4.207  -7.346  1.00 46.86 ? 164 GLN A CA  1 
ATOM   1187 C  C   . GLN A 1 165 ? -8.701  -5.445  -7.719  1.00 48.69 ? 164 GLN A C   1 
ATOM   1188 O  O   . GLN A 1 165 ? -9.374  -5.448  -8.742  1.00 49.31 ? 164 GLN A O   1 
ATOM   1189 C  CB  . GLN A 1 165 ? -7.744  -3.382  -8.624  1.00 46.76 ? 164 GLN A CB  1 
ATOM   1190 C  CG  . GLN A 1 165 ? -7.295  -1.974  -8.432  1.00 47.05 ? 164 GLN A CG  1 
ATOM   1191 C  CD  . GLN A 1 165 ? -7.026  -1.307  -9.744  1.00 48.36 ? 164 GLN A CD  1 
ATOM   1192 O  OE1 . GLN A 1 165 ? -6.228  -1.801  -10.548 1.00 49.98 ? 164 GLN A OE1 1 
ATOM   1193 N  NE2 . GLN A 1 165 ? -7.673  -0.174  -9.974  1.00 49.29 ? 164 GLN A NE2 1 
ATOM   1194 N  N   . GLU A 1 166 ? -8.601  -6.500  -6.924  1.00 50.95 ? 165 GLU A N   1 
ATOM   1195 C  CA  . GLU A 1 166 ? -9.287  -7.742  -7.233  1.00 53.31 ? 165 GLU A CA  1 
ATOM   1196 C  C   . GLU A 1 166 ? -10.556 -7.849  -6.403  1.00 54.99 ? 165 GLU A C   1 
ATOM   1197 O  O   . GLU A 1 166 ? -10.566 -7.491  -5.216  1.00 55.43 ? 165 GLU A O   1 
ATOM   1198 C  CB  . GLU A 1 166 ? -8.378  -8.936  -6.943  1.00 53.21 ? 165 GLU A CB  1 
ATOM   1199 C  CG  . GLU A 1 166 ? -7.473  -9.333  -8.100  1.00 54.71 ? 165 GLU A CG  1 
ATOM   1200 C  CD  . GLU A 1 166 ? -6.153  -9.936  -7.636  1.00 56.34 ? 165 GLU A CD  1 
ATOM   1201 O  OE1 . GLU A 1 166 ? -5.110  -9.599  -8.237  1.00 57.09 ? 165 GLU A OE1 1 
ATOM   1202 O  OE2 . GLU A 1 166 ? -6.153  -10.740 -6.672  1.00 56.05 ? 165 GLU A OE2 1 
ATOM   1203 N  N   . VAL A 1 167 ? -11.625 -8.338  -7.020  1.00 56.99 ? 166 VAL A N   1 
ATOM   1204 C  CA  . VAL A 1 167 ? -12.857 -8.612  -6.284  1.00 59.32 ? 166 VAL A CA  1 
ATOM   1205 C  C   . VAL A 1 167 ? -12.615 -9.698  -5.235  1.00 61.03 ? 166 VAL A C   1 
ATOM   1206 O  O   . VAL A 1 167 ? -11.916 -10.674 -5.492  1.00 61.12 ? 166 VAL A O   1 
ATOM   1207 C  CB  . VAL A 1 167 ? -14.046 -8.987  -7.215  1.00 59.21 ? 166 VAL A CB  1 
ATOM   1208 C  CG1 . VAL A 1 167 ? -14.415 -7.806  -8.110  1.00 58.89 ? 166 VAL A CG1 1 
ATOM   1209 C  CG2 . VAL A 1 167 ? -13.740 -10.238 -8.052  1.00 58.96 ? 166 VAL A CG2 1 
ATOM   1210 N  N   . VAL A 1 168 ? -13.188 -9.499  -4.052  1.00 63.54 ? 167 VAL A N   1 
ATOM   1211 C  CA  . VAL A 1 168 ? -12.979 -10.388 -2.903  1.00 65.95 ? 167 VAL A CA  1 
ATOM   1212 C  C   . VAL A 1 168 ? -13.668 -11.750 -3.075  1.00 67.44 ? 167 VAL A C   1 
ATOM   1213 O  O   . VAL A 1 168 ? -13.144 -12.777 -2.629  1.00 67.77 ? 167 VAL A O   1 
ATOM   1214 C  CB  . VAL A 1 168 ? -13.417 -9.698  -1.578  1.00 66.00 ? 167 VAL A CB  1 
ATOM   1215 C  CG1 . VAL A 1 168 ? -13.306 -10.645 -0.372  1.00 66.87 ? 167 VAL A CG1 1 
ATOM   1216 C  CG2 . VAL A 1 168 ? -12.604 -8.425  -1.340  1.00 66.04 ? 167 VAL A CG2 1 
ATOM   1217 N  N   . SER A 1 169 ? -14.834 -11.745 -3.725  1.00 69.27 ? 168 SER A N   1 
ATOM   1218 C  CA  . SER A 1 169 ? -15.579 -12.968 -4.037  1.00 70.78 ? 168 SER A CA  1 
ATOM   1219 C  C   . SER A 1 169 ? -15.517 -13.283 -5.536  1.00 71.56 ? 168 SER A C   1 
ATOM   1220 O  O   . SER A 1 169 ? -15.781 -12.410 -6.374  1.00 71.94 ? 168 SER A O   1 
ATOM   1221 C  CB  . SER A 1 169 ? -17.041 -12.837 -3.575  1.00 71.00 ? 168 SER A CB  1 
ATOM   1222 O  OG  . SER A 1 169 ? -17.648 -14.104 -3.360  1.00 71.52 ? 168 SER A OG  1 
ATOM   1223 N  N   . THR A 1 170 ? -15.172 -14.530 -5.860  1.00 72.34 ? 169 THR A N   1 
ATOM   1224 C  CA  . THR A 1 170 ? -15.093 -15.003 -7.251  1.00 72.93 ? 169 THR A CA  1 
ATOM   1225 C  C   . THR A 1 170 ? -16.434 -14.833 -7.977  1.00 72.80 ? 169 THR A C   1 
ATOM   1226 O  O   . THR A 1 170 ? -16.520 -14.122 -8.984  1.00 73.18 ? 169 THR A O   1 
ATOM   1227 C  CB  . THR A 1 170 ? -14.650 -16.494 -7.303  1.00 73.14 ? 169 THR A CB  1 
ATOM   1228 O  OG1 . THR A 1 170 ? -13.708 -16.764 -6.253  1.00 74.06 ? 169 THR A OG1 1 
ATOM   1229 C  CG2 . THR A 1 170 ? -13.862 -16.790 -8.587  1.00 73.71 ? 169 THR A CG2 1 
ATOM   1230 N  N   . ASP A 1 171 ? -17.471 -15.477 -7.438  1.00 72.26 ? 170 ASP A N   1 
ATOM   1231 C  CA  . ASP A 1 171 ? -18.812 -15.451 -8.016  1.00 71.51 ? 170 ASP A CA  1 
ATOM   1232 C  C   . ASP A 1 171 ? -19.620 -14.256 -7.491  1.00 70.44 ? 170 ASP A C   1 
ATOM   1233 O  O   . ASP A 1 171 ? -20.699 -14.411 -6.902  1.00 70.48 ? 170 ASP A O   1 
ATOM   1234 C  CB  . ASP A 1 171 ? -19.536 -16.789 -7.768  1.00 72.00 ? 170 ASP A CB  1 
ATOM   1235 C  CG  . ASP A 1 171 ? -18.802 -17.984 -8.392  1.00 72.74 ? 170 ASP A CG  1 
ATOM   1236 O  OD1 . ASP A 1 171 ? -18.870 -18.151 -9.633  1.00 73.74 ? 170 ASP A OD1 1 
ATOM   1237 O  OD2 . ASP A 1 171 ? -18.132 -18.801 -7.720  1.00 72.77 ? 170 ASP A OD2 1 
ATOM   1238 N  N   . ASP A 1 172 ? -19.045 -13.069 -7.695  1.00 68.70 ? 171 ASP A N   1 
ATOM   1239 C  CA  . ASP A 1 172 ? -19.675 -11.769 -7.456  1.00 66.83 ? 171 ASP A CA  1 
ATOM   1240 C  C   . ASP A 1 172 ? -18.791 -10.701 -8.121  1.00 65.11 ? 171 ASP A C   1 
ATOM   1241 O  O   . ASP A 1 172 ? -18.116 -9.914  -7.441  1.00 64.82 ? 171 ASP A O   1 
ATOM   1242 C  CB  . ASP A 1 172 ? -19.884 -11.487 -5.954  1.00 67.06 ? 171 ASP A CB  1 
ATOM   1243 C  CG  . ASP A 1 172 ? -20.624 -10.171 -5.695  1.00 67.72 ? 171 ASP A CG  1 
ATOM   1244 O  OD1 . ASP A 1 172 ? -21.303 -9.659  -6.615  1.00 68.41 ? 171 ASP A OD1 1 
ATOM   1245 O  OD2 . ASP A 1 172 ? -20.583 -9.569  -4.598  1.00 68.84 ? 171 ASP A OD2 1 
ATOM   1246 N  N   . LYS A 1 173 ? -18.815 -10.696 -9.458  1.00 62.87 ? 172 LYS A N   1 
ATOM   1247 C  CA  . LYS A 1 173 ? -17.984 -9.826  -10.299 1.00 60.60 ? 172 LYS A CA  1 
ATOM   1248 C  C   . LYS A 1 173 ? -18.186 -8.330  -10.040 1.00 58.57 ? 172 LYS A C   1 
ATOM   1249 O  O   . LYS A 1 173 ? -17.273 -7.527  -10.271 1.00 58.50 ? 172 LYS A O   1 
ATOM   1250 C  CB  . LYS A 1 173 ? -18.236 -10.124 -11.784 1.00 60.93 ? 172 LYS A CB  1 
ATOM   1251 C  CG  . LYS A 1 173 ? -17.124 -10.909 -12.472 1.00 61.96 ? 172 LYS A CG  1 
ATOM   1252 C  CD  . LYS A 1 173 ? -17.459 -11.194 -13.947 1.00 62.87 ? 172 LYS A CD  1 
ATOM   1253 C  CE  . LYS A 1 173 ? -16.707 -12.427 -14.478 1.00 63.88 ? 172 LYS A CE  1 
ATOM   1254 N  NZ  . LYS A 1 173 ? -17.564 -13.651 -14.492 1.00 63.92 ? 172 LYS A NZ  1 
ATOM   1255 N  N   . GLU A 1 174 ? -19.372 -7.959  -9.564  1.00 55.74 ? 173 GLU A N   1 
ATOM   1256 C  CA  . GLU A 1 174 ? -19.670 -6.556  -9.275  1.00 53.13 ? 173 GLU A CA  1 
ATOM   1257 C  C   . GLU A 1 174 ? -19.432 -6.166  -7.807  1.00 51.64 ? 173 GLU A C   1 
ATOM   1258 O  O   . GLU A 1 174 ? -19.758 -5.052  -7.384  1.00 51.70 ? 173 GLU A O   1 
ATOM   1259 C  CB  . GLU A 1 174 ? -21.084 -6.188  -9.755  1.00 52.71 ? 173 GLU A CB  1 
ATOM   1260 C  CG  . GLU A 1 174 ? -21.433 -6.735  -11.135 1.00 50.94 ? 173 GLU A CG  1 
ATOM   1261 C  CD  . GLU A 1 174 ? -20.401 -6.407  -12.209 1.00 48.64 ? 173 GLU A CD  1 
ATOM   1262 O  OE1 . GLU A 1 174 ? -19.941 -5.255  -12.273 1.00 48.56 ? 173 GLU A OE1 1 
ATOM   1263 O  OE2 . GLU A 1 174 ? -20.052 -7.300  -12.999 1.00 48.37 ? 173 GLU A OE2 1 
ATOM   1264 N  N   . GLY A 1 175 ? -18.839 -7.086  -7.046  1.00 49.90 ? 174 GLY A N   1 
ATOM   1265 C  CA  . GLY A 1 175 ? -18.379 -6.809  -5.693  1.00 47.46 ? 174 GLY A CA  1 
ATOM   1266 C  C   . GLY A 1 175 ? -17.190 -5.852  -5.601  1.00 45.83 ? 174 GLY A C   1 
ATOM   1267 O  O   . GLY A 1 175 ? -16.611 -5.447  -6.619  1.00 45.17 ? 174 GLY A O   1 
ATOM   1268 N  N   . LEU A 1 176 ? -16.844 -5.495  -4.363  1.00 44.17 ? 175 LEU A N   1 
ATOM   1269 C  CA  . LEU A 1 176 ? -15.774 -4.548  -4.057  1.00 42.64 ? 175 LEU A CA  1 
ATOM   1270 C  C   . LEU A 1 176 ? -14.419 -5.235  -3.943  1.00 41.57 ? 175 LEU A C   1 
ATOM   1271 O  O   . LEU A 1 176 ? -14.347 -6.442  -3.672  1.00 41.04 ? 175 LEU A O   1 
ATOM   1272 C  CB  . LEU A 1 176 ? -16.072 -3.841  -2.732  1.00 42.48 ? 175 LEU A CB  1 
ATOM   1273 C  CG  . LEU A 1 176 ? -17.382 -3.056  -2.644  1.00 42.41 ? 175 LEU A CG  1 
ATOM   1274 C  CD1 . LEU A 1 176 ? -17.642 -2.623  -1.209  1.00 41.76 ? 175 LEU A CD1 1 
ATOM   1275 C  CD2 . LEU A 1 176 ? -17.383 -1.860  -3.587  1.00 40.15 ? 175 LEU A CD2 1 
ATOM   1276 N  N   . SER A 1 177 ? -13.348 -4.461  -4.127  1.00 40.38 ? 176 SER A N   1 
ATOM   1277 C  CA  . SER A 1 177 ? -11.992 -4.973  -3.896  1.00 39.73 ? 176 SER A CA  1 
ATOM   1278 C  C   . SER A 1 177 ? -11.677 -5.053  -2.403  1.00 39.18 ? 176 SER A C   1 
ATOM   1279 O  O   . SER A 1 177 ? -12.503 -4.680  -1.570  1.00 39.39 ? 176 SER A O   1 
ATOM   1280 C  CB  . SER A 1 177 ? -10.956 -4.113  -4.621  1.00 39.53 ? 176 SER A CB  1 
ATOM   1281 O  OG  . SER A 1 177 ? -10.943 -2.787  -4.115  1.00 39.74 ? 176 SER A OG  1 
ATOM   1282 N  N   . ALA A 1 178 ? -10.485 -5.528  -2.058  1.00 38.89 ? 177 ALA A N   1 
ATOM   1283 C  CA  . ALA A 1 178 ? -10.032 -5.514  -0.658  1.00 38.79 ? 177 ALA A CA  1 
ATOM   1284 C  C   . ALA A 1 178 ? -9.994  -4.096  -0.074  1.00 38.52 ? 177 ALA A C   1 
ATOM   1285 O  O   . ALA A 1 178 ? -10.600 -3.828  0.971   1.00 39.02 ? 177 ALA A O   1 
ATOM   1286 C  CB  . ALA A 1 178 ? -8.668  -6.210  -0.504  1.00 38.35 ? 177 ALA A CB  1 
ATOM   1287 N  N   . THR A 1 179 ? -9.304  -3.194  -0.767  1.00 38.03 ? 178 THR A N   1 
ATOM   1288 C  CA  . THR A 1 179 ? -9.201  -1.799  -0.342  1.00 37.66 ? 178 THR A CA  1 
ATOM   1289 C  C   . THR A 1 179 ? -10.553 -1.090  -0.295  1.00 37.37 ? 178 THR A C   1 
ATOM   1290 O  O   . THR A 1 179 ? -10.796 -0.278  0.596   1.00 37.13 ? 178 THR A O   1 
ATOM   1291 C  CB  . THR A 1 179 ? -8.245  -1.015  -1.264  1.00 37.65 ? 178 THR A CB  1 
ATOM   1292 O  OG1 . THR A 1 179 ? -8.669  -1.172  -2.624  1.00 37.54 ? 178 THR A OG1 1 
ATOM   1293 C  CG2 . THR A 1 179 ? -6.832  -1.623  -1.239  1.00 37.46 ? 178 THR A CG2 1 
ATOM   1294 N  N   . GLN A 1 180 ? -11.417 -1.381  -1.264  1.00 36.94 ? 179 GLN A N   1 
ATOM   1295 C  CA  . GLN A 1 180 ? -12.731 -0.738  -1.312  1.00 36.95 ? 179 GLN A CA  1 
ATOM   1296 C  C   . GLN A 1 180 ? -13.592 -1.180  -0.137  1.00 36.86 ? 179 GLN A C   1 
ATOM   1297 O  O   . GLN A 1 180 ? -14.282 -0.360  0.471   1.00 36.90 ? 179 GLN A O   1 
ATOM   1298 C  CB  . GLN A 1 180 ? -13.440 -1.021  -2.635  1.00 36.53 ? 179 GLN A CB  1 
ATOM   1299 C  CG  . GLN A 1 180 ? -12.986 -0.116  -3.777  1.00 36.43 ? 179 GLN A CG  1 
ATOM   1300 C  CD  . GLN A 1 180 ? -13.397 -0.639  -5.153  1.00 34.99 ? 179 GLN A CD  1 
ATOM   1301 O  OE1 . GLN A 1 180 ? -13.841 -1.774  -5.287  1.00 33.01 ? 179 GLN A OE1 1 
ATOM   1302 N  NE2 . GLN A 1 180 ? -13.245 0.192   -6.167  1.00 34.42 ? 179 GLN A NE2 1 
ATOM   1303 N  N   . THR A 1 181 ? -13.509 -2.473  0.174   1.00 36.99 ? 180 THR A N   1 
ATOM   1304 C  CA  . THR A 1 181 ? -14.171 -3.093  1.318   1.00 37.20 ? 180 THR A CA  1 
ATOM   1305 C  C   . THR A 1 181 ? -13.790 -2.432  2.648   1.00 37.51 ? 180 THR A C   1 
ATOM   1306 O  O   . THR A 1 181 ? -14.669 -2.080  3.448   1.00 37.33 ? 180 THR A O   1 
ATOM   1307 C  CB  . THR A 1 181 ? -13.830 -4.608  1.366   1.00 37.40 ? 180 THR A CB  1 
ATOM   1308 O  OG1 . THR A 1 181 ? -14.348 -5.262  0.198   1.00 37.36 ? 180 THR A OG1 1 
ATOM   1309 C  CG2 . THR A 1 181 ? -14.552 -5.314  2.541   1.00 36.71 ? 180 THR A CG2 1 
ATOM   1310 N  N   . VAL A 1 182 ? -12.484 -2.294  2.882   1.00 37.36 ? 181 VAL A N   1 
ATOM   1311 C  CA  . VAL A 1 182 ? -11.955 -1.606  4.057   1.00 37.25 ? 181 VAL A CA  1 
ATOM   1312 C  C   . VAL A 1 182 ? -12.395 -0.142  4.069   1.00 37.44 ? 181 VAL A C   1 
ATOM   1313 O  O   . VAL A 1 182 ? -12.925 0.355   5.070   1.00 37.62 ? 181 VAL A O   1 
ATOM   1314 C  CB  . VAL A 1 182 ? -10.409 -1.686  4.077   1.00 37.17 ? 181 VAL A CB  1 
ATOM   1315 C  CG1 . VAL A 1 182 ? -9.821  -0.840  5.187   1.00 36.55 ? 181 VAL A CG1 1 
ATOM   1316 C  CG2 . VAL A 1 182 ? -9.973  -3.123  4.225   1.00 37.90 ? 181 VAL A CG2 1 
ATOM   1317 N  N   . SER A 1 183 ? -12.180 0.547   2.953   1.00 37.25 ? 182 SER A N   1 
ATOM   1318 C  CA  . SER A 1 183 ? -12.577 1.943   2.836   1.00 37.31 ? 182 SER A CA  1 
ATOM   1319 C  C   . SER A 1 183 ? -14.061 2.186   3.164   1.00 37.99 ? 182 SER A C   1 
ATOM   1320 O  O   . SER A 1 183 ? -14.420 3.217   3.731   1.00 38.18 ? 182 SER A O   1 
ATOM   1321 C  CB  . SER A 1 183 ? -12.253 2.457   1.444   1.00 36.80 ? 182 SER A CB  1 
ATOM   1322 O  OG  . SER A 1 183 ? -12.648 3.798   1.318   1.00 35.94 ? 182 SER A OG  1 
ATOM   1323 N  N   . LYS A 1 184 ? -14.910 1.232   2.794   1.00 38.62 ? 183 LYS A N   1 
ATOM   1324 C  CA  . LYS A 1 184 ? -16.346 1.311   3.061   1.00 39.45 ? 183 LYS A CA  1 
ATOM   1325 C  C   . LYS A 1 184 ? -16.679 1.040   4.524   1.00 38.99 ? 183 LYS A C   1 
ATOM   1326 O  O   . LYS A 1 184 ? -17.471 1.756   5.123   1.00 39.40 ? 183 LYS A O   1 
ATOM   1327 C  CB  . LYS A 1 184 ? -17.115 0.326   2.167   1.00 39.89 ? 183 LYS A CB  1 
ATOM   1328 C  CG  . LYS A 1 184 ? -18.617 0.549   2.155   1.00 42.08 ? 183 LYS A CG  1 
ATOM   1329 C  CD  . LYS A 1 184 ? -19.363 -0.723  1.798   1.00 46.58 ? 183 LYS A CD  1 
ATOM   1330 C  CE  . LYS A 1 184 ? -20.861 -0.444  1.672   1.00 50.20 ? 183 LYS A CE  1 
ATOM   1331 N  NZ  . LYS A 1 184 ? -21.588 -1.570  1.004   1.00 53.44 ? 183 LYS A NZ  1 
ATOM   1332 N  N   . LYS A 1 185 ? -16.070 0.003   5.085   1.00 38.37 ? 184 LYS A N   1 
ATOM   1333 C  CA  . LYS A 1 185 ? -16.337 -0.415  6.451   1.00 38.28 ? 184 LYS A CA  1 
ATOM   1334 C  C   . LYS A 1 185 ? -15.943 0.654   7.466   1.00 37.69 ? 184 LYS A C   1 
ATOM   1335 O  O   . LYS A 1 185 ? -16.690 0.931   8.387   1.00 37.63 ? 184 LYS A O   1 
ATOM   1336 C  CB  . LYS A 1 185 ? -15.619 -1.731  6.755   1.00 38.73 ? 184 LYS A CB  1 
ATOM   1337 C  CG  . LYS A 1 185 ? -16.080 -2.406  8.045   1.00 39.88 ? 184 LYS A CG  1 
ATOM   1338 C  CD  . LYS A 1 185 ? -15.088 -3.469  8.485   1.00 41.87 ? 184 LYS A CD  1 
ATOM   1339 C  CE  . LYS A 1 185 ? -15.582 -4.169  9.734   1.00 43.77 ? 184 LYS A CE  1 
ATOM   1340 N  NZ  . LYS A 1 185 ? -14.481 -4.407  10.688  1.00 44.18 ? 184 LYS A NZ  1 
ATOM   1341 N  N   . TYR A 1 186 ? -14.779 1.268   7.278   1.00 36.98 ? 185 TYR A N   1 
ATOM   1342 C  CA  . TYR A 1 186 ? -14.278 2.241   8.236   1.00 36.16 ? 185 TYR A CA  1 
ATOM   1343 C  C   . TYR A 1 186 ? -14.446 3.687   7.782   1.00 35.77 ? 185 TYR A C   1 
ATOM   1344 O  O   . TYR A 1 186 ? -14.078 4.606   8.496   1.00 35.96 ? 185 TYR A O   1 
ATOM   1345 C  CB  . TYR A 1 186 ? -12.815 1.941   8.572   1.00 36.26 ? 185 TYR A CB  1 
ATOM   1346 C  CG  . TYR A 1 186 ? -12.627 0.590   9.201   1.00 36.11 ? 185 TYR A CG  1 
ATOM   1347 C  CD1 . TYR A 1 186 ? -12.902 0.378   10.551  1.00 36.80 ? 185 TYR A CD1 1 
ATOM   1348 C  CD2 . TYR A 1 186 ? -12.194 -0.481  8.445   1.00 36.80 ? 185 TYR A CD2 1 
ATOM   1349 C  CE1 . TYR A 1 186 ? -12.734 -0.873  11.133  1.00 36.50 ? 185 TYR A CE1 1 
ATOM   1350 C  CE2 . TYR A 1 186 ? -12.026 -1.730  9.011   1.00 37.78 ? 185 TYR A CE2 1 
ATOM   1351 C  CZ  . TYR A 1 186 ? -12.297 -1.920  10.355  1.00 37.77 ? 185 TYR A CZ  1 
ATOM   1352 O  OH  . TYR A 1 186 ? -12.126 -3.175  10.902  1.00 39.66 ? 185 TYR A OH  1 
ATOM   1353 N  N   . GLY A 1 187 ? -15.009 3.887   6.602   1.00 35.68 ? 186 GLY A N   1 
ATOM   1354 C  CA  . GLY A 1 187 ? -15.249 5.226   6.091   1.00 35.50 ? 186 GLY A CA  1 
ATOM   1355 C  C   . GLY A 1 187 ? -13.990 6.035   5.810   1.00 35.28 ? 186 GLY A C   1 
ATOM   1356 O  O   . GLY A 1 187 ? -14.023 7.266   5.883   1.00 35.24 ? 186 GLY A O   1 
ATOM   1357 N  N   . ILE A 1 188 ? -12.893 5.358   5.474   1.00 34.75 ? 187 ILE A N   1 
ATOM   1358 C  CA  . ILE A 1 188 ? -11.602 6.036   5.291   1.00 34.44 ? 187 ILE A CA  1 
ATOM   1359 C  C   . ILE A 1 188 ? -10.967 5.748   3.914   1.00 34.44 ? 187 ILE A C   1 
ATOM   1360 O  O   . ILE A 1 188 ? -11.230 4.716   3.326   1.00 33.80 ? 187 ILE A O   1 
ATOM   1361 C  CB  . ILE A 1 188 ? -10.625 5.622   6.424   1.00 34.25 ? 187 ILE A CB  1 
ATOM   1362 C  CG1 . ILE A 1 188 ? -10.432 4.097   6.432   1.00 33.89 ? 187 ILE A CG1 1 
ATOM   1363 C  CG2 . ILE A 1 188 ? -11.104 6.161   7.773   1.00 33.54 ? 187 ILE A CG2 1 
ATOM   1364 C  CD1 . ILE A 1 188 ? -9.118  3.647   7.007   1.00 34.85 ? 187 ILE A CD1 1 
ATOM   1365 N  N   . PRO A 1 189 ? -10.115 6.642   3.410   1.00 34.59 ? 188 PRO A N   1 
ATOM   1366 C  CA  . PRO A 1 189 ? -9.384  6.354   2.173   1.00 34.50 ? 188 PRO A CA  1 
ATOM   1367 C  C   . PRO A 1 189 ? -8.290  5.309   2.412   1.00 34.79 ? 188 PRO A C   1 
ATOM   1368 O  O   . PRO A 1 189 ? -7.624  5.315   3.452   1.00 34.40 ? 188 PRO A O   1 
ATOM   1369 C  CB  . PRO A 1 189 ? -8.760  7.701   1.813   1.00 34.43 ? 188 PRO A CB  1 
ATOM   1370 C  CG  . PRO A 1 189 ? -8.612  8.408   3.115   1.00 34.59 ? 188 PRO A CG  1 
ATOM   1371 C  CD  . PRO A 1 189 ? -9.773  7.969   3.955   1.00 34.39 ? 188 PRO A CD  1 
ATOM   1372 N  N   . VAL A 1 190 ? -8.145  4.400   1.454   1.00 34.74 ? 189 VAL A N   1 
ATOM   1373 C  CA  . VAL A 1 190 ? -7.063  3.443   1.451   1.00 34.49 ? 189 VAL A CA  1 
ATOM   1374 C  C   . VAL A 1 190 ? -6.224  3.758   0.218   1.00 34.68 ? 189 VAL A C   1 
ATOM   1375 O  O   . VAL A 1 190 ? -6.562  3.371   -0.911  1.00 35.15 ? 189 VAL A O   1 
ATOM   1376 C  CB  . VAL A 1 190 ? -7.583  1.990   1.437   1.00 34.90 ? 189 VAL A CB  1 
ATOM   1377 C  CG1 . VAL A 1 190 ? -6.417  0.982   1.371   1.00 34.20 ? 189 VAL A CG1 1 
ATOM   1378 C  CG2 . VAL A 1 190 ? -8.500  1.723   2.648   1.00 33.36 ? 189 VAL A CG2 1 
ATOM   1379 N  N   . LEU A 1 191 ? -5.149  4.503   0.454   1.00 33.91 ? 190 LEU A N   1 
ATOM   1380 C  CA  . LEU A 1 191 ? -4.219  4.926   -0.576  1.00 33.01 ? 190 LEU A CA  1 
ATOM   1381 C  C   . LEU A 1 191 ? -3.315  3.794   -1.022  1.00 33.39 ? 190 LEU A C   1 
ATOM   1382 O  O   . LEU A 1 191 ? -3.152  2.770   -0.323  1.00 33.04 ? 190 LEU A O   1 
ATOM   1383 C  CB  . LEU A 1 191 ? -3.360  6.076   -0.054  1.00 32.65 ? 190 LEU A CB  1 
ATOM   1384 C  CG  . LEU A 1 191 ? -4.114  7.228   0.611   1.00 32.68 ? 190 LEU A CG  1 
ATOM   1385 C  CD1 . LEU A 1 191 ? -3.152  8.220   1.260   1.00 33.15 ? 190 LEU A CD1 1 
ATOM   1386 C  CD2 . LEU A 1 191 ? -5.043  7.937   -0.394  1.00 31.91 ? 190 LEU A CD2 1 
ATOM   1387 N  N   . SER A 1 192 ? -2.723  3.978   -2.197  1.00 33.25 ? 191 SER A N   1 
ATOM   1388 C  CA  . SER A 1 192 ? -1.687  3.071   -2.678  1.00 33.53 ? 191 SER A CA  1 
ATOM   1389 C  C   . SER A 1 192 ? -0.760  3.822   -3.612  1.00 33.22 ? 191 SER A C   1 
ATOM   1390 O  O   . SER A 1 192 ? -1.195  4.735   -4.327  1.00 33.42 ? 191 SER A O   1 
ATOM   1391 C  CB  . SER A 1 192 ? -2.294  1.865   -3.401  1.00 33.34 ? 191 SER A CB  1 
ATOM   1392 O  OG  . SER A 1 192 ? -3.083  2.295   -4.492  1.00 34.61 ? 191 SER A OG  1 
ATOM   1393 N  N   . ILE A 1 193 ? 0.509   3.433   -3.607  1.00 32.59 ? 192 ILE A N   1 
ATOM   1394 C  CA  . ILE A 1 193 ? 1.495   4.014   -4.506  1.00 32.11 ? 192 ILE A CA  1 
ATOM   1395 C  C   . ILE A 1 193 ? 1.065   3.765   -5.943  1.00 32.43 ? 192 ILE A C   1 
ATOM   1396 O  O   . ILE A 1 193 ? 0.993   4.702   -6.747  1.00 32.06 ? 192 ILE A O   1 
ATOM   1397 C  CB  . ILE A 1 193 ? 2.895   3.423   -4.234  1.00 32.25 ? 192 ILE A CB  1 
ATOM   1398 C  CG1 . ILE A 1 193 ? 3.340   3.742   -2.784  1.00 30.66 ? 192 ILE A CG1 1 
ATOM   1399 C  CG2 . ILE A 1 193 ? 3.898   3.901   -5.299  1.00 30.93 ? 192 ILE A CG2 1 
ATOM   1400 C  CD1 . ILE A 1 193 ? 4.582   2.958   -2.322  1.00 30.67 ? 192 ILE A CD1 1 
ATOM   1401 N  N   . VAL A 1 194 ? 0.758   2.504   -6.246  1.00 32.42 ? 193 VAL A N   1 
ATOM   1402 C  CA  . VAL A 1 194 ? 0.245   2.116   -7.549  1.00 32.86 ? 193 VAL A CA  1 
ATOM   1403 C  C   . VAL A 1 194 ? -0.875  1.075   -7.417  1.00 33.31 ? 193 VAL A C   1 
ATOM   1404 O  O   . VAL A 1 194 ? -1.031  0.442   -6.377  1.00 32.55 ? 193 VAL A O   1 
ATOM   1405 C  CB  . VAL A 1 194 ? 1.363   1.563   -8.496  1.00 33.10 ? 193 VAL A CB  1 
ATOM   1406 C  CG1 . VAL A 1 194 ? 2.220   2.688   -9.055  1.00 32.34 ? 193 VAL A CG1 1 
ATOM   1407 C  CG2 . VAL A 1 194 ? 2.225   0.501   -7.797  1.00 33.18 ? 193 VAL A CG2 1 
ATOM   1408 N  N   . SER A 1 195 ? -1.648  0.945   -8.494  1.00 34.22 ? 194 SER A N   1 
ATOM   1409 C  CA  . SER A 1 195 ? -2.642  -0.098  -8.684  1.00 35.61 ? 194 SER A CA  1 
ATOM   1410 C  C   . SER A 1 195 ? -2.272  -0.919  -9.907  1.00 36.04 ? 194 SER A C   1 
ATOM   1411 O  O   . SER A 1 195 ? -1.345  -0.558  -10.637 1.00 35.02 ? 194 SER A O   1 
ATOM   1412 C  CB  . SER A 1 195 ? -4.016  0.532   -8.905  1.00 35.76 ? 194 SER A CB  1 
ATOM   1413 O  OG  . SER A 1 195 ? -4.319  1.407   -7.836  1.00 38.22 ? 194 SER A OG  1 
ATOM   1414 N  N   . LEU A 1 196 ? -3.008  -2.009  -10.136 1.00 37.50 ? 195 LEU A N   1 
ATOM   1415 C  CA  . LEU A 1 196 ? -2.768  -2.851  -11.305 1.00 38.85 ? 195 LEU A CA  1 
ATOM   1416 C  C   . LEU A 1 196 ? -2.974  -2.096  -12.621 1.00 39.39 ? 195 LEU A C   1 
ATOM   1417 O  O   . LEU A 1 196 ? -2.262  -2.347  -13.600 1.00 39.49 ? 195 LEU A O   1 
ATOM   1418 C  CB  . LEU A 1 196 ? -3.600  -4.138  -11.269 1.00 39.38 ? 195 LEU A CB  1 
ATOM   1419 C  CG  . LEU A 1 196 ? -3.427  -5.096  -12.477 1.00 40.67 ? 195 LEU A CG  1 
ATOM   1420 C  CD1 . LEU A 1 196 ? -1.975  -5.575  -12.681 1.00 41.02 ? 195 LEU A CD1 1 
ATOM   1421 C  CD2 . LEU A 1 196 ? -4.351  -6.283  -12.355 1.00 42.51 ? 195 LEU A CD2 1 
ATOM   1422 N  N   . ILE A 1 197 ? -3.924  -1.159  -12.646 1.00 39.97 ? 196 ILE A N   1 
ATOM   1423 C  CA  . ILE A 1 197 ? -4.129  -0.336  -13.840 1.00 40.20 ? 196 ILE A CA  1 
ATOM   1424 C  C   . ILE A 1 197 ? -2.886  0.489   -14.154 1.00 40.07 ? 196 ILE A C   1 
ATOM   1425 O  O   . ILE A 1 197 ? -2.565  0.724   -15.316 1.00 40.79 ? 196 ILE A O   1 
ATOM   1426 C  CB  . ILE A 1 197 ? -5.432  0.543   -13.752 1.00 40.74 ? 196 ILE A CB  1 
ATOM   1427 C  CG1 . ILE A 1 197 ? -5.672  1.282   -15.088 1.00 41.49 ? 196 ILE A CG1 1 
ATOM   1428 C  CG2 . ILE A 1 197 ? -5.407  1.487   -12.536 1.00 40.80 ? 196 ILE A CG2 1 
ATOM   1429 C  CD1 . ILE A 1 197 ? -6.770  2.351   -15.054 1.00 43.94 ? 196 ILE A CD1 1 
ATOM   1430 N  N   . HIS A 1 198 ? -2.165  0.896   -13.117 1.00 39.91 ? 197 HIS A N   1 
ATOM   1431 C  CA  . HIS A 1 198 ? -0.918  1.631   -13.292 1.00 39.77 ? 197 HIS A CA  1 
ATOM   1432 C  C   . HIS A 1 198 ? 0.196   0.758   -13.857 1.00 39.66 ? 197 HIS A C   1 
ATOM   1433 O  O   . HIS A 1 198 ? 0.990   1.219   -14.672 1.00 39.25 ? 197 HIS A O   1 
ATOM   1434 C  CB  . HIS A 1 198 ? -0.486  2.290   -11.975 1.00 39.81 ? 197 HIS A CB  1 
ATOM   1435 C  CG  . HIS A 1 198 ? -1.443  3.332   -11.499 1.00 40.42 ? 197 HIS A CG  1 
ATOM   1436 N  ND1 . HIS A 1 198 ? -2.309  3.120   -10.449 1.00 41.96 ? 197 HIS A ND1 1 
ATOM   1437 C  CD2 . HIS A 1 198 ? -1.711  4.575   -11.967 1.00 40.47 ? 197 HIS A CD2 1 
ATOM   1438 C  CE1 . HIS A 1 198 ? -3.051  4.201   -10.270 1.00 41.10 ? 197 HIS A CE1 1 
ATOM   1439 N  NE2 . HIS A 1 198 ? -2.707  5.097   -11.179 1.00 40.45 ? 197 HIS A NE2 1 
ATOM   1440 N  N   . ILE A 1 199 ? 0.252   -0.496  -13.416 1.00 39.83 ? 198 ILE A N   1 
ATOM   1441 C  CA  . ILE A 1 199 ? 1.218   -1.444  -13.950 1.00 40.53 ? 198 ILE A CA  1 
ATOM   1442 C  C   . ILE A 1 199 ? 1.013   -1.561  -15.457 1.00 40.92 ? 198 ILE A C   1 
ATOM   1443 O  O   . ILE A 1 199 ? 1.950   -1.357  -16.240 1.00 40.53 ? 198 ILE A O   1 
ATOM   1444 C  CB  . ILE A 1 199 ? 1.038   -2.815  -13.297 1.00 40.52 ? 198 ILE A CB  1 
ATOM   1445 C  CG1 . ILE A 1 199 ? 1.028   -2.676  -11.762 1.00 40.66 ? 198 ILE A CG1 1 
ATOM   1446 C  CG2 . ILE A 1 199 ? 2.036   -3.828  -13.891 1.00 40.22 ? 198 ILE A CG2 1 
ATOM   1447 C  CD1 . ILE A 1 199 ? 2.250   -3.101  -11.055 1.00 39.10 ? 198 ILE A CD1 1 
ATOM   1448 N  N   . ILE A 1 200 ? -0.232  -1.873  -15.829 1.00 41.41 ? 199 ILE A N   1 
ATOM   1449 C  CA  . ILE A 1 200 ? -0.674  -2.014  -17.212 1.00 41.99 ? 199 ILE A CA  1 
ATOM   1450 C  C   . ILE A 1 200 ? -0.298  -0.799  -18.075 1.00 42.94 ? 199 ILE A C   1 
ATOM   1451 O  O   . ILE A 1 200 ? 0.155   -0.958  -19.222 1.00 43.30 ? 199 ILE A O   1 
ATOM   1452 C  CB  . ILE A 1 200 ? -2.202  -2.263  -17.244 1.00 41.79 ? 199 ILE A CB  1 
ATOM   1453 C  CG1 . ILE A 1 200 ? -2.538  -3.643  -16.685 1.00 40.36 ? 199 ILE A CG1 1 
ATOM   1454 C  CG2 . ILE A 1 200 ? -2.765  -2.105  -18.655 1.00 41.85 ? 199 ILE A CG2 1 
ATOM   1455 C  CD1 . ILE A 1 200 ? -4.045  -3.917  -16.606 1.00 38.96 ? 199 ILE A CD1 1 
ATOM   1456 N  N   . THR A 1 201 ? -0.466  0.399   -17.516 1.00 43.63 ? 200 THR A N   1 
ATOM   1457 C  CA  . THR A 1 201 ? -0.167  1.648   -18.226 1.00 44.46 ? 200 THR A CA  1 
ATOM   1458 C  C   . THR A 1 201 ? 1.325   1.817   -18.490 1.00 45.55 ? 200 THR A C   1 
ATOM   1459 O  O   . THR A 1 201 ? 1.742   2.253   -19.570 1.00 45.82 ? 200 THR A O   1 
ATOM   1460 C  CB  . THR A 1 201 ? -0.685  2.857   -17.406 1.00 44.34 ? 200 THR A CB  1 
ATOM   1461 O  OG1 . THR A 1 201 ? -2.115  2.817   -17.331 1.00 42.54 ? 200 THR A OG1 1 
ATOM   1462 C  CG2 . THR A 1 201 ? -0.395  4.160   -18.128 1.00 43.86 ? 200 THR A CG2 1 
ATOM   1463 N  N   . TYR A 1 202 ? 2.123   1.484   -17.485 1.00 46.74 ? 201 TYR A N   1 
ATOM   1464 C  CA  . TYR A 1 202 ? 3.571   1.637   -17.540 1.00 47.90 ? 201 TYR A CA  1 
ATOM   1465 C  C   . TYR A 1 202 ? 4.202   0.673   -18.552 1.00 49.51 ? 201 TYR A C   1 
ATOM   1466 O  O   . TYR A 1 202 ? 5.241   0.971   -19.156 1.00 49.34 ? 201 TYR A O   1 
ATOM   1467 C  CB  . TYR A 1 202 ? 4.136   1.380   -16.145 1.00 47.32 ? 201 TYR A CB  1 
ATOM   1468 C  CG  . TYR A 1 202 ? 5.642   1.345   -16.057 1.00 46.13 ? 201 TYR A CG  1 
ATOM   1469 C  CD1 . TYR A 1 202 ? 6.362   2.501   -15.795 1.00 43.08 ? 201 TYR A CD1 1 
ATOM   1470 C  CD2 . TYR A 1 202 ? 6.346   0.144   -16.225 1.00 44.34 ? 201 TYR A CD2 1 
ATOM   1471 C  CE1 . TYR A 1 202 ? 7.747   2.468   -15.707 1.00 45.39 ? 201 TYR A CE1 1 
ATOM   1472 C  CE2 . TYR A 1 202 ? 7.730   0.101   -16.139 1.00 43.66 ? 201 TYR A CE2 1 
ATOM   1473 C  CZ  . TYR A 1 202 ? 8.424   1.263   -15.874 1.00 45.15 ? 201 TYR A CZ  1 
ATOM   1474 O  OH  . TYR A 1 202 ? 9.801   1.243   -15.789 1.00 47.52 ? 201 TYR A OH  1 
ATOM   1475 N  N   . LEU A 1 203 ? 3.564   -0.482  -18.720 1.00 51.39 ? 202 LEU A N   1 
ATOM   1476 C  CA  . LEU A 1 203 ? 4.100   -1.555  -19.547 1.00 53.46 ? 202 LEU A CA  1 
ATOM   1477 C  C   . LEU A 1 203 ? 3.920   -1.302  -21.046 1.00 55.62 ? 202 LEU A C   1 
ATOM   1478 O  O   . LEU A 1 203 ? 4.477   -2.031  -21.866 1.00 55.97 ? 202 LEU A O   1 
ATOM   1479 C  CB  . LEU A 1 203 ? 3.466   -2.898  -19.158 1.00 52.78 ? 202 LEU A CB  1 
ATOM   1480 C  CG  . LEU A 1 203 ? 3.829   -3.519  -17.807 1.00 51.51 ? 202 LEU A CG  1 
ATOM   1481 C  CD1 . LEU A 1 203 ? 2.954   -4.725  -17.525 1.00 50.05 ? 202 LEU A CD1 1 
ATOM   1482 C  CD2 . LEU A 1 203 ? 5.297   -3.892  -17.739 1.00 50.12 ? 202 LEU A CD2 1 
ATOM   1483 N  N   . GLU A 1 204 ? 3.151   -0.275  -21.401 1.00 58.25 ? 203 GLU A N   1 
ATOM   1484 C  CA  . GLU A 1 204 ? 2.904   0.058   -22.803 1.00 60.91 ? 203 GLU A CA  1 
ATOM   1485 C  C   . GLU A 1 204 ? 4.191   0.524   -23.483 1.00 62.28 ? 203 GLU A C   1 
ATOM   1486 O  O   . GLU A 1 204 ? 4.839   1.469   -23.032 1.00 62.04 ? 203 GLU A O   1 
ATOM   1487 C  CB  . GLU A 1 204 ? 1.796   1.115   -22.919 1.00 61.14 ? 203 GLU A CB  1 
ATOM   1488 C  CG  . GLU A 1 204 ? 1.639   1.740   -24.303 1.00 63.67 ? 203 GLU A CG  1 
ATOM   1489 C  CD  . GLU A 1 204 ? 0.835   0.879   -25.270 1.00 66.28 ? 203 GLU A CD  1 
ATOM   1490 O  OE1 . GLU A 1 204 ? -0.092  0.165   -24.821 1.00 67.27 ? 203 GLU A OE1 1 
ATOM   1491 O  OE2 . GLU A 1 204 ? 1.124   0.926   -26.489 1.00 67.63 ? 203 GLU A OE2 1 
ATOM   1492 N  N   . GLY A 1 205 ? 4.554   -0.166  -24.563 1.00 64.40 ? 204 GLY A N   1 
ATOM   1493 C  CA  . GLY A 1 205 ? 5.763   0.127   -25.311 1.00 67.22 ? 204 GLY A CA  1 
ATOM   1494 C  C   . GLY A 1 205 ? 7.003   -0.537  -24.733 1.00 69.36 ? 204 GLY A C   1 
ATOM   1495 O  O   . GLY A 1 205 ? 8.108   -0.376  -25.268 1.00 69.23 ? 204 GLY A O   1 
ATOM   1496 N  N   . ARG A 1 206 ? 6.818   -1.266  -23.631 1.00 71.47 ? 205 ARG A N   1 
ATOM   1497 C  CA  . ARG A 1 206 ? 7.881   -2.059  -23.026 1.00 73.73 ? 205 ARG A CA  1 
ATOM   1498 C  C   . ARG A 1 206 ? 7.680   -3.532  -23.374 1.00 75.14 ? 205 ARG A C   1 
ATOM   1499 O  O   . ARG A 1 206 ? 8.636   -4.300  -23.451 1.00 75.41 ? 205 ARG A O   1 
ATOM   1500 C  CB  . ARG A 1 206 ? 7.920   -1.849  -21.514 1.00 73.70 ? 205 ARG A CB  1 
ATOM   1501 C  CG  . ARG A 1 206 ? 8.938   -0.812  -21.076 1.00 74.74 ? 205 ARG A CG  1 
ATOM   1502 C  CD  . ARG A 1 206 ? 8.778   -0.383  -19.632 1.00 77.12 ? 205 ARG A CD  1 
ATOM   1503 N  NE  . ARG A 1 206 ? 9.601   0.781   -19.284 1.00 78.94 ? 205 ARG A NE  1 
ATOM   1504 C  CZ  . ARG A 1 206 ? 9.168   2.042   -19.256 1.00 80.01 ? 205 ARG A CZ  1 
ATOM   1505 N  NH1 . ARG A 1 206 ? 7.912   2.339   -19.574 1.00 80.28 ? 205 ARG A NH1 1 
ATOM   1506 N  NH2 . ARG A 1 206 ? 9.999   3.020   -18.911 1.00 80.82 ? 205 ARG A NH2 1 
ATOM   1507 N  N   . ILE A 1 207 ? 6.424   -3.908  -23.580 1.00 77.00 ? 206 ILE A N   1 
ATOM   1508 C  CA  . ILE A 1 207 ? 6.066   -5.216  -24.110 1.00 79.07 ? 206 ILE A CA  1 
ATOM   1509 C  C   . ILE A 1 207 ? 5.185   -4.989  -25.346 1.00 80.36 ? 206 ILE A C   1 
ATOM   1510 O  O   . ILE A 1 207 ? 4.717   -3.870  -25.577 1.00 80.55 ? 206 ILE A O   1 
ATOM   1511 C  CB  . ILE A 1 207 ? 5.345   -6.060  -23.029 1.00 79.13 ? 206 ILE A CB  1 
ATOM   1512 C  CG1 . ILE A 1 207 ? 6.234   -6.215  -21.788 1.00 79.78 ? 206 ILE A CG1 1 
ATOM   1513 C  CG2 . ILE A 1 207 ? 4.973   -7.442  -23.567 1.00 79.66 ? 206 ILE A CG2 1 
ATOM   1514 C  CD1 . ILE A 1 207 ? 5.507   -6.729  -20.548 1.00 80.91 ? 206 ILE A CD1 1 
ATOM   1515 N  N   . THR A 1 208 ? 4.988   -6.030  -26.156 1.00 82.03 ? 207 THR A N   1 
ATOM   1516 C  CA  . THR A 1 208 ? 4.049   -5.955  -27.280 1.00 83.73 ? 207 THR A CA  1 
ATOM   1517 C  C   . THR A 1 208 ? 2.668   -6.409  -26.814 1.00 84.50 ? 207 THR A C   1 
ATOM   1518 O  O   . THR A 1 208 ? 2.516   -6.874  -25.682 1.00 84.76 ? 207 THR A O   1 
ATOM   1519 C  CB  . THR A 1 208 ? 4.531   -6.815  -28.483 1.00 83.90 ? 207 THR A CB  1 
ATOM   1520 O  OG1 . THR A 1 208 ? 5.966   -6.802  -28.552 1.00 84.60 ? 207 THR A OG1 1 
ATOM   1521 C  CG2 . THR A 1 208 ? 4.104   -6.181  -29.815 1.00 84.05 ? 207 THR A CG2 1 
ATOM   1522 N  N   . ALA A 1 209 ? 1.665   -6.258  -27.675 1.00 85.50 ? 208 ALA A N   1 
ATOM   1523 C  CA  . ALA A 1 209 ? 0.332   -6.789  -27.403 1.00 86.36 ? 208 ALA A CA  1 
ATOM   1524 C  C   . ALA A 1 209 ? 0.384   -8.324  -27.401 1.00 86.88 ? 208 ALA A C   1 
ATOM   1525 O  O   . ALA A 1 209 ? 0.034   -8.991  -28.382 1.00 86.97 ? 208 ALA A O   1 
ATOM   1526 C  CB  . ALA A 1 209 ? -0.682  -6.254  -28.418 1.00 86.41 ? 208 ALA A CB  1 
ATOM   1527 N  N   . GLU A 1 210 ? 0.853   -8.861  -26.280 1.00 87.53 ? 209 GLU A N   1 
ATOM   1528 C  CA  . GLU A 1 210 ? 1.103   -10.288 -26.109 1.00 88.20 ? 209 GLU A CA  1 
ATOM   1529 C  C   . GLU A 1 210 ? 0.865   -10.624 -24.638 1.00 88.41 ? 209 GLU A C   1 
ATOM   1530 O  O   . GLU A 1 210 ? -0.103  -11.303 -24.295 1.00 88.49 ? 209 GLU A O   1 
ATOM   1531 C  CB  . GLU A 1 210 ? 2.543   -10.642 -26.536 1.00 88.39 ? 209 GLU A CB  1 
ATOM   1532 C  CG  . GLU A 1 210 ? 3.633   -9.774  -25.901 1.00 88.64 ? 209 GLU A CG  1 
ATOM   1533 C  CD  . GLU A 1 210 ? 5.035   -10.035 -26.424 1.00 89.24 ? 209 GLU A CD  1 
ATOM   1534 O  OE1 . GLU A 1 210 ? 5.785   -9.050  -26.603 1.00 89.32 ? 209 GLU A OE1 1 
ATOM   1535 O  OE2 . GLU A 1 210 ? 5.404   -11.213 -26.640 1.00 89.16 ? 209 GLU A OE2 1 
ATOM   1536 N  N   . GLU A 1 211 ? 1.755   -10.128 -23.780 1.00 88.64 ? 210 GLU A N   1 
ATOM   1537 C  CA  . GLU A 1 211 ? 1.607   -10.218 -22.335 1.00 88.86 ? 210 GLU A CA  1 
ATOM   1538 C  C   . GLU A 1 211 ? 0.781   -9.028  -21.863 1.00 88.67 ? 210 GLU A C   1 
ATOM   1539 O  O   . GLU A 1 211 ? 0.020   -9.139  -20.903 1.00 88.74 ? 210 GLU A O   1 
ATOM   1540 C  CB  . GLU A 1 211 ? 2.973   -10.220 -21.641 1.00 89.10 ? 210 GLU A CB  1 
ATOM   1541 C  CG  . GLU A 1 211 ? 3.974   -11.234 -22.184 1.00 89.89 ? 210 GLU A CG  1 
ATOM   1542 C  CD  . GLU A 1 211 ? 5.412   -10.843 -21.892 1.00 91.07 ? 210 GLU A CD  1 
ATOM   1543 O  OE1 . GLU A 1 211 ? 6.219   -10.780 -22.849 1.00 91.16 ? 210 GLU A OE1 1 
ATOM   1544 O  OE2 . GLU A 1 211 ? 5.737   -10.597 -20.705 1.00 91.45 ? 210 GLU A OE2 1 
ATOM   1545 N  N   . LYS A 1 212 ? 0.941   -7.895  -22.550 1.00 88.36 ? 211 LYS A N   1 
ATOM   1546 C  CA  . LYS A 1 212 ? 0.130   -6.701  -22.313 1.00 88.03 ? 211 LYS A CA  1 
ATOM   1547 C  C   . LYS A 1 212 ? -1.354  -7.070  -22.348 1.00 87.48 ? 211 LYS A C   1 
ATOM   1548 O  O   . LYS A 1 212 ? -2.126  -6.654  -21.481 1.00 87.55 ? 211 LYS A O   1 
ATOM   1549 C  CB  . LYS A 1 212 ? 0.474   -5.612  -23.344 1.00 88.20 ? 211 LYS A CB  1 
ATOM   1550 C  CG  . LYS A 1 212 ? -0.634  -4.604  -23.649 1.00 89.20 ? 211 LYS A CG  1 
ATOM   1551 C  CD  . LYS A 1 212 ? -0.450  -3.306  -22.869 1.00 90.51 ? 211 LYS A CD  1 
ATOM   1552 C  CE  . LYS A 1 212 ? -1.623  -2.361  -23.101 1.00 90.93 ? 211 LYS A CE  1 
ATOM   1553 N  NZ  . LYS A 1 212 ? -1.509  -1.135  -22.262 1.00 91.61 ? 211 LYS A NZ  1 
ATOM   1554 N  N   . SER A 1 213 ? -1.731  -7.877  -23.337 1.00 86.72 ? 212 SER A N   1 
ATOM   1555 C  CA  . SER A 1 213 ? -3.084  -8.402  -23.445 1.00 85.91 ? 212 SER A CA  1 
ATOM   1556 C  C   . SER A 1 213 ? -3.438  -9.255  -22.228 1.00 85.09 ? 212 SER A C   1 
ATOM   1557 O  O   . SER A 1 213 ? -4.381  -8.936  -21.507 1.00 85.12 ? 212 SER A O   1 
ATOM   1558 C  CB  . SER A 1 213 ? -3.237  -9.203  -24.738 1.00 86.10 ? 212 SER A CB  1 
ATOM   1559 O  OG  . SER A 1 213 ? -2.621  -10.476 -24.629 1.00 86.73 ? 212 SER A OG  1 
ATOM   1560 N  N   . LYS A 1 214 ? -2.660  -10.315 -22.002 1.00 84.01 ? 213 LYS A N   1 
ATOM   1561 C  CA  . LYS A 1 214 ? -2.841  -11.255 -20.890 1.00 82.96 ? 213 LYS A CA  1 
ATOM   1562 C  C   . LYS A 1 214 ? -3.259  -10.591 -19.574 1.00 81.91 ? 213 LYS A C   1 
ATOM   1563 O  O   . LYS A 1 214 ? -4.186  -11.055 -18.905 1.00 81.88 ? 213 LYS A O   1 
ATOM   1564 C  CB  . LYS A 1 214 ? -1.541  -12.035 -20.657 1.00 83.27 ? 213 LYS A CB  1 
ATOM   1565 C  CG  . LYS A 1 214 ? -1.666  -13.558 -20.739 1.00 84.08 ? 213 LYS A CG  1 
ATOM   1566 C  CD  . LYS A 1 214 ? -0.354  -14.225 -20.300 1.00 85.19 ? 213 LYS A CD  1 
ATOM   1567 C  CE  . LYS A 1 214 ? 0.478   -14.698 -21.497 1.00 85.83 ? 213 LYS A CE  1 
ATOM   1568 N  NZ  . LYS A 1 214 ? -0.090  -15.922 -22.154 1.00 86.03 ? 213 LYS A NZ  1 
ATOM   1569 N  N   . ILE A 1 215 ? -2.567  -9.509  -19.218 1.00 80.55 ? 214 ILE A N   1 
ATOM   1570 C  CA  . ILE A 1 215 ? -2.767  -8.806  -17.948 1.00 79.09 ? 214 ILE A CA  1 
ATOM   1571 C  C   . ILE A 1 215 ? -4.076  -8.014  -17.936 1.00 78.00 ? 214 ILE A C   1 
ATOM   1572 O  O   . ILE A 1 215 ? -4.801  -8.013  -16.933 1.00 77.64 ? 214 ILE A O   1 
ATOM   1573 C  CB  . ILE A 1 215 ? -1.554  -7.885  -17.640 1.00 79.19 ? 214 ILE A CB  1 
ATOM   1574 C  CG1 . ILE A 1 215 ? -0.246  -8.685  -17.687 1.00 79.20 ? 214 ILE A CG1 1 
ATOM   1575 C  CG2 . ILE A 1 215 ? -1.706  -7.229  -16.273 1.00 79.25 ? 214 ILE A CG2 1 
ATOM   1576 C  CD1 . ILE A 1 215 ? 0.982   -7.869  -18.048 1.00 79.47 ? 214 ILE A CD1 1 
ATOM   1577 N  N   . GLU A 1 216 ? -4.364  -7.346  -19.053 1.00 76.63 ? 215 GLU A N   1 
ATOM   1578 C  CA  . GLU A 1 216 ? -5.620  -6.619  -19.248 1.00 75.28 ? 215 GLU A CA  1 
ATOM   1579 C  C   . GLU A 1 216 ? -6.826  -7.556  -19.208 1.00 74.26 ? 215 GLU A C   1 
ATOM   1580 O  O   . GLU A 1 216 ? -7.895  -7.192  -18.706 1.00 74.30 ? 215 GLU A O   1 
ATOM   1581 C  CB  . GLU A 1 216 ? -5.599  -5.876  -20.580 1.00 75.32 ? 215 GLU A CB  1 
ATOM   1582 C  CG  . GLU A 1 216 ? -5.167  -4.423  -20.469 1.00 75.64 ? 215 GLU A CG  1 
ATOM   1583 C  CD  . GLU A 1 216 ? -4.974  -3.766  -21.824 1.00 76.23 ? 215 GLU A CD  1 
ATOM   1584 O  OE1 . GLU A 1 216 ? -5.139  -2.531  -21.906 1.00 76.52 ? 215 GLU A OE1 1 
ATOM   1585 O  OE2 . GLU A 1 216 ? -4.660  -4.476  -22.807 1.00 76.20 ? 215 GLU A OE2 1 
ATOM   1586 N  N   . GLN A 1 217 ? -6.631  -8.762  -19.734 1.00 72.74 ? 216 GLN A N   1 
ATOM   1587 C  CA  . GLN A 1 217 ? -7.655  -9.799  -19.758 1.00 71.18 ? 216 GLN A CA  1 
ATOM   1588 C  C   . GLN A 1 217 ? -7.762  -10.509 -18.412 1.00 69.71 ? 216 GLN A C   1 
ATOM   1589 O  O   . GLN A 1 217 ? -8.687  -11.291 -18.188 1.00 69.83 ? 216 GLN A O   1 
ATOM   1590 C  CB  . GLN A 1 217 ? -7.342  -10.805 -20.864 1.00 71.60 ? 216 GLN A CB  1 
ATOM   1591 C  CG  . GLN A 1 217 ? -7.182  -10.176 -22.251 1.00 72.61 ? 216 GLN A CG  1 
ATOM   1592 C  CD  . GLN A 1 217 ? -6.655  -11.154 -23.290 1.00 74.35 ? 216 GLN A CD  1 
ATOM   1593 O  OE1 . GLN A 1 217 ? -7.094  -12.309 -23.348 1.00 75.36 ? 216 GLN A OE1 1 
ATOM   1594 N  NE2 . GLN A 1 217 ? -5.720  -10.697 -24.119 1.00 74.43 ? 216 GLN A NE2 1 
ATOM   1595 N  N   . TYR A 1 218 ? -6.795  -10.243 -17.535 1.00 67.79 ? 217 TYR A N   1 
ATOM   1596 C  CA  . TYR A 1 218 ? -6.835  -10.675 -16.139 1.00 65.63 ? 217 TYR A CA  1 
ATOM   1597 C  C   . TYR A 1 218 ? -7.541  -9.617  -15.286 1.00 65.19 ? 217 TYR A C   1 
ATOM   1598 O  O   . TYR A 1 218 ? -8.262  -9.947  -14.342 1.00 64.39 ? 217 TYR A O   1 
ATOM   1599 C  CB  . TYR A 1 218 ? -5.414  -10.926 -15.607 1.00 64.88 ? 217 TYR A CB  1 
ATOM   1600 C  CG  . TYR A 1 218 ? -5.353  -11.229 -14.128 1.00 61.58 ? 217 TYR A CG  1 
ATOM   1601 C  CD1 . TYR A 1 218 ? -5.375  -12.540 -13.668 1.00 59.11 ? 217 TYR A CD1 1 
ATOM   1602 C  CD2 . TYR A 1 218 ? -5.276  -10.200 -13.188 1.00 59.17 ? 217 TYR A CD2 1 
ATOM   1603 C  CE1 . TYR A 1 218 ? -5.321  -12.821 -12.302 1.00 58.34 ? 217 TYR A CE1 1 
ATOM   1604 C  CE2 . TYR A 1 218 ? -5.230  -10.465 -11.831 1.00 57.62 ? 217 TYR A CE2 1 
ATOM   1605 C  CZ  . TYR A 1 218 ? -5.247  -11.776 -11.394 1.00 57.67 ? 217 TYR A CZ  1 
ATOM   1606 O  OH  . TYR A 1 218 ? -5.196  -12.043 -10.049 1.00 57.48 ? 217 TYR A OH  1 
ATOM   1607 N  N   . LEU A 1 219 ? -7.309  -8.349  -15.621 1.00 65.07 ? 218 LEU A N   1 
ATOM   1608 C  CA  . LEU A 1 219 ? -8.000  -7.233  -14.974 1.00 65.20 ? 218 LEU A CA  1 
ATOM   1609 C  C   . LEU A 1 219 ? -9.501  -7.297  -15.253 1.00 65.20 ? 218 LEU A C   1 
ATOM   1610 O  O   . LEU A 1 219 ? -10.322 -6.987  -14.379 1.00 65.41 ? 218 LEU A O   1 
ATOM   1611 C  CB  . LEU A 1 219 ? -7.426  -5.877  -15.418 1.00 64.99 ? 218 LEU A CB  1 
ATOM   1612 C  CG  . LEU A 1 219 ? -7.984  -4.640  -14.691 1.00 65.12 ? 218 LEU A CG  1 
ATOM   1613 C  CD1 . LEU A 1 219 ? -7.784  -4.730  -13.169 1.00 64.96 ? 218 LEU A CD1 1 
ATOM   1614 C  CD2 . LEU A 1 219 ? -7.418  -3.325  -15.243 1.00 64.45 ? 218 LEU A CD2 1 
ATOM   1615 N  N   . GLN A 1 220 ? -9.846  -7.709  -16.470 1.00 64.93 ? 219 GLN A N   1 
ATOM   1616 C  CA  . GLN A 1 220 ? -11.232 -7.904  -16.861 1.00 64.75 ? 219 GLN A CA  1 
ATOM   1617 C  C   . GLN A 1 220 ? -11.909 -8.988  -16.018 1.00 64.35 ? 219 GLN A C   1 
ATOM   1618 O  O   . GLN A 1 220 ? -12.920 -8.725  -15.361 1.00 64.46 ? 219 GLN A O   1 
ATOM   1619 C  CB  . GLN A 1 220 ? -11.322 -8.241  -18.349 1.00 64.94 ? 219 GLN A CB  1 
ATOM   1620 C  CG  . GLN A 1 220 ? -12.438 -7.506  -19.060 1.00 65.76 ? 219 GLN A CG  1 
ATOM   1621 C  CD  . GLN A 1 220 ? -11.998 -6.894  -20.374 1.00 67.16 ? 219 GLN A CD  1 
ATOM   1622 O  OE1 . GLN A 1 220 ? -11.986 -7.575  -21.409 1.00 67.24 ? 219 GLN A OE1 1 
ATOM   1623 N  NE2 . GLN A 1 220 ? -11.637 -5.608  -20.341 1.00 67.27 ? 219 GLN A NE2 1 
ATOM   1624 N  N   . THR A 1 221 ? -11.339 -10.193 -16.029 1.00 63.71 ? 220 THR A N   1 
ATOM   1625 C  CA  . THR A 1 221 ? -11.889 -11.338 -15.297 1.00 62.91 ? 220 THR A CA  1 
ATOM   1626 C  C   . THR A 1 221 ? -11.947 -11.128 -13.775 1.00 62.37 ? 220 THR A C   1 
ATOM   1627 O  O   . THR A 1 221 ? -12.960 -11.452 -13.145 1.00 62.37 ? 220 THR A O   1 
ATOM   1628 C  CB  . THR A 1 221 ? -11.086 -12.621 -15.642 1.00 63.10 ? 220 THR A CB  1 
ATOM   1629 O  OG1 . THR A 1 221 ? -11.142 -12.855 -17.057 1.00 63.77 ? 220 THR A OG1 1 
ATOM   1630 C  CG2 . THR A 1 221 ? -11.723 -13.880 -15.034 1.00 62.17 ? 220 THR A CG2 1 
ATOM   1631 N  N   . TYR A 1 222 ? -10.882 -10.579 -13.189 1.00 61.56 ? 221 TYR A N   1 
ATOM   1632 C  CA  . TYR A 1 222 ? -10.755 -10.555 -11.728 1.00 61.08 ? 221 TYR A CA  1 
ATOM   1633 C  C   . TYR A 1 222 ? -10.792 -9.168  -11.073 1.00 60.81 ? 221 TYR A C   1 
ATOM   1634 O  O   . TYR A 1 222 ? -10.923 -9.060  -9.848  1.00 60.27 ? 221 TYR A O   1 
ATOM   1635 C  CB  . TYR A 1 222 ? -9.501  -11.317 -11.286 1.00 60.95 ? 221 TYR A CB  1 
ATOM   1636 C  CG  . TYR A 1 222 ? -9.475  -12.762 -11.730 1.00 61.18 ? 221 TYR A CG  1 
ATOM   1637 C  CD1 . TYR A 1 222 ? -8.716  -13.155 -12.826 1.00 61.42 ? 221 TYR A CD1 1 
ATOM   1638 C  CD2 . TYR A 1 222 ? -10.218 -13.737 -11.059 1.00 61.59 ? 221 TYR A CD2 1 
ATOM   1639 C  CE1 . TYR A 1 222 ? -8.683  -14.487 -13.242 1.00 62.15 ? 221 TYR A CE1 1 
ATOM   1640 C  CE2 . TYR A 1 222 ? -10.194 -15.072 -11.468 1.00 61.25 ? 221 TYR A CE2 1 
ATOM   1641 C  CZ  . TYR A 1 222 ? -9.423  -15.437 -12.558 1.00 62.10 ? 221 TYR A CZ  1 
ATOM   1642 O  OH  . TYR A 1 222 ? -9.388  -16.749 -12.977 1.00 62.84 ? 221 TYR A OH  1 
ATOM   1643 N  N   . GLY A 1 223 ? -10.693 -8.118  -11.886 1.00 60.67 ? 222 GLY A N   1 
ATOM   1644 C  CA  . GLY A 1 223 ? -10.641 -6.759  -11.377 1.00 60.88 ? 222 GLY A CA  1 
ATOM   1645 C  C   . GLY A 1 223 ? -11.969 -6.172  -10.934 1.00 61.10 ? 222 GLY A C   1 
ATOM   1646 O  O   . GLY A 1 223 ? -13.017 -6.451  -11.520 1.00 60.85 ? 222 GLY A O   1 
ATOM   1647 N  N   . ALA A 1 224 ? -11.912 -5.350  -9.889  1.00 61.42 ? 223 ALA A N   1 
ATOM   1648 C  CA  . ALA A 1 224 ? -13.069 -4.599  -9.414  1.00 62.08 ? 223 ALA A CA  1 
ATOM   1649 C  C   . ALA A 1 224 ? -13.231 -3.299  -10.193 1.00 62.46 ? 223 ALA A C   1 
ATOM   1650 O  O   . ALA A 1 224 ? -12.248 -2.720  -10.661 1.00 62.66 ? 223 ALA A O   1 
ATOM   1651 C  CB  . ALA A 1 224 ? -12.941 -4.307  -7.919  1.00 61.98 ? 223 ALA A CB  1 
ATOM   1652 N  N   . SER A 1 225 ? -14.473 -2.846  -10.327 1.00 63.03 ? 224 SER A N   1 
ATOM   1653 C  CA  . SER A 1 225 ? -14.769 -1.562  -10.968 1.00 63.70 ? 224 SER A CA  1 
ATOM   1654 C  C   . SER A 1 225 ? -14.366 -0.394  -10.065 1.00 63.93 ? 224 SER A C   1 
ATOM   1655 O  O   . SER A 1 225 ? -14.214 -0.568  -8.858  1.00 64.00 ? 224 SER A O   1 
ATOM   1656 C  CB  . SER A 1 225 ? -16.257 -1.467  -11.337 1.00 63.75 ? 224 SER A CB  1 
ATOM   1657 O  OG  . SER A 1 225 ? -17.012 -2.541  -10.787 1.00 64.30 ? 224 SER A OG  1 
ATOM   1658 N  N   . ALA A 1 226 ? -14.184 0.789   -10.653 1.00 64.38 ? 225 ALA A N   1 
ATOM   1659 C  CA  . ALA A 1 226 ? -13.880 1.999   -9.880  1.00 64.72 ? 225 ALA A CA  1 
ATOM   1660 C  C   . ALA A 1 226 ? -15.036 2.405   -8.967  1.00 64.79 ? 225 ALA A C   1 
ATOM   1661 O  O   . ALA A 1 226 ? -14.806 3.032   -7.934  1.00 65.14 ? 225 ALA A O   1 
ATOM   1662 C  CB  . ALA A 1 226 ? -13.502 3.152   -10.800 1.00 64.81 ? 225 ALA A CB  1 
ATOM   1663 O  OXT . ALA A 1 226 ? -16.209 2.117   -9.231  1.00 64.65 ? 225 ALA A OXT 1 
HETATM 1664 MG MG  . MG  B 2 .   ? -1.921  18.785  -4.305  1.00 61.81 ? 226 MG  A MG  1 
HETATM 1665 O  O   . HOH C 3 .   ? -18.039 -7.082  -14.875 1.00 54.21 ? 227 HOH A O   1 
HETATM 1666 O  O   . HOH C 3 .   ? -14.766 -4.369  -14.031 1.00 62.57 ? 228 HOH A O   1 
HETATM 1667 O  O   . HOH C 3 .   ? -15.591 -6.723  -12.556 1.00 49.92 ? 229 HOH A O   1 
HETATM 1668 O  O   . HOH C 3 .   ? -1.102  18.337  -2.338  1.00 46.57 ? 230 HOH A O   1 
HETATM 1669 O  O   . HOH C 3 .   ? 15.885  -7.512  -4.414  1.00 39.53 ? 231 HOH A O   1 
HETATM 1670 O  O   . HOH C 3 .   ? 8.356   -10.478 -6.945  1.00 49.95 ? 232 HOH A O   1 
HETATM 1671 O  O   . HOH C 3 .   ? -0.260  -12.211 -8.386  1.00 71.05 ? 233 HOH A O   1 
HETATM 1672 O  O   . HOH C 3 .   ? 1.804   -11.471 -5.383  1.00 39.00 ? 234 HOH A O   1 
HETATM 1673 O  O   . HOH C 3 .   ? 0.300   -8.818  -4.022  1.00 40.46 ? 235 HOH A O   1 
HETATM 1674 O  O   . HOH C 3 .   ? 4.331   -7.473  -0.844  1.00 34.90 ? 236 HOH A O   1 
HETATM 1675 O  O   . HOH C 3 .   ? 7.596   -9.484  2.289   1.00 47.26 ? 237 HOH A O   1 
HETATM 1676 O  O   . HOH C 3 .   ? 13.393  -8.456  2.448   1.00 56.62 ? 238 HOH A O   1 
HETATM 1677 O  O   . HOH C 3 .   ? 14.786  8.523   -2.481  1.00 44.11 ? 239 HOH A O   1 
HETATM 1678 O  O   . HOH C 3 .   ? -1.948  10.601  -3.429  1.00 34.93 ? 240 HOH A O   1 
HETATM 1679 O  O   . HOH C 3 .   ? -1.111  14.460  3.882   1.00 41.50 ? 241 HOH A O   1 
HETATM 1680 O  O   . HOH C 3 .   ? -0.799  15.874  8.208   1.00 42.55 ? 242 HOH A O   1 
HETATM 1681 O  O   . HOH C 3 .   ? 1.948   14.342  15.759  1.00 45.73 ? 243 HOH A O   1 
HETATM 1682 O  O   . HOH C 3 .   ? 4.634   -9.803  9.183   1.00 28.17 ? 244 HOH A O   1 
HETATM 1683 O  O   . HOH C 3 .   ? 10.083  -6.536  5.934   1.00 54.69 ? 245 HOH A O   1 
HETATM 1684 O  O   . HOH C 3 .   ? 8.501   -4.319  5.362   1.00 38.08 ? 246 HOH A O   1 
HETATM 1685 O  O   . HOH C 3 .   ? 13.805  7.188   5.551   1.00 30.79 ? 247 HOH A O   1 
HETATM 1686 O  O   . HOH C 3 .   ? 10.890  19.152  4.696   1.00 42.30 ? 248 HOH A O   1 
HETATM 1687 O  O   . HOH C 3 .   ? 5.039   19.180  11.749  1.00 54.66 ? 249 HOH A O   1 
HETATM 1688 O  O   . HOH C 3 .   ? -0.050  17.971  8.184   1.00 64.37 ? 250 HOH A O   1 
HETATM 1689 O  O   . HOH C 3 .   ? 4.733   8.369   19.142  1.00 42.19 ? 251 HOH A O   1 
HETATM 1690 O  O   . HOH C 3 .   ? -3.607  6.526   23.970  1.00 62.36 ? 252 HOH A O   1 
HETATM 1691 O  O   . HOH C 3 .   ? 2.254   2.993   24.263  1.00 53.57 ? 253 HOH A O   1 
HETATM 1692 O  O   . HOH C 3 .   ? 6.533   -6.877  2.343   1.00 42.50 ? 254 HOH A O   1 
HETATM 1693 O  O   . HOH C 3 .   ? -10.276 1.088   25.697  1.00 55.57 ? 255 HOH A O   1 
HETATM 1694 O  O   . HOH C 3 .   ? -4.081  -7.912  -9.732  1.00 49.72 ? 256 HOH A O   1 
HETATM 1695 O  O   . HOH C 3 .   ? -16.293 -5.173  -9.429  1.00 43.83 ? 257 HOH A O   1 
HETATM 1696 O  O   . HOH C 3 .   ? -9.274  -1.364  -5.682  1.00 33.14 ? 258 HOH A O   1 
HETATM 1697 O  O   . HOH C 3 .   ? -7.676  -3.965  -3.223  1.00 38.38 ? 259 HOH A O   1 
HETATM 1698 O  O   . HOH C 3 .   ? -9.321  1.913   -2.919  1.00 56.44 ? 260 HOH A O   1 
HETATM 1699 O  O   . HOH C 3 .   ? -15.710 1.253   -1.206  1.00 42.32 ? 261 HOH A O   1 
HETATM 1700 O  O   . HOH C 3 .   ? -18.417 3.801   3.759   1.00 44.12 ? 262 HOH A O   1 
HETATM 1701 O  O   . HOH C 3 .   ? -14.092 5.093   10.875  1.00 32.63 ? 263 HOH A O   1 
HETATM 1702 O  O   . HOH C 3 .   ? 3.600   14.105  -9.143  1.00 39.66 ? 264 HOH A O   1 
HETATM 1703 O  O   . HOH C 3 .   ? 1.191   15.197  -13.566 1.00 44.96 ? 265 HOH A O   1 
HETATM 1704 O  O   . HOH C 3 .   ? -4.146  18.742  -4.173  1.00 64.66 ? 266 HOH A O   1 
HETATM 1705 O  O   . HOH C 3 .   ? -0.900  7.078   -5.410  1.00 34.08 ? 267 HOH A O   1 
HETATM 1706 O  O   . HOH C 3 .   ? 10.900  -3.983  2.358   1.00 54.37 ? 268 HOH A O   1 
HETATM 1707 O  O   . HOH C 3 .   ? 6.175   12.765  -8.912  1.00 53.80 ? 269 HOH A O   1 
HETATM 1708 O  O   . HOH C 3 .   ? -2.033  -0.060  5.530   1.00 41.61 ? 270 HOH A O   1 
HETATM 1709 O  O   . HOH C 3 .   ? -6.977  -7.269  -3.820  1.00 66.80 ? 271 HOH A O   1 
HETATM 1710 O  O   . HOH C 3 .   ? -0.700  10.889  -6.252  1.00 50.44 ? 272 HOH A O   1 
HETATM 1711 O  O   . HOH C 3 .   ? 18.209  -6.039  -3.893  1.00 52.61 ? 273 HOH A O   1 
HETATM 1712 O  O   . HOH C 3 .   ? 10.795  -2.862  4.610   1.00 46.47 ? 274 HOH A O   1 
HETATM 1713 O  O   . HOH C 3 .   ? 19.987  -1.637  -4.265  1.00 35.19 ? 275 HOH A O   1 
HETATM 1714 O  O   . HOH C 3 .   ? 15.178  -10.019 0.862   1.00 47.90 ? 276 HOH A O   1 
HETATM 1715 O  O   . HOH C 3 .   ? -10.242 4.280   14.931  1.00 48.10 ? 277 HOH A O   1 
HETATM 1716 O  O   . HOH C 3 .   ? 9.475   -10.277 -15.094 1.00 28.85 ? 278 HOH A O   1 
HETATM 1717 O  O   . HOH C 3 .   ? 9.505   -4.288  -26.022 1.00 58.18 ? 279 HOH A O   1 
HETATM 1718 O  O   . HOH C 3 .   ? 6.455   -12.760 17.189  1.00 65.33 ? 280 HOH A O   1 
HETATM 1719 O  O   . HOH C 3 .   ? -20.264 0.482   6.901   1.00 52.19 ? 281 HOH A O   1 
HETATM 1720 O  O   . HOH C 3 .   ? -12.040 8.893   10.436  1.00 44.94 ? 282 HOH A O   1 
HETATM 1721 O  O   . HOH C 3 .   ? -17.348 1.017   -6.010  1.00 50.33 ? 283 HOH A O   1 
HETATM 1722 O  O   . HOH C 3 .   ? -20.688 -0.482  -1.981  1.00 42.07 ? 284 HOH A O   1 
HETATM 1723 O  O   . HOH C 3 .   ? 7.390   4.660   18.505  1.00 59.54 ? 285 HOH A O   1 
HETATM 1724 O  O   . HOH C 3 .   ? -19.367 0.732   -9.853  1.00 70.22 ? 286 HOH A O   1 
HETATM 1725 O  O   . HOH C 3 .   ? -5.696  2.111   -3.337  1.00 43.69 ? 287 HOH A O   1 
HETATM 1726 O  O   . HOH C 3 .   ? -17.223 -3.001  3.711   1.00 51.36 ? 288 HOH A O   1 
HETATM 1727 O  O   . HOH C 3 .   ? 11.899  19.801  2.026   1.00 49.89 ? 289 HOH A O   1 
HETATM 1728 O  O   . HOH C 3 .   ? -10.039 5.058   -0.886  1.00 51.95 ? 290 HOH A O   1 
HETATM 1729 O  O   . HOH C 3 .   ? 13.160  12.157  -1.850  1.00 58.40 ? 291 HOH A O   1 
HETATM 1730 O  O   . HOH C 3 .   ? -18.345 -6.950  -2.406  1.00 52.92 ? 292 HOH A O   1 
HETATM 1731 O  O   . HOH C 3 .   ? 14.404  6.184   -9.291  1.00 45.67 ? 293 HOH A O   1 
HETATM 1732 O  O   . HOH C 3 .   ? 2.826   -16.552 -18.725 1.00 51.11 ? 294 HOH A O   1 
HETATM 1733 O  O   . HOH C 3 .   ? -10.702 -1.228  -9.158  1.00 60.03 ? 295 HOH A O   1 
HETATM 1734 O  O   . HOH C 3 .   ? -0.827  -7.582  18.775  1.00 70.50 ? 296 HOH A O   1 
HETATM 1735 O  O   . HOH C 3 .   ? -19.519 -1.784  5.038   1.00 50.08 ? 297 HOH A O   1 
HETATM 1736 O  O   . HOH C 3 .   ? -0.379  3.505   -21.831 1.00 54.85 ? 298 HOH A O   1 
HETATM 1737 O  O   . HOH C 3 .   ? 10.623  -11.072 0.992   1.00 69.81 ? 299 HOH A O   1 
HETATM 1738 O  O   . HOH C 3 .   ? -3.205  4.048   -6.729  1.00 46.52 ? 300 HOH A O   1 
HETATM 1739 O  O   . HOH C 3 .   ? 9.393   6.782   -6.234  1.00 60.36 ? 301 HOH A O   1 
HETATM 1740 O  O   . HOH C 3 .   ? 12.384  6.596   -7.186  1.00 59.36 ? 302 HOH A O   1 
HETATM 1741 O  O   . HOH C 3 .   ? 2.943   -1.785  -25.692 1.00 78.23 ? 303 HOH A O   1 
HETATM 1742 O  O   . HOH C 3 .   ? 22.373  -0.223  -6.938  1.00 61.98 ? 304 HOH A O   1 
HETATM 1743 O  O   . HOH C 3 .   ? -1.693  8.562   -11.041 1.00 63.96 ? 305 HOH A O   1 
HETATM 1744 O  O   . HOH C 3 .   ? -5.308  -0.451  -20.048 1.00 63.47 ? 306 HOH A O   1 
HETATM 1745 O  O   . HOH C 3 .   ? 0.599   -3.044  -26.872 1.00 80.97 ? 307 HOH A O   1 
HETATM 1746 O  O   . HOH C 3 .   ? -16.141 -2.184  -7.330  1.00 54.74 ? 308 HOH A O   1 
HETATM 1747 O  O   . HOH C 3 .   ? 10.352  13.854  -12.051 1.00 60.25 ? 309 HOH A O   1 
HETATM 1748 O  O   . HOH C 3 .   ? -3.546  6.761   -3.919  1.00 55.50 ? 310 HOH A O   1 
HETATM 1749 O  O   . HOH C 3 .   ? -8.132  7.052   -2.358  1.00 52.66 ? 311 HOH A O   1 
HETATM 1750 O  O   . HOH C 3 .   ? -11.986 6.927   -0.529  1.00 63.45 ? 312 HOH A O   1 
HETATM 1751 O  O   . HOH C 3 .   ? 9.802   -6.142  -17.643 1.00 46.28 ? 313 HOH A O   1 
HETATM 1752 O  O   . HOH C 3 .   ? -21.701 1.954   5.418   1.00 51.53 ? 314 HOH A O   1 
HETATM 1753 O  O   . HOH C 3 .   ? -13.121 7.165   2.044   1.00 53.10 ? 315 HOH A O   1 
HETATM 1754 O  O   . HOH C 3 .   ? 2.902   -19.407 -7.806  1.00 52.23 ? 316 HOH A O   1 
HETATM 1755 O  O   . HOH C 3 .   ? 1.145   -16.022 -6.460  1.00 53.82 ? 317 HOH A O   1 
HETATM 1756 O  O   . HOH C 3 .   ? 8.089   -5.268  3.105   1.00 31.34 ? 318 HOH A O   1 
HETATM 1757 O  O   . HOH C 3 .   ? 18.513  6.592   -5.343  1.00 55.90 ? 319 HOH A O   1 
HETATM 1758 O  O   . HOH C 3 .   ? 10.315  9.451   -7.141  1.00 57.15 ? 320 HOH A O   1 
HETATM 1759 O  O   . HOH C 3 .   ? -7.943  14.569  6.516   1.00 57.92 ? 321 HOH A O   1 
HETATM 1760 O  O   . HOH C 3 .   ? -8.403  13.491  10.180  1.00 69.59 ? 322 HOH A O   1 
HETATM 1761 O  O   . HOH C 3 .   ? 1.304   11.382  19.520  1.00 72.06 ? 323 HOH A O   1 
HETATM 1762 O  O   . HOH C 3 .   ? 1.838   12.749  22.116  1.00 58.10 ? 324 HOH A O   1 
HETATM 1763 O  O   . HOH C 3 .   ? -5.037  -5.213  -2.638  1.00 38.64 ? 325 HOH A O   1 
HETATM 1764 O  O   . HOH C 3 .   ? -11.178 2.664   -1.679  1.00 55.04 ? 326 HOH A O   1 
# 
loop_
_pdbx_poly_seq_scheme.asym_id 
_pdbx_poly_seq_scheme.entity_id 
_pdbx_poly_seq_scheme.seq_id 
_pdbx_poly_seq_scheme.mon_id 
_pdbx_poly_seq_scheme.ndb_seq_num 
_pdbx_poly_seq_scheme.pdb_seq_num 
_pdbx_poly_seq_scheme.auth_seq_num 
_pdbx_poly_seq_scheme.pdb_mon_id 
_pdbx_poly_seq_scheme.auth_mon_id 
_pdbx_poly_seq_scheme.pdb_strand_id 
_pdbx_poly_seq_scheme.pdb_ins_code 
_pdbx_poly_seq_scheme.hetero 
A 1 1   MET 1   0   ?   ?   ?   A . n 
A 1 2   PRO 2   1   ?   ?   ?   A . n 
A 1 3   ILE 3   2   2   ILE ILE A . n 
A 1 4   MET 4   3   3   MET MET A . n 
A 1 5   LEU 5   4   4   LEU LEU A . n 
A 1 6   GLU 6   5   5   GLU GLU A . n 
A 1 7   ASP 7   6   6   ASP ASP A . n 
A 1 8   TYR 8   7   7   TYR TYR A . n 
A 1 9   GLN 9   8   8   GLN GLN A . n 
A 1 10  LYS 10  9   9   LYS LYS A . n 
A 1 11  ASN 11  10  10  ASN ASN A . n 
A 1 12  PHE 12  11  11  PHE PHE A . n 
A 1 13  LEU 13  12  12  LEU LEU A . n 
A 1 14  GLU 14  13  13  GLU GLU A . n 
A 1 15  LEU 15  14  14  LEU LEU A . n 
A 1 16  ALA 16  15  15  ALA ALA A . n 
A 1 17  ILE 17  16  16  ILE ILE A . n 
A 1 18  GLU 18  17  17  GLU GLU A . n 
A 1 19  CYS 19  18  18  CYS CYS A . n 
A 1 20  GLN 20  19  19  GLN GLN A . n 
A 1 21  ALA 21  20  20  ALA ALA A . n 
A 1 22  LEU 22  21  21  LEU LEU A . n 
A 1 23  ARG 23  22  22  ARG ARG A . n 
A 1 24  PHE 24  23  23  PHE PHE A . n 
A 1 25  GLY 25  24  24  GLY GLY A . n 
A 1 26  SER 26  25  25  SER SER A . n 
A 1 27  PHE 27  26  26  PHE PHE A . n 
A 1 28  LYS 28  27  27  LYS LYS A . n 
A 1 29  LEU 29  28  28  LEU LEU A . n 
A 1 30  LYS 30  29  29  LYS LYS A . n 
A 1 31  SER 31  30  30  SER SER A . n 
A 1 32  GLY 32  31  31  GLY GLY A . n 
A 1 33  ARG 33  32  32  ARG ARG A . n 
A 1 34  GLU 34  33  33  GLU GLU A . n 
A 1 35  SER 35  34  34  SER SER A . n 
A 1 36  PRO 36  35  35  PRO PRO A . n 
A 1 37  TYR 37  36  36  TYR TYR A . n 
A 1 38  PHE 38  37  37  PHE PHE A . n 
A 1 39  PHE 39  38  38  PHE PHE A . n 
A 1 40  ASN 40  39  39  ASN ASN A . n 
A 1 41  LEU 41  40  40  LEU LEU A . n 
A 1 42  GLY 42  41  41  GLY GLY A . n 
A 1 43  LEU 43  42  42  LEU LEU A . n 
A 1 44  PHE 44  43  43  PHE PHE A . n 
A 1 45  ASN 45  44  44  ASN ASN A . n 
A 1 46  THR 46  45  45  THR THR A . n 
A 1 47  GLY 47  46  46  GLY GLY A . n 
A 1 48  LYS 48  47  47  LYS LYS A . n 
A 1 49  LEU 49  48  48  LEU LEU A . n 
A 1 50  LEU 50  49  49  LEU LEU A . n 
A 1 51  SER 51  50  50  SER SER A . n 
A 1 52  ASN 52  51  51  ASN ASN A . n 
A 1 53  LEU 53  52  52  LEU LEU A . n 
A 1 54  ALA 54  53  53  ALA ALA A . n 
A 1 55  THR 55  54  54  THR THR A . n 
A 1 56  ALA 56  55  55  ALA ALA A . n 
A 1 57  TYR 57  56  56  TYR TYR A . n 
A 1 58  ALA 58  57  57  ALA ALA A . n 
A 1 59  ILE 59  58  58  ILE ILE A . n 
A 1 60  ALA 60  59  59  ALA ALA A . n 
A 1 61  ILE 61  60  60  ILE ILE A . n 
A 1 62  ILE 62  61  61  ILE ILE A . n 
A 1 63  GLN 63  62  62  GLN GLN A . n 
A 1 64  SER 64  63  63  SER SER A . n 
A 1 65  ASP 65  64  64  ASP ASP A . n 
A 1 66  LEU 66  65  65  LEU LEU A . n 
A 1 67  LYS 67  66  66  LYS LYS A . n 
A 1 68  PHE 68  67  67  PHE PHE A . n 
A 1 69  ASP 69  68  68  ASP ASP A . n 
A 1 70  VAL 70  69  69  VAL VAL A . n 
A 1 71  ILE 71  70  70  ILE ILE A . n 
A 1 72  PHE 72  71  71  PHE PHE A . n 
A 1 73  GLY 73  72  72  GLY GLY A . n 
A 1 74  PRO 74  73  73  PRO PRO A . n 
A 1 75  ALA 75  74  74  ALA ALA A . n 
A 1 76  TYR 76  75  75  TYR TYR A . n 
A 1 77  LYS 77  76  76  LYS LYS A . n 
A 1 78  GLY 78  77  77  GLY GLY A . n 
A 1 79  ILE 79  78  78  ILE ILE A . n 
A 1 80  PRO 80  79  79  PRO PRO A . n 
A 1 81  LEU 81  80  80  LEU LEU A . n 
A 1 82  ALA 82  81  81  ALA ALA A . n 
A 1 83  ALA 83  82  82  ALA ALA A . n 
A 1 84  ILE 84  83  83  ILE ILE A . n 
A 1 85  VAL 85  84  84  VAL VAL A . n 
A 1 86  CYS 86  85  85  CYS CYS A . n 
A 1 87  VAL 87  86  86  VAL VAL A . n 
A 1 88  LYS 88  87  87  LYS LYS A . n 
A 1 89  LEU 89  88  88  LEU LEU A . n 
A 1 90  ALA 90  89  89  ALA ALA A . n 
A 1 91  GLU 91  90  90  GLU GLU A . n 
A 1 92  ILE 92  91  91  ILE ILE A . n 
A 1 93  GLY 93  92  92  GLY GLY A . n 
A 1 94  GLY 94  93  93  GLY GLY A . n 
A 1 95  SER 95  94  94  SER SER A . n 
A 1 96  LYS 96  95  95  LYS LYS A . n 
A 1 97  PHE 97  96  96  PHE PHE A . n 
A 1 98  GLN 98  97  97  GLN GLN A . n 
A 1 99  ASN 99  98  98  ASN ASN A . n 
A 1 100 ILE 100 99  99  ILE ILE A . n 
A 1 101 GLN 101 100 100 GLN GLN A . n 
A 1 102 TYR 102 101 101 TYR TYR A . n 
A 1 103 ALA 103 102 102 ALA ALA A . n 
A 1 104 PHE 104 103 103 PHE PHE A . n 
A 1 105 ASN 105 104 104 ASN ASN A . n 
A 1 106 ARG 106 105 105 ARG ARG A . n 
A 1 107 LYS 107 106 106 LYS LYS A . n 
A 1 108 GLU 108 107 107 GLU GLU A . n 
A 1 109 ALA 109 108 108 ALA ALA A . n 
A 1 110 LYS 110 109 ?   ?   ?   A . n 
A 1 111 ASP 111 110 ?   ?   ?   A . n 
A 1 112 HIS 112 111 ?   ?   ?   A . n 
A 1 113 GLY 113 112 ?   ?   ?   A . n 
A 1 114 GLU 114 113 ?   ?   ?   A . n 
A 1 115 GLY 115 114 ?   ?   ?   A . n 
A 1 116 GLY 116 115 115 GLY GLY A . n 
A 1 117 ILE 117 116 116 ILE ILE A . n 
A 1 118 ILE 118 117 117 ILE ILE A . n 
A 1 119 VAL 119 118 118 VAL VAL A . n 
A 1 120 GLY 120 119 119 GLY GLY A . n 
A 1 121 SER 121 120 120 SER SER A . n 
A 1 122 ALA 122 121 121 ALA ALA A . n 
A 1 123 LEU 123 122 122 LEU LEU A . n 
A 1 124 GLU 124 123 123 GLU GLU A . n 
A 1 125 ASN 125 124 124 ASN ASN A . n 
A 1 126 LYS 126 125 125 LYS LYS A . n 
A 1 127 ARG 127 126 126 ARG ARG A . n 
A 1 128 ILE 128 127 127 ILE ILE A . n 
A 1 129 LEU 129 128 128 LEU LEU A . n 
A 1 130 ILE 130 129 129 ILE ILE A . n 
A 1 131 ILE 131 130 130 ILE ILE A . n 
A 1 132 ASP 132 131 131 ASP ASP A . n 
A 1 133 ASP 133 132 132 ASP ASP A . n 
A 1 134 VAL 134 133 133 VAL VAL A . n 
A 1 135 MET 135 134 134 MET MET A . n 
A 1 136 THR 136 135 135 THR THR A . n 
A 1 137 ALA 137 136 ?   ?   ?   A . n 
A 1 138 GLY 138 137 ?   ?   ?   A . n 
A 1 139 THR 139 138 ?   ?   ?   A . n 
A 1 140 ALA 140 139 139 ALA ALA A . n 
A 1 141 ILE 141 140 140 ILE ILE A . n 
A 1 142 ASN 142 141 141 ASN ASN A . n 
A 1 143 GLU 143 142 142 GLU GLU A . n 
A 1 144 ALA 144 143 143 ALA ALA A . n 
A 1 145 PHE 145 144 144 PHE PHE A . n 
A 1 146 GLU 146 145 145 GLU GLU A . n 
A 1 147 ILE 147 146 146 ILE ILE A . n 
A 1 148 ILE 148 147 147 ILE ILE A . n 
A 1 149 SER 149 148 148 SER SER A . n 
A 1 150 ASN 150 149 149 ASN ASN A . n 
A 1 151 ALA 151 150 150 ALA ALA A . n 
A 1 152 LYS 152 151 151 LYS LYS A . n 
A 1 153 GLY 153 152 152 GLY GLY A . n 
A 1 154 GLN 154 153 153 GLN GLN A . n 
A 1 155 VAL 155 154 154 VAL VAL A . n 
A 1 156 VAL 156 155 155 VAL VAL A . n 
A 1 157 GLY 157 156 156 GLY GLY A . n 
A 1 158 SER 158 157 157 SER SER A . n 
A 1 159 ILE 159 158 158 ILE ILE A . n 
A 1 160 ILE 160 159 159 ILE ILE A . n 
A 1 161 ALA 161 160 160 ALA ALA A . n 
A 1 162 LEU 162 161 161 LEU LEU A . n 
A 1 163 ASP 163 162 162 ASP ASP A . n 
A 1 164 ARG 164 163 163 ARG ARG A . n 
A 1 165 GLN 165 164 164 GLN GLN A . n 
A 1 166 GLU 166 165 165 GLU GLU A . n 
A 1 167 VAL 167 166 166 VAL VAL A . n 
A 1 168 VAL 168 167 167 VAL VAL A . n 
A 1 169 SER 169 168 168 SER SER A . n 
A 1 170 THR 170 169 169 THR THR A . n 
A 1 171 ASP 171 170 170 ASP ASP A . n 
A 1 172 ASP 172 171 171 ASP ASP A . n 
A 1 173 LYS 173 172 172 LYS LYS A . n 
A 1 174 GLU 174 173 173 GLU GLU A . n 
A 1 175 GLY 175 174 174 GLY GLY A . n 
A 1 176 LEU 176 175 175 LEU LEU A . n 
A 1 177 SER 177 176 176 SER SER A . n 
A 1 178 ALA 178 177 177 ALA ALA A . n 
A 1 179 THR 179 178 178 THR THR A . n 
A 1 180 GLN 180 179 179 GLN GLN A . n 
A 1 181 THR 181 180 180 THR THR A . n 
A 1 182 VAL 182 181 181 VAL VAL A . n 
A 1 183 SER 183 182 182 SER SER A . n 
A 1 184 LYS 184 183 183 LYS LYS A . n 
A 1 185 LYS 185 184 184 LYS LYS A . n 
A 1 186 TYR 186 185 185 TYR TYR A . n 
A 1 187 GLY 187 186 186 GLY GLY A . n 
A 1 188 ILE 188 187 187 ILE ILE A . n 
A 1 189 PRO 189 188 188 PRO PRO A . n 
A 1 190 VAL 190 189 189 VAL VAL A . n 
A 1 191 LEU 191 190 190 LEU LEU A . n 
A 1 192 SER 192 191 191 SER SER A . n 
A 1 193 ILE 193 192 192 ILE ILE A . n 
A 1 194 VAL 194 193 193 VAL VAL A . n 
A 1 195 SER 195 194 194 SER SER A . n 
A 1 196 LEU 196 195 195 LEU LEU A . n 
A 1 197 ILE 197 196 196 ILE ILE A . n 
A 1 198 HIS 198 197 197 HIS HIS A . n 
A 1 199 ILE 199 198 198 ILE ILE A . n 
A 1 200 ILE 200 199 199 ILE ILE A . n 
A 1 201 THR 201 200 200 THR THR A . n 
A 1 202 TYR 202 201 201 TYR TYR A . n 
A 1 203 LEU 203 202 202 LEU LEU A . n 
A 1 204 GLU 204 203 203 GLU GLU A . n 
A 1 205 GLY 205 204 204 GLY GLY A . n 
A 1 206 ARG 206 205 205 ARG ARG A . n 
A 1 207 ILE 207 206 206 ILE ILE A . n 
A 1 208 THR 208 207 207 THR THR A . n 
A 1 209 ALA 209 208 208 ALA ALA A . n 
A 1 210 GLU 210 209 209 GLU GLU A . n 
A 1 211 GLU 211 210 210 GLU GLU A . n 
A 1 212 LYS 212 211 211 LYS LYS A . n 
A 1 213 SER 213 212 212 SER SER A . n 
A 1 214 LYS 214 213 213 LYS LYS A . n 
A 1 215 ILE 215 214 214 ILE ILE A . n 
A 1 216 GLU 216 215 215 GLU GLU A . n 
A 1 217 GLN 217 216 216 GLN GLN A . n 
A 1 218 TYR 218 217 217 TYR TYR A . n 
A 1 219 LEU 219 218 218 LEU LEU A . n 
A 1 220 GLN 220 219 219 GLN GLN A . n 
A 1 221 THR 221 220 220 THR THR A . n 
A 1 222 TYR 222 221 221 TYR TYR A . n 
A 1 223 GLY 223 222 222 GLY GLY A . n 
A 1 224 ALA 224 223 223 ALA ALA A . n 
A 1 225 SER 225 224 224 SER SER A . n 
A 1 226 ALA 226 225 225 ALA ALA A . n 
# 
loop_
_pdbx_nonpoly_scheme.asym_id 
_pdbx_nonpoly_scheme.entity_id 
_pdbx_nonpoly_scheme.mon_id 
_pdbx_nonpoly_scheme.ndb_seq_num 
_pdbx_nonpoly_scheme.pdb_seq_num 
_pdbx_nonpoly_scheme.auth_seq_num 
_pdbx_nonpoly_scheme.pdb_mon_id 
_pdbx_nonpoly_scheme.auth_mon_id 
_pdbx_nonpoly_scheme.pdb_strand_id 
_pdbx_nonpoly_scheme.pdb_ins_code 
B 2 MG  1   226 200 MG  MG  A . 
C 3 HOH 1   227 1   HOH HOH A . 
C 3 HOH 2   228 2   HOH HOH A . 
C 3 HOH 3   229 3   HOH HOH A . 
C 3 HOH 4   230 4   HOH HOH A . 
C 3 HOH 5   231 5   HOH HOH A . 
C 3 HOH 6   232 6   HOH HOH A . 
C 3 HOH 7   233 7   HOH HOH A . 
C 3 HOH 8   234 8   HOH HOH A . 
C 3 HOH 9   235 9   HOH HOH A . 
C 3 HOH 10  236 10  HOH HOH A . 
C 3 HOH 11  237 11  HOH HOH A . 
C 3 HOH 12  238 12  HOH HOH A . 
C 3 HOH 13  239 13  HOH HOH A . 
C 3 HOH 14  240 14  HOH HOH A . 
C 3 HOH 15  241 15  HOH HOH A . 
C 3 HOH 16  242 16  HOH HOH A . 
C 3 HOH 17  243 17  HOH HOH A . 
C 3 HOH 18  244 18  HOH HOH A . 
C 3 HOH 19  245 19  HOH HOH A . 
C 3 HOH 20  246 20  HOH HOH A . 
C 3 HOH 21  247 21  HOH HOH A . 
C 3 HOH 22  248 22  HOH HOH A . 
C 3 HOH 23  249 23  HOH HOH A . 
C 3 HOH 24  250 24  HOH HOH A . 
C 3 HOH 25  251 25  HOH HOH A . 
C 3 HOH 26  252 26  HOH HOH A . 
C 3 HOH 27  253 27  HOH HOH A . 
C 3 HOH 28  254 28  HOH HOH A . 
C 3 HOH 29  255 29  HOH HOH A . 
C 3 HOH 30  256 30  HOH HOH A . 
C 3 HOH 31  257 31  HOH HOH A . 
C 3 HOH 32  258 32  HOH HOH A . 
C 3 HOH 33  259 33  HOH HOH A . 
C 3 HOH 34  260 34  HOH HOH A . 
C 3 HOH 35  261 35  HOH HOH A . 
C 3 HOH 36  262 36  HOH HOH A . 
C 3 HOH 37  263 37  HOH HOH A . 
C 3 HOH 38  264 38  HOH HOH A . 
C 3 HOH 39  265 39  HOH HOH A . 
C 3 HOH 40  266 40  HOH HOH A . 
C 3 HOH 41  267 41  HOH HOH A . 
C 3 HOH 42  268 42  HOH HOH A . 
C 3 HOH 43  269 43  HOH HOH A . 
C 3 HOH 44  270 44  HOH HOH A . 
C 3 HOH 45  271 45  HOH HOH A . 
C 3 HOH 46  272 46  HOH HOH A . 
C 3 HOH 47  273 47  HOH HOH A . 
C 3 HOH 48  274 48  HOH HOH A . 
C 3 HOH 49  275 49  HOH HOH A . 
C 3 HOH 50  276 50  HOH HOH A . 
C 3 HOH 51  277 51  HOH HOH A . 
C 3 HOH 52  278 52  HOH HOH A . 
C 3 HOH 53  279 53  HOH HOH A . 
C 3 HOH 54  280 54  HOH HOH A . 
C 3 HOH 55  281 55  HOH HOH A . 
C 3 HOH 56  282 56  HOH HOH A . 
C 3 HOH 57  283 57  HOH HOH A . 
C 3 HOH 58  284 58  HOH HOH A . 
C 3 HOH 59  285 59  HOH HOH A . 
C 3 HOH 60  286 60  HOH HOH A . 
C 3 HOH 61  287 61  HOH HOH A . 
C 3 HOH 62  288 62  HOH HOH A . 
C 3 HOH 63  289 63  HOH HOH A . 
C 3 HOH 64  290 64  HOH HOH A . 
C 3 HOH 65  291 65  HOH HOH A . 
C 3 HOH 66  292 66  HOH HOH A . 
C 3 HOH 67  293 67  HOH HOH A . 
C 3 HOH 68  294 68  HOH HOH A . 
C 3 HOH 69  295 69  HOH HOH A . 
C 3 HOH 70  296 70  HOH HOH A . 
C 3 HOH 71  297 71  HOH HOH A . 
C 3 HOH 72  298 72  HOH HOH A . 
C 3 HOH 73  299 73  HOH HOH A . 
C 3 HOH 74  300 74  HOH HOH A . 
C 3 HOH 75  301 75  HOH HOH A . 
C 3 HOH 76  302 76  HOH HOH A . 
C 3 HOH 77  303 77  HOH HOH A . 
C 3 HOH 78  304 78  HOH HOH A . 
C 3 HOH 79  305 79  HOH HOH A . 
C 3 HOH 80  306 80  HOH HOH A . 
C 3 HOH 81  307 81  HOH HOH A . 
C 3 HOH 82  308 82  HOH HOH A . 
C 3 HOH 83  309 83  HOH HOH A . 
C 3 HOH 84  310 84  HOH HOH A . 
C 3 HOH 85  311 85  HOH HOH A . 
C 3 HOH 86  312 86  HOH HOH A . 
C 3 HOH 87  313 87  HOH HOH A . 
C 3 HOH 88  314 88  HOH HOH A . 
C 3 HOH 89  315 89  HOH HOH A . 
C 3 HOH 90  316 90  HOH HOH A . 
C 3 HOH 91  317 92  HOH HOH A . 
C 3 HOH 92  318 93  HOH HOH A . 
C 3 HOH 93  319 94  HOH HOH A . 
C 3 HOH 94  320 95  HOH HOH A . 
C 3 HOH 95  321 96  HOH HOH A . 
C 3 HOH 96  322 97  HOH HOH A . 
C 3 HOH 97  323 98  HOH HOH A . 
C 3 HOH 98  324 99  HOH HOH A . 
C 3 HOH 99  325 100 HOH HOH A . 
C 3 HOH 100 326 101 HOH HOH A . 
# 
_pdbx_struct_assembly.id                   1 
_pdbx_struct_assembly.details              author_and_software_defined_assembly 
_pdbx_struct_assembly.method_details       PISA,PQS 
_pdbx_struct_assembly.oligomeric_details   dimeric 
_pdbx_struct_assembly.oligomeric_count     2 
# 
_pdbx_struct_assembly_gen.assembly_id       1 
_pdbx_struct_assembly_gen.oper_expression   1,2 
_pdbx_struct_assembly_gen.asym_id_list      A,B,C 
# 
loop_
_pdbx_struct_assembly_prop.biol_id 
_pdbx_struct_assembly_prop.type 
_pdbx_struct_assembly_prop.value 
_pdbx_struct_assembly_prop.details 
1 'ABSA (A^2)' 2690  ? 
1 MORE         -25   ? 
1 'SSA (A^2)'  20660 ? 
# 
loop_
_pdbx_struct_oper_list.id 
_pdbx_struct_oper_list.type 
_pdbx_struct_oper_list.name 
_pdbx_struct_oper_list.symmetry_operation 
_pdbx_struct_oper_list.matrix[1][1] 
_pdbx_struct_oper_list.matrix[1][2] 
_pdbx_struct_oper_list.matrix[1][3] 
_pdbx_struct_oper_list.vector[1] 
_pdbx_struct_oper_list.matrix[2][1] 
_pdbx_struct_oper_list.matrix[2][2] 
_pdbx_struct_oper_list.matrix[2][3] 
_pdbx_struct_oper_list.vector[2] 
_pdbx_struct_oper_list.matrix[3][1] 
_pdbx_struct_oper_list.matrix[3][2] 
_pdbx_struct_oper_list.matrix[3][3] 
_pdbx_struct_oper_list.vector[3] 
1 'identity operation'         1_555 x,y,z            1.0000000000  0.0000000000 0.0000000000  0.0000000000  0.0000000000 1.0000000000 0.0000000000  0.0000000000 0.0000000000  0.0000000000  1.0000000000  0.0000000000  
2 'crystal symmetry operation' 8_665 -y+1,-x+1,-z+1/2 -0.7457479352 0.5516221026 -0.3735947978 24.2629126522 0.5516221026 0.1967924210 -0.8105466050 2.8187126732 -0.3735947978 -0.8105466050 -0.4510444857 20.6741632787 
# 
_pdbx_struct_conn_angle.id                    1 
_pdbx_struct_conn_angle.ptnr1_label_atom_id   O 
_pdbx_struct_conn_angle.ptnr1_label_alt_id    ? 
_pdbx_struct_conn_angle.ptnr1_label_asym_id   C 
_pdbx_struct_conn_angle.ptnr1_label_comp_id   HOH 
_pdbx_struct_conn_angle.ptnr1_label_seq_id    . 
_pdbx_struct_conn_angle.ptnr1_auth_atom_id    ? 
_pdbx_struct_conn_angle.ptnr1_auth_asym_id    A 
_pdbx_struct_conn_angle.ptnr1_auth_comp_id    HOH 
_pdbx_struct_conn_angle.ptnr1_auth_seq_id     230 
_pdbx_struct_conn_angle.ptnr1_PDB_ins_code    ? 
_pdbx_struct_conn_angle.ptnr1_symmetry        1_555 
_pdbx_struct_conn_angle.ptnr2_label_atom_id   MG 
_pdbx_struct_conn_angle.ptnr2_label_alt_id    ? 
_pdbx_struct_conn_angle.ptnr2_label_asym_id   B 
_pdbx_struct_conn_angle.ptnr2_label_comp_id   MG 
_pdbx_struct_conn_angle.ptnr2_label_seq_id    . 
_pdbx_struct_conn_angle.ptnr2_auth_atom_id    ? 
_pdbx_struct_conn_angle.ptnr2_auth_asym_id    A 
_pdbx_struct_conn_angle.ptnr2_auth_comp_id    MG 
_pdbx_struct_conn_angle.ptnr2_auth_seq_id     226 
_pdbx_struct_conn_angle.ptnr2_PDB_ins_code    ? 
_pdbx_struct_conn_angle.ptnr2_symmetry        1_555 
_pdbx_struct_conn_angle.ptnr3_label_atom_id   O 
_pdbx_struct_conn_angle.ptnr3_label_alt_id    ? 
_pdbx_struct_conn_angle.ptnr3_label_asym_id   C 
_pdbx_struct_conn_angle.ptnr3_label_comp_id   HOH 
_pdbx_struct_conn_angle.ptnr3_label_seq_id    . 
_pdbx_struct_conn_angle.ptnr3_auth_atom_id    ? 
_pdbx_struct_conn_angle.ptnr3_auth_asym_id    A 
_pdbx_struct_conn_angle.ptnr3_auth_comp_id    HOH 
_pdbx_struct_conn_angle.ptnr3_auth_seq_id     266 
_pdbx_struct_conn_angle.ptnr3_PDB_ins_code    ? 
_pdbx_struct_conn_angle.ptnr3_symmetry        1_555 
_pdbx_struct_conn_angle.value                 108.6 
_pdbx_struct_conn_angle.value_esd             ? 
# 
loop_
_pdbx_audit_revision_history.ordinal 
_pdbx_audit_revision_history.data_content_type 
_pdbx_audit_revision_history.major_revision 
_pdbx_audit_revision_history.minor_revision 
_pdbx_audit_revision_history.revision_date 
1 'Structure model' 1 0 2008-01-15 
2 'Structure model' 1 1 2011-07-13 
3 'Structure model' 1 2 2017-10-18 
4 'Structure model' 1 3 2023-08-30 
# 
_pdbx_audit_revision_details.ordinal             1 
_pdbx_audit_revision_details.revision_ordinal    1 
_pdbx_audit_revision_details.data_content_type   'Structure model' 
_pdbx_audit_revision_details.provider            repository 
_pdbx_audit_revision_details.type                'Initial release' 
_pdbx_audit_revision_details.description         ? 
_pdbx_audit_revision_details.details             ? 
# 
loop_
_pdbx_audit_revision_group.ordinal 
_pdbx_audit_revision_group.revision_ordinal 
_pdbx_audit_revision_group.data_content_type 
_pdbx_audit_revision_group.group 
1 2 'Structure model' 'Derived calculations'      
2 2 'Structure model' 'Version format compliance' 
3 3 'Structure model' 'Refinement description'    
4 4 'Structure model' 'Data collection'           
5 4 'Structure model' 'Database references'       
6 4 'Structure model' 'Derived calculations'      
7 4 'Structure model' 'Refinement description'    
# 
loop_
_pdbx_audit_revision_category.ordinal 
_pdbx_audit_revision_category.revision_ordinal 
_pdbx_audit_revision_category.data_content_type 
_pdbx_audit_revision_category.category 
1 3 'Structure model' software                      
2 4 'Structure model' chem_comp_atom                
3 4 'Structure model' chem_comp_bond                
4 4 'Structure model' database_2                    
5 4 'Structure model' pdbx_initial_refinement_model 
6 4 'Structure model' pdbx_struct_conn_angle        
7 4 'Structure model' struct_conn                   
8 4 'Structure model' struct_site                   
# 
loop_
_pdbx_audit_revision_item.ordinal 
_pdbx_audit_revision_item.revision_ordinal 
_pdbx_audit_revision_item.data_content_type 
_pdbx_audit_revision_item.item 
1 4 'Structure model' '_database_2.pdbx_DOI'                      
2 4 'Structure model' '_database_2.pdbx_database_accession'       
3 4 'Structure model' '_pdbx_struct_conn_angle.ptnr1_auth_seq_id' 
4 4 'Structure model' '_pdbx_struct_conn_angle.ptnr3_auth_seq_id' 
5 4 'Structure model' '_struct_conn.pdbx_dist_value'              
6 4 'Structure model' '_struct_conn.ptnr2_auth_seq_id'            
7 4 'Structure model' '_struct_site.pdbx_auth_asym_id'            
8 4 'Structure model' '_struct_site.pdbx_auth_comp_id'            
9 4 'Structure model' '_struct_site.pdbx_auth_seq_id'             
# 
loop_
_software.name 
_software.version 
_software.date 
_software.type 
_software.contact_author 
_software.contact_author_email 
_software.classification 
_software.location 
_software.language 
_software.citation_id 
_software.pdbx_ordinal 
DENZO       .     ?                package 'Zbyszek Otwinowski' zbyszek@mix.swmed.edu    'data reduction'  
http://www.lnls.br/infra/linhasluz/denzo-hkl.htm ?          ? 1 
SCALEPACK   .     ?                package 'Zbyszek Otwinowski' zbyszek@mix.swmed.edu    'data scaling'    
http://www.lnls.br/infra/linhasluz/denzo-hkl.htm ?          ? 2 
REFMAC      .     ?                program 'Murshudov, G.N.'    ccp4@dl.ac.uk            refinement        
http://www.ccp4.ac.uk/main.html                  Fortran_77 ? 3 
PDB_EXTRACT 2.000 'April. 3, 2006' package PDB                  sw-help@rcsb.rutgers.edu 'data extraction' 
http://pdb.rutgers.edu/software/                 C++        ? 4 
HKL-2000    .     ?                ?       ?                    ?                        'data collection' ? ?          ? 5 
HKL-2000    .     ?                ?       ?                    ?                        'data reduction'  ? ?          ? 6 
HKL-2000    .     ?                ?       ?                    ?                        'data scaling'    ? ?          ? 7 
AMoRE       .     ?                ?       ?                    ?                        phasing           ? ?          ? 8 
# 
loop_
_pdbx_validate_torsion.id 
_pdbx_validate_torsion.PDB_model_num 
_pdbx_validate_torsion.auth_comp_id 
_pdbx_validate_torsion.auth_asym_id 
_pdbx_validate_torsion.auth_seq_id 
_pdbx_validate_torsion.PDB_ins_code 
_pdbx_validate_torsion.label_alt_id 
_pdbx_validate_torsion.phi 
_pdbx_validate_torsion.psi 
1 1 ASP A 171 ? ? -167.19 71.11  
2 1 ALA A 208 ? ? -66.93  79.53  
3 1 GLU A 209 ? ? -148.92 -69.20 
# 
loop_
_pdbx_unobs_or_zero_occ_residues.id 
_pdbx_unobs_or_zero_occ_residues.PDB_model_num 
_pdbx_unobs_or_zero_occ_residues.polymer_flag 
_pdbx_unobs_or_zero_occ_residues.occupancy_flag 
_pdbx_unobs_or_zero_occ_residues.auth_asym_id 
_pdbx_unobs_or_zero_occ_residues.auth_comp_id 
_pdbx_unobs_or_zero_occ_residues.auth_seq_id 
_pdbx_unobs_or_zero_occ_residues.PDB_ins_code 
_pdbx_unobs_or_zero_occ_residues.label_asym_id 
_pdbx_unobs_or_zero_occ_residues.label_comp_id 
_pdbx_unobs_or_zero_occ_residues.label_seq_id 
1  1 Y 1 A MET 0   ? A MET 1   
2  1 Y 1 A PRO 1   ? A PRO 2   
3  1 Y 1 A LYS 109 ? A LYS 110 
4  1 Y 1 A ASP 110 ? A ASP 111 
5  1 Y 1 A HIS 111 ? A HIS 112 
6  1 Y 1 A GLY 112 ? A GLY 113 
7  1 Y 1 A GLU 113 ? A GLU 114 
8  1 Y 1 A GLY 114 ? A GLY 115 
9  1 Y 1 A ALA 136 ? A ALA 137 
10 1 Y 1 A GLY 137 ? A GLY 138 
11 1 Y 1 A THR 138 ? A THR 139 
# 
loop_
_chem_comp_atom.comp_id 
_chem_comp_atom.atom_id 
_chem_comp_atom.type_symbol 
_chem_comp_atom.pdbx_aromatic_flag 
_chem_comp_atom.pdbx_stereo_config 
_chem_comp_atom.pdbx_ordinal 
ALA N    N  N N 1   
ALA CA   C  N S 2   
ALA C    C  N N 3   
ALA O    O  N N 4   
ALA CB   C  N N 5   
ALA OXT  O  N N 6   
ALA H    H  N N 7   
ALA H2   H  N N 8   
ALA HA   H  N N 9   
ALA HB1  H  N N 10  
ALA HB2  H  N N 11  
ALA HB3  H  N N 12  
ALA HXT  H  N N 13  
ARG N    N  N N 14  
ARG CA   C  N S 15  
ARG C    C  N N 16  
ARG O    O  N N 17  
ARG CB   C  N N 18  
ARG CG   C  N N 19  
ARG CD   C  N N 20  
ARG NE   N  N N 21  
ARG CZ   C  N N 22  
ARG NH1  N  N N 23  
ARG NH2  N  N N 24  
ARG OXT  O  N N 25  
ARG H    H  N N 26  
ARG H2   H  N N 27  
ARG HA   H  N N 28  
ARG HB2  H  N N 29  
ARG HB3  H  N N 30  
ARG HG2  H  N N 31  
ARG HG3  H  N N 32  
ARG HD2  H  N N 33  
ARG HD3  H  N N 34  
ARG HE   H  N N 35  
ARG HH11 H  N N 36  
ARG HH12 H  N N 37  
ARG HH21 H  N N 38  
ARG HH22 H  N N 39  
ARG HXT  H  N N 40  
ASN N    N  N N 41  
ASN CA   C  N S 42  
ASN C    C  N N 43  
ASN O    O  N N 44  
ASN CB   C  N N 45  
ASN CG   C  N N 46  
ASN OD1  O  N N 47  
ASN ND2  N  N N 48  
ASN OXT  O  N N 49  
ASN H    H  N N 50  
ASN H2   H  N N 51  
ASN HA   H  N N 52  
ASN HB2  H  N N 53  
ASN HB3  H  N N 54  
ASN HD21 H  N N 55  
ASN HD22 H  N N 56  
ASN HXT  H  N N 57  
ASP N    N  N N 58  
ASP CA   C  N S 59  
ASP C    C  N N 60  
ASP O    O  N N 61  
ASP CB   C  N N 62  
ASP CG   C  N N 63  
ASP OD1  O  N N 64  
ASP OD2  O  N N 65  
ASP OXT  O  N N 66  
ASP H    H  N N 67  
ASP H2   H  N N 68  
ASP HA   H  N N 69  
ASP HB2  H  N N 70  
ASP HB3  H  N N 71  
ASP HD2  H  N N 72  
ASP HXT  H  N N 73  
CYS N    N  N N 74  
CYS CA   C  N R 75  
CYS C    C  N N 76  
CYS O    O  N N 77  
CYS CB   C  N N 78  
CYS SG   S  N N 79  
CYS OXT  O  N N 80  
CYS H    H  N N 81  
CYS H2   H  N N 82  
CYS HA   H  N N 83  
CYS HB2  H  N N 84  
CYS HB3  H  N N 85  
CYS HG   H  N N 86  
CYS HXT  H  N N 87  
GLN N    N  N N 88  
GLN CA   C  N S 89  
GLN C    C  N N 90  
GLN O    O  N N 91  
GLN CB   C  N N 92  
GLN CG   C  N N 93  
GLN CD   C  N N 94  
GLN OE1  O  N N 95  
GLN NE2  N  N N 96  
GLN OXT  O  N N 97  
GLN H    H  N N 98  
GLN H2   H  N N 99  
GLN HA   H  N N 100 
GLN HB2  H  N N 101 
GLN HB3  H  N N 102 
GLN HG2  H  N N 103 
GLN HG3  H  N N 104 
GLN HE21 H  N N 105 
GLN HE22 H  N N 106 
GLN HXT  H  N N 107 
GLU N    N  N N 108 
GLU CA   C  N S 109 
GLU C    C  N N 110 
GLU O    O  N N 111 
GLU CB   C  N N 112 
GLU CG   C  N N 113 
GLU CD   C  N N 114 
GLU OE1  O  N N 115 
GLU OE2  O  N N 116 
GLU OXT  O  N N 117 
GLU H    H  N N 118 
GLU H2   H  N N 119 
GLU HA   H  N N 120 
GLU HB2  H  N N 121 
GLU HB3  H  N N 122 
GLU HG2  H  N N 123 
GLU HG3  H  N N 124 
GLU HE2  H  N N 125 
GLU HXT  H  N N 126 
GLY N    N  N N 127 
GLY CA   C  N N 128 
GLY C    C  N N 129 
GLY O    O  N N 130 
GLY OXT  O  N N 131 
GLY H    H  N N 132 
GLY H2   H  N N 133 
GLY HA2  H  N N 134 
GLY HA3  H  N N 135 
GLY HXT  H  N N 136 
HIS N    N  N N 137 
HIS CA   C  N S 138 
HIS C    C  N N 139 
HIS O    O  N N 140 
HIS CB   C  N N 141 
HIS CG   C  Y N 142 
HIS ND1  N  Y N 143 
HIS CD2  C  Y N 144 
HIS CE1  C  Y N 145 
HIS NE2  N  Y N 146 
HIS OXT  O  N N 147 
HIS H    H  N N 148 
HIS H2   H  N N 149 
HIS HA   H  N N 150 
HIS HB2  H  N N 151 
HIS HB3  H  N N 152 
HIS HD1  H  N N 153 
HIS HD2  H  N N 154 
HIS HE1  H  N N 155 
HIS HE2  H  N N 156 
HIS HXT  H  N N 157 
HOH O    O  N N 158 
HOH H1   H  N N 159 
HOH H2   H  N N 160 
ILE N    N  N N 161 
ILE CA   C  N S 162 
ILE C    C  N N 163 
ILE O    O  N N 164 
ILE CB   C  N S 165 
ILE CG1  C  N N 166 
ILE CG2  C  N N 167 
ILE CD1  C  N N 168 
ILE OXT  O  N N 169 
ILE H    H  N N 170 
ILE H2   H  N N 171 
ILE HA   H  N N 172 
ILE HB   H  N N 173 
ILE HG12 H  N N 174 
ILE HG13 H  N N 175 
ILE HG21 H  N N 176 
ILE HG22 H  N N 177 
ILE HG23 H  N N 178 
ILE HD11 H  N N 179 
ILE HD12 H  N N 180 
ILE HD13 H  N N 181 
ILE HXT  H  N N 182 
LEU N    N  N N 183 
LEU CA   C  N S 184 
LEU C    C  N N 185 
LEU O    O  N N 186 
LEU CB   C  N N 187 
LEU CG   C  N N 188 
LEU CD1  C  N N 189 
LEU CD2  C  N N 190 
LEU OXT  O  N N 191 
LEU H    H  N N 192 
LEU H2   H  N N 193 
LEU HA   H  N N 194 
LEU HB2  H  N N 195 
LEU HB3  H  N N 196 
LEU HG   H  N N 197 
LEU HD11 H  N N 198 
LEU HD12 H  N N 199 
LEU HD13 H  N N 200 
LEU HD21 H  N N 201 
LEU HD22 H  N N 202 
LEU HD23 H  N N 203 
LEU HXT  H  N N 204 
LYS N    N  N N 205 
LYS CA   C  N S 206 
LYS C    C  N N 207 
LYS O    O  N N 208 
LYS CB   C  N N 209 
LYS CG   C  N N 210 
LYS CD   C  N N 211 
LYS CE   C  N N 212 
LYS NZ   N  N N 213 
LYS OXT  O  N N 214 
LYS H    H  N N 215 
LYS H2   H  N N 216 
LYS HA   H  N N 217 
LYS HB2  H  N N 218 
LYS HB3  H  N N 219 
LYS HG2  H  N N 220 
LYS HG3  H  N N 221 
LYS HD2  H  N N 222 
LYS HD3  H  N N 223 
LYS HE2  H  N N 224 
LYS HE3  H  N N 225 
LYS HZ1  H  N N 226 
LYS HZ2  H  N N 227 
LYS HZ3  H  N N 228 
LYS HXT  H  N N 229 
MET N    N  N N 230 
MET CA   C  N S 231 
MET C    C  N N 232 
MET O    O  N N 233 
MET CB   C  N N 234 
MET CG   C  N N 235 
MET SD   S  N N 236 
MET CE   C  N N 237 
MET OXT  O  N N 238 
MET H    H  N N 239 
MET H2   H  N N 240 
MET HA   H  N N 241 
MET HB2  H  N N 242 
MET HB3  H  N N 243 
MET HG2  H  N N 244 
MET HG3  H  N N 245 
MET HE1  H  N N 246 
MET HE2  H  N N 247 
MET HE3  H  N N 248 
MET HXT  H  N N 249 
MG  MG   MG N N 250 
PHE N    N  N N 251 
PHE CA   C  N S 252 
PHE C    C  N N 253 
PHE O    O  N N 254 
PHE CB   C  N N 255 
PHE CG   C  Y N 256 
PHE CD1  C  Y N 257 
PHE CD2  C  Y N 258 
PHE CE1  C  Y N 259 
PHE CE2  C  Y N 260 
PHE CZ   C  Y N 261 
PHE OXT  O  N N 262 
PHE H    H  N N 263 
PHE H2   H  N N 264 
PHE HA   H  N N 265 
PHE HB2  H  N N 266 
PHE HB3  H  N N 267 
PHE HD1  H  N N 268 
PHE HD2  H  N N 269 
PHE HE1  H  N N 270 
PHE HE2  H  N N 271 
PHE HZ   H  N N 272 
PHE HXT  H  N N 273 
PRO N    N  N N 274 
PRO CA   C  N S 275 
PRO C    C  N N 276 
PRO O    O  N N 277 
PRO CB   C  N N 278 
PRO CG   C  N N 279 
PRO CD   C  N N 280 
PRO OXT  O  N N 281 
PRO H    H  N N 282 
PRO HA   H  N N 283 
PRO HB2  H  N N 284 
PRO HB3  H  N N 285 
PRO HG2  H  N N 286 
PRO HG3  H  N N 287 
PRO HD2  H  N N 288 
PRO HD3  H  N N 289 
PRO HXT  H  N N 290 
SER N    N  N N 291 
SER CA   C  N S 292 
SER C    C  N N 293 
SER O    O  N N 294 
SER CB   C  N N 295 
SER OG   O  N N 296 
SER OXT  O  N N 297 
SER H    H  N N 298 
SER H2   H  N N 299 
SER HA   H  N N 300 
SER HB2  H  N N 301 
SER HB3  H  N N 302 
SER HG   H  N N 303 
SER HXT  H  N N 304 
THR N    N  N N 305 
THR CA   C  N S 306 
THR C    C  N N 307 
THR O    O  N N 308 
THR CB   C  N R 309 
THR OG1  O  N N 310 
THR CG2  C  N N 311 
THR OXT  O  N N 312 
THR H    H  N N 313 
THR H2   H  N N 314 
THR HA   H  N N 315 
THR HB   H  N N 316 
THR HG1  H  N N 317 
THR HG21 H  N N 318 
THR HG22 H  N N 319 
THR HG23 H  N N 320 
THR HXT  H  N N 321 
TYR N    N  N N 322 
TYR CA   C  N S 323 
TYR C    C  N N 324 
TYR O    O  N N 325 
TYR CB   C  N N 326 
TYR CG   C  Y N 327 
TYR CD1  C  Y N 328 
TYR CD2  C  Y N 329 
TYR CE1  C  Y N 330 
TYR CE2  C  Y N 331 
TYR CZ   C  Y N 332 
TYR OH   O  N N 333 
TYR OXT  O  N N 334 
TYR H    H  N N 335 
TYR H2   H  N N 336 
TYR HA   H  N N 337 
TYR HB2  H  N N 338 
TYR HB3  H  N N 339 
TYR HD1  H  N N 340 
TYR HD2  H  N N 341 
TYR HE1  H  N N 342 
TYR HE2  H  N N 343 
TYR HH   H  N N 344 
TYR HXT  H  N N 345 
VAL N    N  N N 346 
VAL CA   C  N S 347 
VAL C    C  N N 348 
VAL O    O  N N 349 
VAL CB   C  N N 350 
VAL CG1  C  N N 351 
VAL CG2  C  N N 352 
VAL OXT  O  N N 353 
VAL H    H  N N 354 
VAL H2   H  N N 355 
VAL HA   H  N N 356 
VAL HB   H  N N 357 
VAL HG11 H  N N 358 
VAL HG12 H  N N 359 
VAL HG13 H  N N 360 
VAL HG21 H  N N 361 
VAL HG22 H  N N 362 
VAL HG23 H  N N 363 
VAL HXT  H  N N 364 
# 
loop_
_chem_comp_bond.comp_id 
_chem_comp_bond.atom_id_1 
_chem_comp_bond.atom_id_2 
_chem_comp_bond.value_order 
_chem_comp_bond.pdbx_aromatic_flag 
_chem_comp_bond.pdbx_stereo_config 
_chem_comp_bond.pdbx_ordinal 
ALA N   CA   sing N N 1   
ALA N   H    sing N N 2   
ALA N   H2   sing N N 3   
ALA CA  C    sing N N 4   
ALA CA  CB   sing N N 5   
ALA CA  HA   sing N N 6   
ALA C   O    doub N N 7   
ALA C   OXT  sing N N 8   
ALA CB  HB1  sing N N 9   
ALA CB  HB2  sing N N 10  
ALA CB  HB3  sing N N 11  
ALA OXT HXT  sing N N 12  
ARG N   CA   sing N N 13  
ARG N   H    sing N N 14  
ARG N   H2   sing N N 15  
ARG CA  C    sing N N 16  
ARG CA  CB   sing N N 17  
ARG CA  HA   sing N N 18  
ARG C   O    doub N N 19  
ARG C   OXT  sing N N 20  
ARG CB  CG   sing N N 21  
ARG CB  HB2  sing N N 22  
ARG CB  HB3  sing N N 23  
ARG CG  CD   sing N N 24  
ARG CG  HG2  sing N N 25  
ARG CG  HG3  sing N N 26  
ARG CD  NE   sing N N 27  
ARG CD  HD2  sing N N 28  
ARG CD  HD3  sing N N 29  
ARG NE  CZ   sing N N 30  
ARG NE  HE   sing N N 31  
ARG CZ  NH1  sing N N 32  
ARG CZ  NH2  doub N N 33  
ARG NH1 HH11 sing N N 34  
ARG NH1 HH12 sing N N 35  
ARG NH2 HH21 sing N N 36  
ARG NH2 HH22 sing N N 37  
ARG OXT HXT  sing N N 38  
ASN N   CA   sing N N 39  
ASN N   H    sing N N 40  
ASN N   H2   sing N N 41  
ASN CA  C    sing N N 42  
ASN CA  CB   sing N N 43  
ASN CA  HA   sing N N 44  
ASN C   O    doub N N 45  
ASN C   OXT  sing N N 46  
ASN CB  CG   sing N N 47  
ASN CB  HB2  sing N N 48  
ASN CB  HB3  sing N N 49  
ASN CG  OD1  doub N N 50  
ASN CG  ND2  sing N N 51  
ASN ND2 HD21 sing N N 52  
ASN ND2 HD22 sing N N 53  
ASN OXT HXT  sing N N 54  
ASP N   CA   sing N N 55  
ASP N   H    sing N N 56  
ASP N   H2   sing N N 57  
ASP CA  C    sing N N 58  
ASP CA  CB   sing N N 59  
ASP CA  HA   sing N N 60  
ASP C   O    doub N N 61  
ASP C   OXT  sing N N 62  
ASP CB  CG   sing N N 63  
ASP CB  HB2  sing N N 64  
ASP CB  HB3  sing N N 65  
ASP CG  OD1  doub N N 66  
ASP CG  OD2  sing N N 67  
ASP OD2 HD2  sing N N 68  
ASP OXT HXT  sing N N 69  
CYS N   CA   sing N N 70  
CYS N   H    sing N N 71  
CYS N   H2   sing N N 72  
CYS CA  C    sing N N 73  
CYS CA  CB   sing N N 74  
CYS CA  HA   sing N N 75  
CYS C   O    doub N N 76  
CYS C   OXT  sing N N 77  
CYS CB  SG   sing N N 78  
CYS CB  HB2  sing N N 79  
CYS CB  HB3  sing N N 80  
CYS SG  HG   sing N N 81  
CYS OXT HXT  sing N N 82  
GLN N   CA   sing N N 83  
GLN N   H    sing N N 84  
GLN N   H2   sing N N 85  
GLN CA  C    sing N N 86  
GLN CA  CB   sing N N 87  
GLN CA  HA   sing N N 88  
GLN C   O    doub N N 89  
GLN C   OXT  sing N N 90  
GLN CB  CG   sing N N 91  
GLN CB  HB2  sing N N 92  
GLN CB  HB3  sing N N 93  
GLN CG  CD   sing N N 94  
GLN CG  HG2  sing N N 95  
GLN CG  HG3  sing N N 96  
GLN CD  OE1  doub N N 97  
GLN CD  NE2  sing N N 98  
GLN NE2 HE21 sing N N 99  
GLN NE2 HE22 sing N N 100 
GLN OXT HXT  sing N N 101 
GLU N   CA   sing N N 102 
GLU N   H    sing N N 103 
GLU N   H2   sing N N 104 
GLU CA  C    sing N N 105 
GLU CA  CB   sing N N 106 
GLU CA  HA   sing N N 107 
GLU C   O    doub N N 108 
GLU C   OXT  sing N N 109 
GLU CB  CG   sing N N 110 
GLU CB  HB2  sing N N 111 
GLU CB  HB3  sing N N 112 
GLU CG  CD   sing N N 113 
GLU CG  HG2  sing N N 114 
GLU CG  HG3  sing N N 115 
GLU CD  OE1  doub N N 116 
GLU CD  OE2  sing N N 117 
GLU OE2 HE2  sing N N 118 
GLU OXT HXT  sing N N 119 
GLY N   CA   sing N N 120 
GLY N   H    sing N N 121 
GLY N   H2   sing N N 122 
GLY CA  C    sing N N 123 
GLY CA  HA2  sing N N 124 
GLY CA  HA3  sing N N 125 
GLY C   O    doub N N 126 
GLY C   OXT  sing N N 127 
GLY OXT HXT  sing N N 128 
HIS N   CA   sing N N 129 
HIS N   H    sing N N 130 
HIS N   H2   sing N N 131 
HIS CA  C    sing N N 132 
HIS CA  CB   sing N N 133 
HIS CA  HA   sing N N 134 
HIS C   O    doub N N 135 
HIS C   OXT  sing N N 136 
HIS CB  CG   sing N N 137 
HIS CB  HB2  sing N N 138 
HIS CB  HB3  sing N N 139 
HIS CG  ND1  sing Y N 140 
HIS CG  CD2  doub Y N 141 
HIS ND1 CE1  doub Y N 142 
HIS ND1 HD1  sing N N 143 
HIS CD2 NE2  sing Y N 144 
HIS CD2 HD2  sing N N 145 
HIS CE1 NE2  sing Y N 146 
HIS CE1 HE1  sing N N 147 
HIS NE2 HE2  sing N N 148 
HIS OXT HXT  sing N N 149 
HOH O   H1   sing N N 150 
HOH O   H2   sing N N 151 
ILE N   CA   sing N N 152 
ILE N   H    sing N N 153 
ILE N   H2   sing N N 154 
ILE CA  C    sing N N 155 
ILE CA  CB   sing N N 156 
ILE CA  HA   sing N N 157 
ILE C   O    doub N N 158 
ILE C   OXT  sing N N 159 
ILE CB  CG1  sing N N 160 
ILE CB  CG2  sing N N 161 
ILE CB  HB   sing N N 162 
ILE CG1 CD1  sing N N 163 
ILE CG1 HG12 sing N N 164 
ILE CG1 HG13 sing N N 165 
ILE CG2 HG21 sing N N 166 
ILE CG2 HG22 sing N N 167 
ILE CG2 HG23 sing N N 168 
ILE CD1 HD11 sing N N 169 
ILE CD1 HD12 sing N N 170 
ILE CD1 HD13 sing N N 171 
ILE OXT HXT  sing N N 172 
LEU N   CA   sing N N 173 
LEU N   H    sing N N 174 
LEU N   H2   sing N N 175 
LEU CA  C    sing N N 176 
LEU CA  CB   sing N N 177 
LEU CA  HA   sing N N 178 
LEU C   O    doub N N 179 
LEU C   OXT  sing N N 180 
LEU CB  CG   sing N N 181 
LEU CB  HB2  sing N N 182 
LEU CB  HB3  sing N N 183 
LEU CG  CD1  sing N N 184 
LEU CG  CD2  sing N N 185 
LEU CG  HG   sing N N 186 
LEU CD1 HD11 sing N N 187 
LEU CD1 HD12 sing N N 188 
LEU CD1 HD13 sing N N 189 
LEU CD2 HD21 sing N N 190 
LEU CD2 HD22 sing N N 191 
LEU CD2 HD23 sing N N 192 
LEU OXT HXT  sing N N 193 
LYS N   CA   sing N N 194 
LYS N   H    sing N N 195 
LYS N   H2   sing N N 196 
LYS CA  C    sing N N 197 
LYS CA  CB   sing N N 198 
LYS CA  HA   sing N N 199 
LYS C   O    doub N N 200 
LYS C   OXT  sing N N 201 
LYS CB  CG   sing N N 202 
LYS CB  HB2  sing N N 203 
LYS CB  HB3  sing N N 204 
LYS CG  CD   sing N N 205 
LYS CG  HG2  sing N N 206 
LYS CG  HG3  sing N N 207 
LYS CD  CE   sing N N 208 
LYS CD  HD2  sing N N 209 
LYS CD  HD3  sing N N 210 
LYS CE  NZ   sing N N 211 
LYS CE  HE2  sing N N 212 
LYS CE  HE3  sing N N 213 
LYS NZ  HZ1  sing N N 214 
LYS NZ  HZ2  sing N N 215 
LYS NZ  HZ3  sing N N 216 
LYS OXT HXT  sing N N 217 
MET N   CA   sing N N 218 
MET N   H    sing N N 219 
MET N   H2   sing N N 220 
MET CA  C    sing N N 221 
MET CA  CB   sing N N 222 
MET CA  HA   sing N N 223 
MET C   O    doub N N 224 
MET C   OXT  sing N N 225 
MET CB  CG   sing N N 226 
MET CB  HB2  sing N N 227 
MET CB  HB3  sing N N 228 
MET CG  SD   sing N N 229 
MET CG  HG2  sing N N 230 
MET CG  HG3  sing N N 231 
MET SD  CE   sing N N 232 
MET CE  HE1  sing N N 233 
MET CE  HE2  sing N N 234 
MET CE  HE3  sing N N 235 
MET OXT HXT  sing N N 236 
PHE N   CA   sing N N 237 
PHE N   H    sing N N 238 
PHE N   H2   sing N N 239 
PHE CA  C    sing N N 240 
PHE CA  CB   sing N N 241 
PHE CA  HA   sing N N 242 
PHE C   O    doub N N 243 
PHE C   OXT  sing N N 244 
PHE CB  CG   sing N N 245 
PHE CB  HB2  sing N N 246 
PHE CB  HB3  sing N N 247 
PHE CG  CD1  doub Y N 248 
PHE CG  CD2  sing Y N 249 
PHE CD1 CE1  sing Y N 250 
PHE CD1 HD1  sing N N 251 
PHE CD2 CE2  doub Y N 252 
PHE CD2 HD2  sing N N 253 
PHE CE1 CZ   doub Y N 254 
PHE CE1 HE1  sing N N 255 
PHE CE2 CZ   sing Y N 256 
PHE CE2 HE2  sing N N 257 
PHE CZ  HZ   sing N N 258 
PHE OXT HXT  sing N N 259 
PRO N   CA   sing N N 260 
PRO N   CD   sing N N 261 
PRO N   H    sing N N 262 
PRO CA  C    sing N N 263 
PRO CA  CB   sing N N 264 
PRO CA  HA   sing N N 265 
PRO C   O    doub N N 266 
PRO C   OXT  sing N N 267 
PRO CB  CG   sing N N 268 
PRO CB  HB2  sing N N 269 
PRO CB  HB3  sing N N 270 
PRO CG  CD   sing N N 271 
PRO CG  HG2  sing N N 272 
PRO CG  HG3  sing N N 273 
PRO CD  HD2  sing N N 274 
PRO CD  HD3  sing N N 275 
PRO OXT HXT  sing N N 276 
SER N   CA   sing N N 277 
SER N   H    sing N N 278 
SER N   H2   sing N N 279 
SER CA  C    sing N N 280 
SER CA  CB   sing N N 281 
SER CA  HA   sing N N 282 
SER C   O    doub N N 283 
SER C   OXT  sing N N 284 
SER CB  OG   sing N N 285 
SER CB  HB2  sing N N 286 
SER CB  HB3  sing N N 287 
SER OG  HG   sing N N 288 
SER OXT HXT  sing N N 289 
THR N   CA   sing N N 290 
THR N   H    sing N N 291 
THR N   H2   sing N N 292 
THR CA  C    sing N N 293 
THR CA  CB   sing N N 294 
THR CA  HA   sing N N 295 
THR C   O    doub N N 296 
THR C   OXT  sing N N 297 
THR CB  OG1  sing N N 298 
THR CB  CG2  sing N N 299 
THR CB  HB   sing N N 300 
THR OG1 HG1  sing N N 301 
THR CG2 HG21 sing N N 302 
THR CG2 HG22 sing N N 303 
THR CG2 HG23 sing N N 304 
THR OXT HXT  sing N N 305 
TYR N   CA   sing N N 306 
TYR N   H    sing N N 307 
TYR N   H2   sing N N 308 
TYR CA  C    sing N N 309 
TYR CA  CB   sing N N 310 
TYR CA  HA   sing N N 311 
TYR C   O    doub N N 312 
TYR C   OXT  sing N N 313 
TYR CB  CG   sing N N 314 
TYR CB  HB2  sing N N 315 
TYR CB  HB3  sing N N 316 
TYR CG  CD1  doub Y N 317 
TYR CG  CD2  sing Y N 318 
TYR CD1 CE1  sing Y N 319 
TYR CD1 HD1  sing N N 320 
TYR CD2 CE2  doub Y N 321 
TYR CD2 HD2  sing N N 322 
TYR CE1 CZ   doub Y N 323 
TYR CE1 HE1  sing N N 324 
TYR CE2 CZ   sing Y N 325 
TYR CE2 HE2  sing N N 326 
TYR CZ  OH   sing N N 327 
TYR OH  HH   sing N N 328 
TYR OXT HXT  sing N N 329 
VAL N   CA   sing N N 330 
VAL N   H    sing N N 331 
VAL N   H2   sing N N 332 
VAL CA  C    sing N N 333 
VAL CA  CB   sing N N 334 
VAL CA  HA   sing N N 335 
VAL C   O    doub N N 336 
VAL C   OXT  sing N N 337 
VAL CB  CG1  sing N N 338 
VAL CB  CG2  sing N N 339 
VAL CB  HB   sing N N 340 
VAL CG1 HG11 sing N N 341 
VAL CG1 HG12 sing N N 342 
VAL CG1 HG13 sing N N 343 
VAL CG2 HG21 sing N N 344 
VAL CG2 HG22 sing N N 345 
VAL CG2 HG23 sing N N 346 
VAL OXT HXT  sing N N 347 
# 
loop_
_pdbx_entity_nonpoly.entity_id 
_pdbx_entity_nonpoly.name 
_pdbx_entity_nonpoly.comp_id 
2 'MAGNESIUM ION' MG  
3 water           HOH 
# 
_pdbx_initial_refinement_model.id               1 
_pdbx_initial_refinement_model.entity_id_list   ? 
_pdbx_initial_refinement_model.type             'experimental model' 
_pdbx_initial_refinement_model.source_name      PDB 
_pdbx_initial_refinement_model.accession_code   1STO 
_pdbx_initial_refinement_model.details          'PDB ENTRY 1STO' 
# 
